data_4JLW
#
_entry.id   4JLW
#
_cell.length_a   89.226
_cell.length_b   98.305
_cell.length_c   99.623
_cell.angle_alpha   90.00
_cell.angle_beta   91.29
_cell.angle_gamma   90.00
#
_symmetry.space_group_name_H-M   'P 1 21 1'
#
loop_
_entity.id
_entity.type
_entity.pdbx_description
1 polymer 'Glutathione-independent formaldehyde dehydrogenase'
2 non-polymer 'ZINC ION'
3 non-polymer NICOTINAMIDE-ADENINE-DINUCLEOTIDE
4 non-polymer 'SULFATE ION'
5 water water
#
_entity_poly.entity_id   1
_entity_poly.type   'polypeptide(L)'
_entity_poly.pdbx_seq_one_letter_code
;MSGNRGVVYLGPGKVEVQNIPYPKMQDPQGRQIDHGVILRVVSTNICGSDQHMVRGRTTAPEGLVLGHEITGEVVEIGRG
VETMKIGDLVSVPFNVACGHCRTCKEQHTGVCLTVNPARAGGAYGYVDMGGWVGGQAEYVLVPYADFNLLKLPNREAAME
KIRDLTCLSDILPTGYHGAVTAGVGPGSTVYIAGAGPVGLAAAASARLLGAAVVIVGDVNPTRLAHAKKQGFEIADLSKD
TPLHEQIAALLGEPEVDCAVDAVGFEARGHGHSGSQQEAPATVLNSLMGITRVAGKIGIPGLYVTEDPGAVDAAAKHGAL
SIRFGLGWAKSHSFHTGQTPVMKYNRQLMQAIMWDRIKIADIVGVEVITLDDAPKGYGEFDAGVPKKFVIDPHNLFRAA
;
_entity_poly.pdbx_strand_id   A,B,C,D
#
loop_
_chem_comp.id
_chem_comp.type
_chem_comp.name
_chem_comp.formula
NAD non-polymer NICOTINAMIDE-ADENINE-DINUCLEOTIDE 'C21 H27 N7 O14 P2'
SO4 non-polymer 'SULFATE ION' 'O4 S -2'
ZN non-polymer 'ZINC ION' 'Zn 2'
#
# COMPACT_ATOMS: atom_id res chain seq x y z
N GLY A 3 -2.96 43.21 24.86
CA GLY A 3 -1.69 42.50 25.19
C GLY A 3 -1.34 41.39 24.22
N ASN A 4 -0.94 41.77 23.02
CA ASN A 4 -0.51 40.82 22.02
C ASN A 4 0.06 41.57 20.85
N ARG A 5 1.06 41.01 20.21
CA ARG A 5 1.60 41.63 19.02
C ARG A 5 2.20 40.53 18.16
N GLY A 6 2.48 40.86 16.90
CA GLY A 6 3.17 39.92 16.01
C GLY A 6 3.55 40.56 14.69
N VAL A 7 3.97 39.70 13.77
CA VAL A 7 4.50 40.08 12.49
C VAL A 7 3.36 40.27 11.49
N VAL A 8 3.32 41.46 10.91
CA VAL A 8 2.26 41.86 10.01
C VAL A 8 2.86 42.17 8.66
N TYR A 9 2.17 41.73 7.62
CA TYR A 9 2.65 41.95 6.26
C TYR A 9 2.08 43.26 5.78
N LEU A 10 2.90 44.12 5.19
CA LEU A 10 2.41 45.45 4.76
C LEU A 10 2.49 45.74 3.28
N GLY A 11 2.74 44.72 2.48
CA GLY A 11 2.99 44.93 1.08
C GLY A 11 4.40 44.53 0.72
N PRO A 12 4.67 44.43 -0.59
CA PRO A 12 5.85 43.75 -1.08
C PRO A 12 7.14 44.15 -0.39
N GLY A 13 7.85 43.16 0.14
CA GLY A 13 9.15 43.36 0.75
C GLY A 13 9.12 43.94 2.15
N LYS A 14 7.94 44.19 2.68
CA LYS A 14 7.81 44.88 3.97
C LYS A 14 7.04 44.13 5.07
N VAL A 15 7.72 43.85 6.17
CA VAL A 15 6.99 43.36 7.34
C VAL A 15 7.30 44.24 8.55
N GLU A 16 6.34 44.39 9.46
CA GLU A 16 6.68 44.87 10.80
C GLU A 16 5.88 44.28 11.96
N VAL A 17 6.51 44.28 13.13
CA VAL A 17 5.86 43.95 14.37
C VAL A 17 4.83 45.02 14.75
N GLN A 18 3.56 44.63 14.90
CA GLN A 18 2.51 45.55 15.41
C GLN A 18 1.77 44.99 16.61
N ASN A 19 1.03 45.86 17.30
CA ASN A 19 0.13 45.38 18.34
C ASN A 19 -1.06 44.80 17.61
N ILE A 20 -1.54 43.66 18.09
CA ILE A 20 -2.67 42.96 17.49
C ILE A 20 -3.62 42.50 18.60
N PRO A 21 -4.91 42.26 18.26
CA PRO A 21 -5.79 41.84 19.36
C PRO A 21 -5.36 40.50 20.01
N TYR A 22 -5.55 40.40 21.33
CA TYR A 22 -5.48 39.11 22.00
C TYR A 22 -6.45 38.12 21.33
N PRO A 23 -6.10 36.83 21.32
CA PRO A 23 -7.00 35.87 20.68
C PRO A 23 -8.30 35.70 21.44
N LYS A 24 -9.37 35.56 20.66
CA LYS A 24 -10.73 35.34 21.10
C LYS A 24 -11.15 33.90 20.75
N MET A 25 -12.07 33.31 21.53
CA MET A 25 -12.51 31.93 21.27
C MET A 25 -13.58 31.90 20.19
N GLN A 26 -13.23 32.41 19.03
CA GLN A 26 -14.13 32.37 17.91
C GLN A 26 -13.39 32.07 16.60
N ASP A 27 -14.13 31.68 15.56
CA ASP A 27 -13.51 31.39 14.26
C ASP A 27 -13.38 32.69 13.46
N PRO A 28 -12.85 32.63 12.21
CA PRO A 28 -12.66 33.87 11.45
C PRO A 28 -13.97 34.55 11.04
N GLN A 29 -15.09 33.86 11.18
CA GLN A 29 -16.39 34.46 10.92
C GLN A 29 -16.99 35.11 12.16
N GLY A 30 -16.23 35.09 13.26
CA GLY A 30 -16.69 35.63 14.52
C GLY A 30 -17.64 34.75 15.33
N ARG A 31 -17.85 33.49 14.93
CA ARG A 31 -18.69 32.55 15.73
C ARG A 31 -17.90 32.01 16.90
N GLN A 32 -18.57 31.88 18.04
CA GLN A 32 -18.00 31.24 19.22
C GLN A 32 -17.67 29.79 18.96
N ILE A 33 -16.51 29.37 19.46
CA ILE A 33 -16.13 27.98 19.42
C ILE A 33 -15.77 27.51 20.82
N ASP A 34 -16.12 26.26 21.12
CA ASP A 34 -15.81 25.64 22.41
C ASP A 34 -14.60 24.71 22.36
N HIS A 35 -14.09 24.43 21.15
CA HIS A 35 -13.07 23.41 20.92
C HIS A 35 -11.66 23.92 20.83
N GLY A 36 -11.44 25.21 20.98
CA GLY A 36 -10.08 25.78 20.77
C GLY A 36 -9.28 25.95 22.06
N VAL A 37 -7.98 26.19 21.95
CA VAL A 37 -7.17 26.63 23.11
C VAL A 37 -6.36 27.86 22.71
N ILE A 38 -5.90 28.62 23.70
CA ILE A 38 -5.11 29.79 23.41
C ILE A 38 -3.74 29.49 23.97
N LEU A 39 -2.72 29.75 23.16
CA LEU A 39 -1.36 29.46 23.53
C LEU A 39 -0.54 30.72 23.77
N ARG A 40 0.30 30.67 24.79
CA ARG A 40 1.42 31.56 24.87
C ARG A 40 2.46 30.91 23.96
N VAL A 41 2.87 31.64 22.93
CA VAL A 41 3.81 31.12 21.96
C VAL A 41 5.22 30.99 22.54
N VAL A 42 5.76 29.75 22.51
CA VAL A 42 7.12 29.43 22.97
C VAL A 42 8.15 29.66 21.86
N SER A 43 7.91 29.05 20.70
CA SER A 43 8.74 29.25 19.52
C SER A 43 7.87 29.29 18.29
N THR A 44 8.27 30.15 17.35
CA THR A 44 7.49 30.34 16.13
C THR A 44 8.43 30.67 14.96
N ASN A 45 8.36 29.88 13.89
CA ASN A 45 9.40 29.95 12.86
C ASN A 45 9.01 30.79 11.64
N ILE A 46 10.04 31.14 10.87
CA ILE A 46 9.86 31.78 9.59
C ILE A 46 10.03 30.78 8.44
N CYS A 47 9.07 30.76 7.53
CA CYS A 47 9.06 29.77 6.47
C CYS A 47 9.30 30.35 5.07
N GLY A 48 9.90 29.57 4.17
CA GLY A 48 9.88 29.91 2.74
C GLY A 48 8.49 30.25 2.22
N SER A 49 7.45 29.65 2.78
CA SER A 49 6.09 29.96 2.38
C SER A 49 5.76 31.40 2.73
N ASP A 50 6.21 31.81 3.90
CA ASP A 50 6.04 33.17 4.37
C ASP A 50 6.74 34.13 3.40
N GLN A 51 7.95 33.74 2.98
CA GLN A 51 8.78 34.53 2.05
C GLN A 51 8.12 34.73 0.70
N HIS A 52 7.42 33.72 0.21
CA HIS A 52 6.62 33.90 -1.01
C HIS A 52 5.65 35.04 -0.86
N MET A 53 4.97 35.07 0.27
CA MET A 53 4.00 36.11 0.50
C MET A 53 4.66 37.47 0.69
N VAL A 54 5.73 37.52 1.45
CA VAL A 54 6.38 38.81 1.68
C VAL A 54 6.93 39.41 0.39
N ARG A 55 7.45 38.57 -0.49
CA ARG A 55 7.97 39.03 -1.76
C ARG A 55 6.88 39.55 -2.69
N GLY A 56 5.62 39.39 -2.29
CA GLY A 56 4.49 39.85 -3.08
C GLY A 56 4.11 38.90 -4.18
N ARG A 57 4.47 37.63 -4.01
CA ARG A 57 4.28 36.61 -5.07
C ARG A 57 2.99 35.81 -4.95
N THR A 58 2.09 36.31 -4.09
CA THR A 58 0.82 35.65 -3.80
C THR A 58 -0.28 36.68 -3.84
N THR A 59 -1.51 36.24 -3.60
CA THR A 59 -2.62 37.20 -3.53
C THR A 59 -2.93 37.58 -2.07
N ALA A 60 -1.94 37.40 -1.19
CA ALA A 60 -2.07 37.77 0.24
C ALA A 60 -2.37 39.24 0.47
N PRO A 61 -3.33 39.53 1.36
CA PRO A 61 -3.72 40.89 1.70
C PRO A 61 -2.74 41.63 2.62
N GLU A 62 -2.63 42.95 2.44
CA GLU A 62 -1.99 43.82 3.41
C GLU A 62 -2.62 43.58 4.76
N GLY A 63 -1.80 43.61 5.80
CA GLY A 63 -2.28 43.52 7.17
C GLY A 63 -2.30 42.12 7.74
N LEU A 64 -2.07 41.12 6.89
CA LEU A 64 -2.05 39.70 7.27
C LEU A 64 -1.07 39.45 8.39
N VAL A 65 -1.53 38.86 9.47
CA VAL A 65 -0.62 38.46 10.53
C VAL A 65 0.02 37.15 10.13
N LEU A 66 1.36 37.08 10.20
CA LEU A 66 2.12 35.93 9.66
C LEU A 66 2.46 34.85 10.65
N GLY A 67 2.79 33.69 10.12
CA GLY A 67 3.34 32.61 10.92
C GLY A 67 2.44 31.43 11.08
N HIS A 68 2.93 30.27 10.66
CA HIS A 68 2.13 29.09 10.78
C HIS A 68 2.87 27.96 11.45
N GLU A 69 3.98 28.29 12.08
CA GLU A 69 4.90 27.30 12.62
C GLU A 69 5.08 27.50 14.11
N ILE A 70 4.07 27.10 14.88
CA ILE A 70 3.97 27.44 16.28
C ILE A 70 4.20 26.26 17.24
N THR A 71 4.96 26.52 18.29
CA THR A 71 5.01 25.66 19.48
C THR A 71 4.64 26.55 20.66
N GLY A 72 3.83 26.03 21.60
CA GLY A 72 3.29 26.87 22.66
C GLY A 72 2.78 26.18 23.91
N GLU A 73 2.37 26.96 24.90
CA GLU A 73 1.79 26.43 26.14
C GLU A 73 0.39 26.90 26.33
N VAL A 74 -0.47 25.98 26.76
CA VAL A 74 -1.89 26.24 26.84
C VAL A 74 -2.11 27.13 28.04
N VAL A 75 -2.73 28.28 27.79
CA VAL A 75 -3.02 29.19 28.91
C VAL A 75 -4.51 29.32 29.16
N GLU A 76 -5.29 28.93 28.14
CA GLU A 76 -6.74 28.94 28.19
C GLU A 76 -7.34 27.87 27.30
N ILE A 77 -8.32 27.13 27.83
CA ILE A 77 -8.99 26.07 27.05
C ILE A 77 -10.48 26.31 26.89
N GLY A 78 -11.02 25.98 25.73
CA GLY A 78 -12.46 26.13 25.49
C GLY A 78 -13.26 25.11 26.29
N ARG A 79 -14.55 25.34 26.41
CA ARG A 79 -15.26 24.51 27.35
C ARG A 79 -15.51 23.09 26.89
N GLY A 80 -15.20 22.77 25.64
CA GLY A 80 -15.42 21.42 25.15
C GLY A 80 -14.14 20.63 24.91
N VAL A 81 -13.02 21.19 25.33
CA VAL A 81 -11.71 20.58 25.15
C VAL A 81 -11.48 19.52 26.23
N GLU A 82 -11.05 18.33 25.81
CA GLU A 82 -11.05 17.15 26.67
C GLU A 82 -9.64 16.66 27.03
N THR A 83 -8.62 17.03 26.26
CA THR A 83 -7.33 16.38 26.48
C THR A 83 -6.24 17.38 26.77
N MET A 84 -6.59 18.66 26.72
CA MET A 84 -5.64 19.74 26.98
C MET A 84 -5.91 20.37 28.33
N LYS A 85 -4.83 20.62 29.07
CA LYS A 85 -4.90 21.34 30.32
C LYS A 85 -4.00 22.56 30.27
N ILE A 86 -4.34 23.60 31.05
CA ILE A 86 -3.45 24.74 31.12
C ILE A 86 -2.04 24.24 31.50
N GLY A 87 -1.02 24.90 30.94
CA GLY A 87 0.37 24.52 31.18
C GLY A 87 0.91 23.49 30.18
N ASP A 88 0.03 22.80 29.47
CA ASP A 88 0.44 21.77 28.51
C ASP A 88 1.30 22.43 27.42
N LEU A 89 2.38 21.75 27.08
CA LEU A 89 3.31 22.27 26.09
C LEU A 89 3.08 21.50 24.80
N VAL A 90 2.82 22.20 23.70
CA VAL A 90 2.30 21.52 22.50
C VAL A 90 2.98 21.96 21.21
N SER A 91 3.09 21.02 20.26
CA SER A 91 3.40 21.32 18.85
C SER A 91 2.10 21.59 18.09
N VAL A 92 2.08 22.66 17.30
CA VAL A 92 0.91 22.96 16.47
C VAL A 92 1.23 22.60 15.04
N PRO A 93 0.51 21.64 14.46
CA PRO A 93 0.68 21.45 13.03
C PRO A 93 0.20 22.70 12.30
N PHE A 94 0.88 23.08 11.23
CA PHE A 94 0.40 24.24 10.45
C PHE A 94 -0.99 24.11 9.79
N ASN A 95 -1.44 22.91 9.47
CA ASN A 95 -2.80 22.76 8.96
C ASN A 95 -3.80 23.02 10.05
N VAL A 96 -4.76 23.88 9.74
CA VAL A 96 -5.97 23.98 10.52
C VAL A 96 -6.87 22.87 9.95
N ALA A 97 -7.34 21.97 10.81
CA ALA A 97 -8.12 20.81 10.40
C ALA A 97 -9.22 20.54 11.42
N CYS A 98 -10.40 20.16 10.93
CA CYS A 98 -11.59 20.03 11.75
C CYS A 98 -11.72 18.69 12.47
N GLY A 99 -11.21 17.62 11.86
CA GLY A 99 -11.25 16.34 12.49
C GLY A 99 -12.57 15.61 12.31
N HIS A 100 -13.49 16.18 11.54
CA HIS A 100 -14.76 15.47 11.32
C HIS A 100 -15.28 15.39 9.90
N CYS A 101 -14.60 16.06 8.99
CA CYS A 101 -14.92 15.95 7.57
C CYS A 101 -14.22 14.78 6.90
N ARG A 102 -14.64 14.51 5.66
CA ARG A 102 -14.16 13.40 4.87
C ARG A 102 -12.62 13.37 4.77
N THR A 103 -11.99 14.47 4.42
CA THR A 103 -10.54 14.44 4.29
C THR A 103 -9.80 14.32 5.63
N CYS A 104 -10.32 14.95 6.69
CA CYS A 104 -9.69 14.91 7.98
C CYS A 104 -9.66 13.44 8.48
N LYS A 105 -10.76 12.74 8.29
CA LYS A 105 -10.88 11.40 8.80
C LYS A 105 -9.93 10.45 8.05
N GLU A 106 -9.65 10.77 6.78
CA GLU A 106 -8.80 9.91 5.94
C GLU A 106 -7.32 10.33 6.03
N GLN A 107 -7.01 11.14 7.03
CA GLN A 107 -5.65 11.61 7.28
C GLN A 107 -5.18 12.62 6.25
N HIS A 108 -6.08 13.10 5.39
CA HIS A 108 -5.70 14.14 4.46
C HIS A 108 -5.93 15.50 5.09
N THR A 109 -5.27 15.76 6.22
CA THR A 109 -5.59 16.94 7.03
C THR A 109 -5.02 18.23 6.45
N GLY A 110 -4.35 18.11 5.31
CA GLY A 110 -3.85 19.29 4.63
C GLY A 110 -4.94 19.94 3.84
N VAL A 111 -6.02 19.21 3.60
CA VAL A 111 -7.10 19.70 2.72
C VAL A 111 -8.44 19.54 3.40
N CYS A 112 -8.52 19.96 4.66
CA CYS A 112 -9.76 19.98 5.40
C CYS A 112 -10.87 20.68 4.63
N LEU A 113 -12.07 20.09 4.64
CA LEU A 113 -13.18 20.60 3.85
C LEU A 113 -14.06 21.62 4.55
N THR A 114 -13.80 21.93 5.81
CA THR A 114 -14.74 22.78 6.53
C THR A 114 -14.17 24.08 7.04
N VAL A 115 -12.88 24.18 7.25
CA VAL A 115 -12.31 25.32 7.95
C VAL A 115 -12.06 26.58 7.10
N ASN A 116 -12.34 26.50 5.79
CA ASN A 116 -12.01 27.53 4.82
C ASN A 116 -13.09 27.70 3.74
N PRO A 117 -13.76 28.86 3.72
CA PRO A 117 -14.89 29.06 2.80
C PRO A 117 -14.48 29.12 1.36
N ALA A 118 -13.23 29.48 1.10
CA ALA A 118 -12.75 29.68 -0.25
C ALA A 118 -12.43 28.37 -0.96
N ARG A 119 -11.85 27.41 -0.26
CA ARG A 119 -11.36 26.16 -0.87
C ARG A 119 -11.08 25.16 0.25
N ALA A 120 -10.83 23.91 -0.11
CA ALA A 120 -10.36 22.94 0.89
C ALA A 120 -8.93 23.27 1.32
N GLY A 121 -8.63 23.00 2.60
CA GLY A 121 -7.33 23.29 3.21
C GLY A 121 -7.37 24.57 4.04
N GLY A 122 -6.82 24.49 5.25
CA GLY A 122 -6.61 25.64 6.15
C GLY A 122 -5.20 25.68 6.74
N ALA A 123 -4.76 26.87 7.12
CA ALA A 123 -3.46 27.07 7.78
C ALA A 123 -3.50 28.45 8.45
N TYR A 124 -2.55 28.73 9.33
CA TYR A 124 -2.53 30.02 10.03
C TYR A 124 -1.79 31.07 9.22
N GLY A 125 -2.30 32.31 9.21
CA GLY A 125 -1.66 33.45 8.51
C GLY A 125 -1.08 33.15 7.15
N TYR A 126 -1.90 32.54 6.29
CA TYR A 126 -1.43 31.99 5.02
C TYR A 126 -2.50 32.29 4.00
N VAL A 127 -2.06 32.66 2.79
CA VAL A 127 -2.99 33.11 1.71
C VAL A 127 -3.98 32.03 1.32
N ASP A 128 -5.25 32.40 1.24
CA ASP A 128 -6.35 31.48 0.88
C ASP A 128 -6.55 30.32 1.84
N MET A 129 -6.14 30.49 3.08
CA MET A 129 -6.14 29.37 4.00
C MET A 129 -7.15 29.50 5.15
N GLY A 130 -8.19 30.30 4.92
CA GLY A 130 -9.36 30.37 5.80
C GLY A 130 -9.43 31.54 6.76
N GLY A 131 -8.43 32.41 6.71
CA GLY A 131 -8.42 33.61 7.54
C GLY A 131 -8.15 33.35 9.01
N TRP A 132 -7.56 32.19 9.31
CA TRP A 132 -7.05 31.90 10.65
C TRP A 132 -5.85 32.75 10.88
N VAL A 133 -5.86 33.47 11.99
CA VAL A 133 -4.81 34.44 12.37
C VAL A 133 -3.43 33.75 12.57
N GLY A 134 -2.38 34.38 12.05
CA GLY A 134 -1.02 33.86 12.10
C GLY A 134 -0.41 33.82 13.47
N GLY A 135 0.68 33.08 13.62
CA GLY A 135 1.27 32.84 14.94
C GLY A 135 2.73 33.23 15.17
N GLN A 136 3.29 34.11 14.34
CA GLN A 136 4.54 34.78 14.73
C GLN A 136 4.08 35.93 15.60
N ALA A 137 3.69 35.58 16.82
CA ALA A 137 2.99 36.46 17.74
C ALA A 137 3.18 35.98 19.18
N GLU A 138 2.74 36.74 20.18
CA GLU A 138 2.93 36.35 21.59
C GLU A 138 1.89 35.34 22.05
N TYR A 139 0.70 35.44 21.46
CA TYR A 139 -0.40 34.55 21.80
C TYR A 139 -1.11 34.15 20.55
N VAL A 140 -1.68 32.94 20.52
CA VAL A 140 -2.41 32.52 19.32
C VAL A 140 -3.53 31.56 19.65
N LEU A 141 -4.60 31.61 18.85
CA LEU A 141 -5.68 30.61 18.89
C LEU A 141 -5.36 29.37 18.06
N VAL A 142 -5.58 28.19 18.62
CA VAL A 142 -5.60 26.94 17.87
C VAL A 142 -7.00 26.32 18.01
N PRO A 143 -7.77 26.28 16.91
CA PRO A 143 -9.09 25.63 16.96
C PRO A 143 -8.93 24.12 16.83
N TYR A 144 -9.97 23.38 17.23
CA TYR A 144 -9.98 21.92 17.16
C TYR A 144 -8.77 21.34 17.89
N ALA A 145 -8.54 21.86 19.09
CA ALA A 145 -7.33 21.54 19.84
C ALA A 145 -7.12 20.05 20.11
N ASP A 146 -8.17 19.35 20.52
CA ASP A 146 -8.07 17.90 20.77
C ASP A 146 -7.61 17.13 19.52
N PHE A 147 -8.08 17.56 18.34
CA PHE A 147 -7.68 16.90 17.09
C PHE A 147 -6.29 17.30 16.64
N ASN A 148 -5.98 18.60 16.68
CA ASN A 148 -4.76 19.07 16.08
C ASN A 148 -3.52 19.03 16.92
N LEU A 149 -3.60 19.16 18.22
CA LEU A 149 -2.38 19.42 18.98
C LEU A 149 -1.55 18.16 19.25
N LEU A 150 -0.23 18.28 19.17
CA LEU A 150 0.66 17.21 19.60
C LEU A 150 1.31 17.55 20.94
N LYS A 151 0.97 16.78 21.97
CA LYS A 151 1.54 16.97 23.31
C LYS A 151 3.03 16.64 23.37
N LEU A 152 3.79 17.51 24.00
CA LEU A 152 5.19 17.25 24.27
C LEU A 152 5.30 16.88 25.76
N PRO A 153 6.41 16.20 26.12
CA PRO A 153 6.58 15.50 27.40
C PRO A 153 7.02 16.43 28.50
N ASN A 154 7.50 15.88 29.62
CA ASN A 154 7.80 16.73 30.75
C ASN A 154 8.38 18.01 30.17
N ARG A 155 7.81 19.12 30.59
CA ARG A 155 8.27 20.35 30.01
C ARG A 155 9.80 20.39 29.95
N GLU A 156 10.48 19.88 30.98
CA GLU A 156 11.94 20.01 31.06
C GLU A 156 12.69 19.35 29.91
N ALA A 157 12.35 18.09 29.64
CA ALA A 157 12.98 17.36 28.55
C ALA A 157 12.66 18.02 27.21
N ALA A 158 11.43 18.54 27.09
CA ALA A 158 10.96 19.19 25.87
C ALA A 158 11.74 20.49 25.55
N MET A 159 11.83 21.39 26.51
CA MET A 159 12.56 22.63 26.30
C MET A 159 14.04 22.43 26.03
N GLU A 160 14.64 21.42 26.62
CA GLU A 160 16.04 21.16 26.32
C GLU A 160 16.24 20.81 24.83
N LYS A 161 15.19 20.30 24.19
CA LYS A 161 15.25 19.94 22.75
C LYS A 161 14.40 20.84 21.89
N ILE A 162 14.10 22.04 22.40
CA ILE A 162 13.11 22.93 21.76
C ILE A 162 13.52 23.33 20.35
N ARG A 163 14.82 23.50 20.12
CA ARG A 163 15.32 23.84 18.79
C ARG A 163 14.98 22.74 17.75
N ASP A 164 15.02 21.49 18.17
CA ASP A 164 14.57 20.40 17.31
C ASP A 164 13.02 20.36 17.18
N LEU A 165 12.37 20.46 18.33
CA LEU A 165 10.95 20.23 18.45
C LEU A 165 10.14 21.23 17.70
N THR A 166 10.67 22.43 17.54
CA THR A 166 9.98 23.49 16.86
C THR A 166 9.85 23.22 15.37
N CYS A 167 10.59 22.22 14.89
CA CYS A 167 10.53 21.85 13.48
C CYS A 167 9.35 20.93 13.14
N LEU A 168 8.64 20.47 14.17
CA LEU A 168 7.59 19.50 13.95
C LEU A 168 6.30 20.13 13.45
N SER A 169 6.23 21.45 13.56
CA SER A 169 5.04 22.20 13.19
C SER A 169 4.81 22.23 11.69
N ASP A 170 5.91 22.31 10.96
CA ASP A 170 5.87 22.45 9.54
C ASP A 170 7.01 21.69 8.87
N ILE A 171 8.26 22.13 9.00
CA ILE A 171 9.27 21.75 7.99
C ILE A 171 9.76 20.31 8.04
N LEU A 172 9.91 19.73 9.23
CA LEU A 172 10.35 18.35 9.29
C LEU A 172 9.29 17.40 8.69
N PRO A 173 8.02 17.48 9.14
CA PRO A 173 7.02 16.62 8.51
C PRO A 173 6.84 16.91 7.01
N THR A 174 7.01 18.16 6.57
CA THR A 174 6.98 18.50 5.16
C THR A 174 8.09 17.77 4.38
N GLY A 175 9.33 17.93 4.82
CA GLY A 175 10.49 17.24 4.23
C GLY A 175 10.28 15.73 4.21
N TYR A 176 9.69 15.23 5.30
CA TYR A 176 9.44 13.81 5.47
C TYR A 176 8.38 13.33 4.46
N HIS A 177 7.30 14.10 4.32
CA HIS A 177 6.23 13.81 3.37
C HIS A 177 6.80 13.76 1.96
N GLY A 178 7.67 14.72 1.64
CA GLY A 178 8.32 14.76 0.34
C GLY A 178 9.15 13.50 0.10
N ALA A 179 9.90 13.06 1.11
CA ALA A 179 10.73 11.89 0.95
C ALA A 179 9.91 10.58 0.89
N VAL A 180 8.93 10.39 1.77
CA VAL A 180 8.20 9.12 1.68
C VAL A 180 7.41 9.01 0.39
N THR A 181 6.79 10.10 -0.07
CA THR A 181 6.01 10.04 -1.29
C THR A 181 6.93 9.91 -2.51
N ALA A 182 8.22 10.25 -2.37
CA ALA A 182 9.23 9.94 -3.41
C ALA A 182 9.73 8.48 -3.34
N GLY A 183 9.24 7.76 -2.34
CA GLY A 183 9.51 6.33 -2.21
C GLY A 183 10.83 5.99 -1.50
N VAL A 184 11.37 6.95 -0.76
CA VAL A 184 12.68 6.83 -0.14
C VAL A 184 12.69 5.76 0.96
N GLY A 185 13.67 4.87 0.89
CA GLY A 185 13.76 3.78 1.84
C GLY A 185 15.19 3.37 2.03
N PRO A 186 15.42 2.33 2.83
CA PRO A 186 16.76 1.92 3.10
C PRO A 186 17.47 1.56 1.81
N GLY A 187 18.60 2.21 1.58
CA GLY A 187 19.39 1.93 0.38
C GLY A 187 19.01 2.76 -0.83
N SER A 188 18.00 3.63 -0.73
CA SER A 188 17.62 4.54 -1.82
C SER A 188 18.70 5.56 -2.14
N THR A 189 18.84 5.89 -3.42
CA THR A 189 19.63 7.05 -3.82
C THR A 189 18.64 8.17 -4.05
N VAL A 190 18.92 9.33 -3.51
CA VAL A 190 17.94 10.39 -3.54
C VAL A 190 18.55 11.67 -4.01
N TYR A 191 17.79 12.37 -4.84
CA TYR A 191 18.11 13.76 -5.12
C TYR A 191 17.04 14.71 -4.59
N ILE A 192 17.50 15.71 -3.84
CA ILE A 192 16.62 16.76 -3.35
C ILE A 192 16.92 18.11 -3.96
N ALA A 193 15.95 18.68 -4.69
CA ALA A 193 16.12 20.05 -5.23
C ALA A 193 15.74 21.04 -4.15
N GLY A 194 16.69 21.92 -3.81
CA GLY A 194 16.48 22.99 -2.82
C GLY A 194 17.26 22.73 -1.55
N ALA A 195 18.17 23.63 -1.17
CA ALA A 195 18.88 23.49 0.11
C ALA A 195 18.38 24.56 1.09
N GLY A 196 17.14 24.98 0.91
CA GLY A 196 16.47 25.79 1.90
C GLY A 196 16.13 24.86 3.04
N PRO A 197 15.58 25.40 4.15
CA PRO A 197 15.18 24.60 5.29
C PRO A 197 14.36 23.38 4.93
N VAL A 198 13.47 23.49 3.97
CA VAL A 198 12.59 22.34 3.64
C VAL A 198 13.41 21.25 2.98
N GLY A 199 14.25 21.66 2.03
CA GLY A 199 15.14 20.73 1.35
C GLY A 199 16.04 20.04 2.34
N LEU A 200 16.57 20.80 3.30
CA LEU A 200 17.46 20.22 4.31
C LEU A 200 16.72 19.20 5.20
N ALA A 201 15.46 19.51 5.52
CA ALA A 201 14.63 18.56 6.27
C ALA A 201 14.30 17.31 5.47
N ALA A 202 14.13 17.43 4.15
CA ALA A 202 13.95 16.26 3.32
C ALA A 202 15.23 15.42 3.32
N ALA A 203 16.36 16.11 3.24
CA ALA A 203 17.59 15.40 3.26
C ALA A 203 17.76 14.67 4.61
N ALA A 204 17.43 15.34 5.71
CA ALA A 204 17.54 14.72 7.02
C ALA A 204 16.62 13.53 7.09
N SER A 205 15.43 13.71 6.55
CA SER A 205 14.42 12.66 6.55
C SER A 205 14.95 11.48 5.78
N ALA A 206 15.54 11.74 4.62
CA ALA A 206 15.95 10.66 3.76
C ALA A 206 17.03 9.85 4.45
N ARG A 207 17.93 10.54 5.14
CA ARG A 207 18.90 9.87 6.00
C ARG A 207 18.28 9.01 7.09
N LEU A 208 17.30 9.58 7.79
CA LEU A 208 16.58 8.86 8.82
C LEU A 208 15.89 7.61 8.29
N LEU A 209 15.31 7.73 7.10
CA LEU A 209 14.64 6.66 6.41
C LEU A 209 15.61 5.59 5.92
N GLY A 210 16.92 5.81 6.08
CA GLY A 210 17.96 4.84 5.70
C GLY A 210 18.55 4.93 4.28
N ALA A 211 18.40 6.06 3.59
CA ALA A 211 18.90 6.21 2.22
C ALA A 211 20.39 5.88 2.14
N ALA A 212 20.82 5.31 1.00
CA ALA A 212 22.24 5.07 0.76
C ALA A 212 22.98 6.39 0.62
N VAL A 213 22.46 7.25 -0.24
CA VAL A 213 23.10 8.53 -0.54
C VAL A 213 22.05 9.62 -0.91
N VAL A 214 22.30 10.82 -0.42
CA VAL A 214 21.40 11.94 -0.58
C VAL A 214 22.20 13.12 -1.14
N ILE A 215 21.75 13.58 -2.30
CA ILE A 215 22.38 14.66 -3.01
C ILE A 215 21.41 15.82 -3.01
N VAL A 216 21.92 16.96 -2.58
CA VAL A 216 21.09 18.14 -2.51
C VAL A 216 21.59 19.12 -3.57
N GLY A 217 20.67 19.65 -4.36
CA GLY A 217 21.04 20.70 -5.30
C GLY A 217 20.44 22.06 -4.96
N ASP A 218 21.18 23.09 -5.35
CA ASP A 218 20.71 24.46 -5.24
C ASP A 218 21.54 25.31 -6.20
N VAL A 219 20.99 26.47 -6.55
CA VAL A 219 21.75 27.52 -7.21
C VAL A 219 22.59 28.38 -6.23
N ASN A 220 22.25 28.34 -4.94
CA ASN A 220 22.90 29.16 -3.89
C ASN A 220 24.02 28.38 -3.20
N PRO A 221 25.29 28.71 -3.52
CA PRO A 221 26.45 27.99 -3.03
C PRO A 221 26.72 28.13 -1.53
N THR A 222 26.22 29.20 -0.90
CA THR A 222 26.44 29.31 0.53
C THR A 222 25.56 28.28 1.25
N ARG A 223 24.39 27.99 0.68
CA ARG A 223 23.52 26.91 1.18
C ARG A 223 24.12 25.52 0.97
N LEU A 224 24.80 25.35 -0.15
CA LEU A 224 25.38 24.07 -0.51
C LEU A 224 26.55 23.77 0.37
N ALA A 225 27.33 24.81 0.68
CA ALA A 225 28.42 24.67 1.64
C ALA A 225 27.86 24.12 2.95
N HIS A 226 26.74 24.70 3.39
CA HIS A 226 26.07 24.22 4.58
C HIS A 226 25.56 22.79 4.46
N ALA A 227 24.97 22.44 3.33
CA ALA A 227 24.51 21.07 3.13
C ALA A 227 25.69 20.08 3.20
N LYS A 228 26.81 20.44 2.57
CA LYS A 228 28.00 19.58 2.59
C LYS A 228 28.53 19.40 4.00
N LYS A 229 28.55 20.49 4.76
CA LYS A 229 29.00 20.46 6.15
C LYS A 229 28.10 19.53 7.00
N GLN A 230 26.86 19.39 6.57
CA GLN A 230 25.95 18.50 7.25
C GLN A 230 26.04 17.06 6.76
N GLY A 231 27.04 16.77 5.92
CA GLY A 231 27.36 15.39 5.50
C GLY A 231 26.64 14.88 4.26
N PHE A 232 25.91 15.76 3.58
CA PHE A 232 25.20 15.39 2.38
C PHE A 232 26.08 15.64 1.16
N GLU A 233 25.80 14.95 0.06
CA GLU A 233 26.42 15.28 -1.22
C GLU A 233 25.73 16.51 -1.80
N ILE A 234 26.41 17.21 -2.68
CA ILE A 234 25.82 18.41 -3.30
C ILE A 234 25.92 18.47 -4.83
N ALA A 235 25.01 19.21 -5.42
CA ALA A 235 25.08 19.51 -6.83
C ALA A 235 24.90 21.01 -6.95
N ASP A 236 25.78 21.65 -7.71
CA ASP A 236 25.74 23.09 -7.87
C ASP A 236 25.12 23.44 -9.20
N LEU A 237 23.89 23.96 -9.17
CA LEU A 237 23.13 24.22 -10.38
C LEU A 237 23.45 25.57 -10.96
N SER A 238 24.30 26.33 -10.29
CA SER A 238 24.78 27.57 -10.90
C SER A 238 25.93 27.32 -11.85
N LYS A 239 26.56 26.14 -11.78
CA LYS A 239 27.60 25.76 -12.74
C LYS A 239 26.94 25.33 -14.05
N ASP A 240 27.70 25.28 -15.14
CA ASP A 240 27.15 24.86 -16.43
C ASP A 240 27.12 23.36 -16.65
N THR A 241 27.73 22.58 -15.75
CA THR A 241 27.66 21.11 -15.83
C THR A 241 26.22 20.66 -15.57
N PRO A 242 25.60 19.95 -16.54
CA PRO A 242 24.19 19.54 -16.35
C PRO A 242 24.04 18.63 -15.12
N LEU A 243 22.90 18.72 -14.45
CA LEU A 243 22.66 17.93 -13.27
C LEU A 243 22.90 16.44 -13.47
N HIS A 244 22.48 15.90 -14.62
CA HIS A 244 22.61 14.46 -14.83
C HIS A 244 24.05 14.03 -14.90
N GLU A 245 24.93 14.96 -15.25
CA GLU A 245 26.36 14.70 -15.27
C GLU A 245 26.97 14.81 -13.87
N GLN A 246 26.48 15.78 -13.10
CA GLN A 246 26.91 15.90 -11.71
C GLN A 246 26.53 14.66 -10.92
N ILE A 247 25.35 14.12 -11.21
CA ILE A 247 24.89 12.93 -10.53
C ILE A 247 25.72 11.71 -10.94
N ALA A 248 25.99 11.57 -12.23
CA ALA A 248 26.80 10.47 -12.70
C ALA A 248 28.20 10.53 -12.12
N ALA A 249 28.74 11.74 -11.90
CA ALA A 249 30.05 11.85 -11.29
C ALA A 249 30.05 11.23 -9.92
N LEU A 250 28.94 11.41 -9.21
CA LEU A 250 28.79 10.99 -7.82
C LEU A 250 28.45 9.53 -7.67
N LEU A 251 27.63 9.01 -8.58
CA LEU A 251 27.06 7.66 -8.43
C LEU A 251 27.57 6.66 -9.48
N GLY A 252 28.11 7.18 -10.57
CA GLY A 252 28.48 6.30 -11.67
C GLY A 252 27.29 5.95 -12.55
N GLU A 253 26.14 6.58 -12.31
CA GLU A 253 25.06 6.56 -13.27
C GLU A 253 24.28 7.85 -13.22
N PRO A 254 23.66 8.25 -14.34
CA PRO A 254 23.02 9.55 -14.33
C PRO A 254 21.61 9.54 -13.76
N GLU A 255 21.28 8.57 -12.92
CA GLU A 255 19.94 8.47 -12.34
C GLU A 255 19.89 8.28 -10.83
N VAL A 256 18.79 8.74 -10.22
CA VAL A 256 18.50 8.44 -8.81
C VAL A 256 17.24 7.60 -8.66
N ASP A 257 17.07 6.95 -7.50
CA ASP A 257 15.88 6.13 -7.24
C ASP A 257 14.70 7.03 -6.94
N CYS A 258 14.97 8.14 -6.24
CA CYS A 258 13.91 9.02 -5.70
C CYS A 258 14.28 10.48 -5.86
N ALA A 259 13.30 11.32 -6.16
CA ALA A 259 13.55 12.75 -6.34
C ALA A 259 12.52 13.61 -5.60
N VAL A 260 12.98 14.66 -4.95
CA VAL A 260 12.06 15.57 -4.21
C VAL A 260 12.23 17.00 -4.71
N ASP A 261 11.11 17.67 -5.02
CA ASP A 261 11.12 19.08 -5.40
C ASP A 261 10.86 19.93 -4.17
N ALA A 262 11.90 20.49 -3.60
CA ALA A 262 11.69 21.35 -2.44
C ALA A 262 11.96 22.80 -2.83
N VAL A 263 11.58 23.19 -4.04
CA VAL A 263 11.77 24.58 -4.48
C VAL A 263 10.44 25.28 -4.68
N GLY A 264 9.59 24.74 -5.55
CA GLY A 264 8.32 25.39 -5.79
C GLY A 264 8.42 26.52 -6.81
N PHE A 265 7.40 27.37 -6.85
CA PHE A 265 7.10 28.21 -8.03
C PHE A 265 8.03 29.40 -8.35
N GLU A 266 9.00 29.68 -7.47
CA GLU A 266 10.00 30.71 -7.75
C GLU A 266 11.31 30.08 -8.17
N ALA A 267 11.23 28.88 -8.73
CA ALA A 267 12.40 28.18 -9.28
C ALA A 267 13.21 29.05 -10.24
N ARG A 268 14.53 28.97 -10.06
CA ARG A 268 15.53 29.55 -10.96
C ARG A 268 15.93 28.52 -12.00
N GLY A 269 16.44 28.96 -13.15
CA GLY A 269 16.99 28.05 -14.18
C GLY A 269 18.31 27.49 -13.70
N HIS A 270 18.95 26.64 -14.51
CA HIS A 270 20.29 26.13 -14.19
C HIS A 270 21.32 26.74 -15.08
N GLY A 271 22.58 26.70 -14.66
CA GLY A 271 23.65 27.23 -15.48
C GLY A 271 24.04 28.64 -15.06
N HIS A 272 25.18 29.10 -15.56
CA HIS A 272 25.72 30.39 -15.10
C HIS A 272 24.73 31.49 -15.29
N SER A 273 24.10 31.52 -16.45
CA SER A 273 23.14 32.57 -16.72
C SER A 273 21.72 32.14 -16.37
N GLY A 274 21.36 30.90 -16.71
CA GLY A 274 20.07 30.33 -16.39
C GLY A 274 19.65 30.57 -14.95
N SER A 275 20.60 30.36 -14.01
CA SER A 275 20.32 30.41 -12.56
C SER A 275 19.99 31.79 -12.05
N GLN A 276 20.31 32.78 -12.89
CA GLN A 276 20.11 34.18 -12.57
C GLN A 276 18.76 34.64 -12.95
N GLN A 277 18.03 33.77 -13.65
CA GLN A 277 16.69 34.08 -14.12
C GLN A 277 15.70 33.12 -13.54
N GLU A 278 14.49 33.60 -13.34
CA GLU A 278 13.39 32.76 -12.89
C GLU A 278 12.86 31.93 -14.07
N ALA A 279 12.66 30.63 -13.84
CA ALA A 279 12.12 29.69 -14.82
C ALA A 279 11.36 28.61 -14.06
N PRO A 280 10.04 28.80 -13.86
CA PRO A 280 9.29 28.02 -12.87
C PRO A 280 9.08 26.54 -13.18
N ALA A 281 9.31 26.11 -14.43
CA ALA A 281 9.18 24.69 -14.79
C ALA A 281 10.47 23.89 -14.54
N THR A 282 11.55 24.59 -14.20
CA THR A 282 12.90 24.02 -14.22
C THR A 282 13.08 22.76 -13.38
N VAL A 283 12.64 22.81 -12.13
CA VAL A 283 12.86 21.69 -11.23
C VAL A 283 12.05 20.49 -11.68
N LEU A 284 10.76 20.67 -11.95
CA LEU A 284 9.91 19.55 -12.38
C LEU A 284 10.53 18.91 -13.58
N ASN A 285 10.93 19.74 -14.55
CA ASN A 285 11.56 19.22 -15.76
C ASN A 285 12.86 18.46 -15.51
N SER A 286 13.73 18.98 -14.66
CA SER A 286 14.95 18.23 -14.35
C SER A 286 14.74 17.00 -13.48
N LEU A 287 13.71 16.97 -12.66
CA LEU A 287 13.48 15.75 -11.88
C LEU A 287 13.04 14.58 -12.76
N MET A 288 12.23 14.87 -13.78
CA MET A 288 11.85 13.84 -14.75
C MET A 288 13.09 13.30 -15.50
N GLY A 289 14.09 14.18 -15.66
CA GLY A 289 15.33 13.83 -16.32
C GLY A 289 16.20 12.89 -15.53
N ILE A 290 16.20 12.99 -14.20
CA ILE A 290 17.19 12.22 -13.42
C ILE A 290 16.63 11.10 -12.58
N THR A 291 15.32 10.97 -12.55
CA THR A 291 14.73 9.93 -11.76
C THR A 291 14.57 8.72 -12.64
N ARG A 292 14.89 7.55 -12.10
CA ARG A 292 14.82 6.31 -12.88
C ARG A 292 13.39 5.90 -13.27
N VAL A 293 13.27 5.09 -14.31
CA VAL A 293 11.97 4.73 -14.79
C VAL A 293 11.12 4.04 -13.69
N ALA A 294 9.81 4.26 -13.74
CA ALA A 294 8.87 3.86 -12.67
C ALA A 294 9.08 4.56 -11.31
N GLY A 295 10.09 5.42 -11.21
CA GLY A 295 10.34 6.15 -9.95
C GLY A 295 9.24 7.13 -9.56
N LYS A 296 9.39 7.71 -8.37
CA LYS A 296 8.37 8.60 -7.82
C LYS A 296 8.99 9.96 -7.53
N ILE A 297 8.24 11.00 -7.83
CA ILE A 297 8.67 12.36 -7.57
C ILE A 297 7.77 12.97 -6.47
N GLY A 298 8.39 13.34 -5.36
CA GLY A 298 7.66 14.04 -4.30
C GLY A 298 7.81 15.52 -4.51
N ILE A 299 6.72 16.26 -4.35
CA ILE A 299 6.74 17.71 -4.63
C ILE A 299 6.17 18.48 -3.43
N PRO A 300 6.97 18.61 -2.35
CA PRO A 300 6.50 19.39 -1.21
C PRO A 300 6.60 20.89 -1.47
N GLY A 301 7.43 21.30 -2.43
CA GLY A 301 7.55 22.72 -2.80
C GLY A 301 6.23 23.28 -3.29
N LEU A 302 5.97 24.52 -2.95
CA LEU A 302 4.68 25.16 -3.23
C LEU A 302 4.47 25.57 -4.69
N TYR A 303 3.31 25.22 -5.26
CA TYR A 303 2.84 25.77 -6.55
C TYR A 303 1.46 26.37 -6.37
N VAL A 304 1.22 27.50 -7.01
CA VAL A 304 0.01 28.29 -6.77
C VAL A 304 -0.82 28.43 -8.03
N THR A 305 -2.11 28.65 -7.84
CA THR A 305 -3.05 28.83 -8.91
C THR A 305 -2.99 30.27 -9.46
N GLU A 306 -2.44 31.20 -8.68
CA GLU A 306 -2.25 32.61 -9.12
C GLU A 306 -0.98 33.29 -8.53
N ASP A 307 -0.09 33.73 -9.43
CA ASP A 307 1.19 34.38 -9.05
C ASP A 307 1.33 35.71 -9.74
N PRO A 308 1.07 36.80 -9.02
CA PRO A 308 1.10 38.15 -9.60
C PRO A 308 2.41 38.53 -10.29
N GLY A 309 3.53 38.06 -9.76
CA GLY A 309 4.81 38.44 -10.32
C GLY A 309 5.53 37.39 -11.14
N ALA A 310 4.78 36.45 -11.72
CA ALA A 310 5.39 35.40 -12.52
C ALA A 310 5.98 35.95 -13.82
N VAL A 311 6.94 35.19 -14.37
CA VAL A 311 7.67 35.54 -15.61
C VAL A 311 6.83 35.72 -16.89
N ASP A 312 5.71 35.00 -17.00
CA ASP A 312 4.83 35.11 -18.18
C ASP A 312 3.35 34.95 -17.85
N ALA A 313 2.51 35.25 -18.83
CA ALA A 313 1.06 35.19 -18.69
C ALA A 313 0.60 33.84 -18.10
N ALA A 314 1.08 32.77 -18.72
CA ALA A 314 0.73 31.42 -18.31
C ALA A 314 1.09 31.14 -16.86
N ALA A 315 2.31 31.51 -16.45
CA ALA A 315 2.74 31.27 -15.07
C ALA A 315 1.98 32.09 -14.02
N LYS A 316 1.43 33.25 -14.41
CA LYS A 316 0.60 34.06 -13.50
C LYS A 316 -0.65 33.28 -13.10
N HIS A 317 -0.98 32.30 -13.93
CA HIS A 317 -2.13 31.44 -13.74
C HIS A 317 -1.81 30.05 -13.26
N GLY A 318 -0.57 29.80 -12.89
CA GLY A 318 -0.17 28.49 -12.39
C GLY A 318 0.13 27.48 -13.48
N ALA A 319 0.21 27.94 -14.73
CA ALA A 319 0.45 27.06 -15.88
C ALA A 319 1.94 27.03 -16.22
N LEU A 320 2.53 25.85 -16.22
CA LEU A 320 3.98 25.70 -16.53
C LEU A 320 4.20 24.88 -17.79
N SER A 321 5.28 25.19 -18.48
CA SER A 321 5.65 24.45 -19.66
C SER A 321 6.42 23.21 -19.22
N ILE A 322 5.67 22.14 -18.95
CA ILE A 322 6.19 20.92 -18.36
C ILE A 322 6.41 19.85 -19.43
N ARG A 323 7.62 19.26 -19.43
CA ARG A 323 7.96 18.27 -20.43
C ARG A 323 7.38 16.88 -20.08
N PHE A 324 6.06 16.81 -20.09
CA PHE A 324 5.32 15.68 -19.57
C PHE A 324 5.53 14.42 -20.37
N GLY A 325 5.76 14.55 -21.67
CA GLY A 325 6.08 13.40 -22.52
C GLY A 325 7.23 12.57 -21.97
N LEU A 326 8.19 13.25 -21.35
CA LEU A 326 9.38 12.61 -20.82
C LEU A 326 9.05 11.82 -19.56
N GLY A 327 8.33 12.45 -18.63
CA GLY A 327 7.82 11.80 -17.44
C GLY A 327 6.97 10.59 -17.80
N TRP A 328 6.13 10.75 -18.79
CA TRP A 328 5.26 9.69 -19.23
C TRP A 328 6.03 8.52 -19.76
N ALA A 329 7.06 8.80 -20.55
CA ALA A 329 7.84 7.72 -21.16
C ALA A 329 8.63 6.99 -20.12
N LYS A 330 8.84 7.62 -18.99
CA LYS A 330 9.62 7.00 -17.93
C LYS A 330 8.69 6.39 -16.88
N SER A 331 7.38 6.55 -17.08
CA SER A 331 6.37 5.98 -16.20
C SER A 331 6.46 6.63 -14.81
N HIS A 332 6.64 7.93 -14.74
CA HIS A 332 6.77 8.55 -13.45
C HIS A 332 5.48 8.76 -12.72
N SER A 333 5.54 8.69 -11.38
CA SER A 333 4.43 9.20 -10.58
C SER A 333 4.85 10.50 -9.87
N PHE A 334 3.89 11.38 -9.60
CA PHE A 334 4.14 12.71 -9.04
C PHE A 334 3.16 12.89 -7.95
N HIS A 335 3.60 13.43 -6.83
CA HIS A 335 2.77 13.55 -5.66
C HIS A 335 2.95 14.97 -5.17
N THR A 336 1.82 15.65 -4.92
CA THR A 336 1.80 17.09 -4.67
C THR A 336 1.00 17.51 -3.44
N GLY A 337 1.26 18.71 -2.97
CA GLY A 337 0.31 19.36 -2.08
C GLY A 337 0.76 19.61 -0.67
N GLN A 338 -0.04 20.36 0.08
CA GLN A 338 0.23 20.69 1.49
C GLN A 338 0.37 19.43 2.32
N THR A 339 1.42 19.43 3.14
CA THR A 339 1.73 18.32 4.04
C THR A 339 0.66 18.07 5.09
N PRO A 340 0.16 16.82 5.18
CA PRO A 340 -0.69 16.44 6.31
C PRO A 340 0.21 16.21 7.51
N VAL A 341 0.48 17.29 8.24
CA VAL A 341 1.49 17.24 9.29
C VAL A 341 1.14 16.19 10.36
N MET A 342 -0.13 16.08 10.73
CA MET A 342 -0.56 15.09 11.72
C MET A 342 -0.25 13.66 11.34
N LYS A 343 -0.10 13.39 10.06
CA LYS A 343 0.17 12.03 9.67
C LYS A 343 1.54 11.56 10.23
N TYR A 344 2.46 12.49 10.46
CA TYR A 344 3.84 12.14 10.71
C TYR A 344 4.49 12.67 11.99
N ASN A 345 3.84 13.67 12.58
CA ASN A 345 4.47 14.42 13.64
C ASN A 345 4.74 13.59 14.91
N ARG A 346 3.89 12.62 15.18
CA ARG A 346 4.05 11.79 16.37
C ARG A 346 5.34 10.94 16.32
N GLN A 347 5.50 10.20 15.24
CA GLN A 347 6.72 9.43 15.10
C GLN A 347 7.97 10.27 14.84
N LEU A 348 7.84 11.49 14.36
CA LEU A 348 9.05 12.28 14.23
C LEU A 348 9.46 12.81 15.58
N MET A 349 8.50 13.11 16.45
CA MET A 349 8.87 13.54 17.80
C MET A 349 9.63 12.44 18.54
N GLN A 350 9.16 11.21 18.41
CA GLN A 350 9.87 10.05 18.95
C GLN A 350 11.33 9.98 18.46
N ALA A 351 11.55 10.20 17.18
CA ALA A 351 12.91 10.14 16.65
C ALA A 351 13.75 11.31 17.16
N ILE A 352 13.12 12.47 17.35
CA ILE A 352 13.85 13.56 17.94
C ILE A 352 14.26 13.27 19.40
N MET A 353 13.33 12.74 20.18
CA MET A 353 13.58 12.52 21.60
C MET A 353 14.60 11.43 21.84
N TRP A 354 14.70 10.51 20.90
CA TRP A 354 15.66 9.44 21.05
C TRP A 354 16.91 9.68 20.21
N ASP A 355 17.14 10.94 19.81
CA ASP A 355 18.37 11.35 19.10
C ASP A 355 18.66 10.59 17.81
N ARG A 356 17.60 10.30 17.05
CA ARG A 356 17.77 9.62 15.79
C ARG A 356 17.86 10.64 14.65
N ILE A 357 17.60 11.90 14.96
CA ILE A 357 17.73 12.95 13.99
C ILE A 357 18.10 14.24 14.71
N LYS A 358 19.17 14.88 14.25
CA LYS A 358 19.54 16.18 14.79
C LYS A 358 19.12 17.27 13.78
N ILE A 359 17.81 17.53 13.76
CA ILE A 359 17.19 18.35 12.73
C ILE A 359 17.58 19.82 12.81
N ALA A 360 17.64 20.36 14.02
CA ALA A 360 17.97 21.74 14.21
C ALA A 360 19.37 22.04 13.67
N ASP A 361 20.32 21.13 13.91
CA ASP A 361 21.65 21.30 13.31
C ASP A 361 21.60 21.25 11.78
N ILE A 362 20.81 20.35 11.24
CA ILE A 362 20.79 20.16 9.80
C ILE A 362 20.19 21.36 9.09
N VAL A 363 19.08 21.88 9.61
CA VAL A 363 18.39 23.01 8.97
C VAL A 363 18.96 24.38 9.36
N GLY A 364 19.90 24.38 10.32
CA GLY A 364 20.59 25.59 10.74
C GLY A 364 19.76 26.55 11.59
N VAL A 365 19.08 26.03 12.60
CA VAL A 365 18.19 26.86 13.40
C VAL A 365 18.94 28.03 14.04
N GLU A 366 18.39 29.24 13.94
CA GLU A 366 18.89 30.37 14.70
C GLU A 366 17.77 31.07 15.48
N VAL A 367 17.98 31.23 16.78
CA VAL A 367 16.97 31.80 17.69
C VAL A 367 17.06 33.31 17.83
N ILE A 368 15.94 33.97 17.60
CA ILE A 368 15.89 35.44 17.61
C ILE A 368 14.73 35.96 18.45
N THR A 369 14.76 37.25 18.76
CA THR A 369 13.62 37.91 19.39
C THR A 369 12.51 38.24 18.35
N LEU A 370 11.30 38.49 18.84
CA LEU A 370 10.21 38.95 18.00
C LEU A 370 10.54 40.28 17.29
N ASP A 371 11.17 41.22 18.02
CA ASP A 371 11.50 42.50 17.40
C ASP A 371 12.47 42.33 16.25
N ASP A 372 13.32 41.31 16.31
CA ASP A 372 14.28 41.03 15.25
C ASP A 372 13.74 40.24 14.07
N ALA A 373 12.45 39.96 14.08
CA ALA A 373 11.83 39.22 13.00
C ALA A 373 12.02 39.87 11.62
N PRO A 374 11.77 41.20 11.51
CA PRO A 374 11.97 41.81 10.19
C PRO A 374 13.39 41.63 9.70
N LYS A 375 14.37 41.72 10.61
CA LYS A 375 15.77 41.46 10.28
C LYS A 375 15.99 40.00 9.78
N GLY A 376 15.37 39.04 10.44
CA GLY A 376 15.41 37.64 10.04
C GLY A 376 14.88 37.42 8.65
N TYR A 377 13.70 37.99 8.36
CA TYR A 377 13.09 37.94 7.02
C TYR A 377 14.04 38.48 5.94
N GLY A 378 14.69 39.61 6.23
CA GLY A 378 15.65 40.19 5.32
C GLY A 378 16.82 39.27 5.03
N GLU A 379 17.45 38.74 6.08
CA GLU A 379 18.62 37.85 5.96
C GLU A 379 18.27 36.53 5.29
N PHE A 380 17.08 36.01 5.60
CA PHE A 380 16.54 34.79 4.99
C PHE A 380 16.31 35.05 3.50
N ASP A 381 15.73 36.19 3.15
CA ASP A 381 15.54 36.55 1.74
C ASP A 381 16.88 36.75 0.98
N ALA A 382 17.91 37.25 1.67
CA ALA A 382 19.26 37.34 1.09
C ALA A 382 19.93 35.97 0.88
N GLY A 383 19.29 34.92 1.42
CA GLY A 383 19.66 33.53 1.12
C GLY A 383 20.58 32.85 2.13
N VAL A 384 20.61 33.33 3.37
CA VAL A 384 21.51 32.73 4.35
C VAL A 384 21.06 31.30 4.64
N PRO A 385 22.02 30.42 4.98
CA PRO A 385 21.68 29.02 5.23
C PRO A 385 21.22 28.82 6.65
N LYS A 386 20.09 29.42 7.01
CA LYS A 386 19.57 29.38 8.38
C LYS A 386 18.04 29.21 8.41
N LYS A 387 17.51 28.70 9.53
CA LYS A 387 16.11 28.61 9.77
C LYS A 387 15.80 29.45 10.99
N PHE A 388 15.09 30.56 10.81
CA PHE A 388 14.82 31.42 11.93
C PHE A 388 13.68 30.98 12.83
N VAL A 389 14.00 30.93 14.12
CA VAL A 389 13.05 30.60 15.15
C VAL A 389 12.95 31.79 16.09
N ILE A 390 11.76 32.40 16.12
CA ILE A 390 11.43 33.47 17.06
C ILE A 390 11.00 32.92 18.42
N ASP A 391 11.59 33.48 19.48
CA ASP A 391 11.28 33.13 20.86
C ASP A 391 10.63 34.39 21.50
N PRO A 392 9.30 34.59 21.32
CA PRO A 392 8.67 35.90 21.66
C PRO A 392 8.79 36.31 23.14
N HIS A 393 8.75 35.35 24.06
CA HIS A 393 8.76 35.67 25.48
C HIS A 393 10.09 35.37 26.14
N ASN A 394 11.10 35.12 25.31
CA ASN A 394 12.45 34.87 25.78
C ASN A 394 12.50 33.71 26.75
N LEU A 395 11.80 32.64 26.42
CA LEU A 395 11.72 31.49 27.30
C LEU A 395 12.95 30.58 27.26
N PHE A 396 13.71 30.58 26.17
CA PHE A 396 14.85 29.66 26.08
C PHE A 396 16.03 30.23 25.32
N ARG A 397 15.90 31.43 24.81
CA ARG A 397 17.03 32.04 24.16
C ARG A 397 18.03 32.51 25.24
N GLY B 3 6.39 -17.81 -46.22
CA GLY B 3 5.05 -17.20 -46.29
C GLY B 3 4.71 -16.49 -44.98
N ASN B 4 4.73 -15.17 -45.04
CA ASN B 4 4.30 -14.34 -43.94
C ASN B 4 3.92 -13.05 -44.55
N ARG B 5 2.97 -12.40 -43.88
CA ARG B 5 2.61 -11.07 -44.27
C ARG B 5 2.01 -10.28 -43.12
N GLY B 6 2.13 -8.97 -43.21
CA GLY B 6 1.68 -8.07 -42.14
C GLY B 6 1.28 -6.69 -42.67
N VAL B 7 0.74 -5.86 -41.76
CA VAL B 7 0.41 -4.49 -42.01
C VAL B 7 1.67 -3.65 -41.86
N VAL B 8 1.95 -2.87 -42.90
CA VAL B 8 3.17 -2.09 -42.93
C VAL B 8 2.88 -0.61 -42.99
N TYR B 9 3.59 0.18 -42.19
CA TYR B 9 3.50 1.64 -42.20
C TYR B 9 4.32 2.24 -43.32
N LEU B 10 3.70 3.08 -44.13
CA LEU B 10 4.36 3.60 -45.32
C LEU B 10 4.35 5.13 -45.38
N GLY B 11 4.16 5.80 -44.24
CA GLY B 11 4.07 7.25 -44.23
C GLY B 11 2.70 7.71 -43.77
N PRO B 12 2.61 9.00 -43.38
CA PRO B 12 1.34 9.61 -42.95
C PRO B 12 0.06 9.19 -43.74
N GLY B 13 -0.91 8.62 -43.03
CA GLY B 13 -2.12 8.10 -43.65
C GLY B 13 -1.98 6.79 -44.41
N LYS B 14 -0.82 6.14 -44.38
CA LYS B 14 -0.63 4.99 -45.31
C LYS B 14 -0.24 3.67 -44.69
N VAL B 15 -1.08 2.67 -44.88
CA VAL B 15 -0.68 1.30 -44.55
C VAL B 15 -1.10 0.36 -45.66
N GLU B 16 -0.24 -0.63 -45.92
CA GLU B 16 -0.69 -1.75 -46.74
C GLU B 16 -0.17 -3.10 -46.29
N VAL B 17 -0.89 -4.12 -46.77
CA VAL B 17 -0.58 -5.47 -46.42
C VAL B 17 0.43 -6.02 -47.40
N GLN B 18 1.57 -6.45 -46.85
CA GLN B 18 2.72 -6.89 -47.62
C GLN B 18 3.23 -8.25 -47.20
N ASN B 19 3.86 -8.94 -48.14
CA ASN B 19 4.67 -10.08 -47.78
C ASN B 19 5.84 -9.59 -46.97
N ILE B 20 6.14 -10.29 -45.89
CA ILE B 20 7.26 -9.91 -45.04
C ILE B 20 7.95 -11.20 -44.69
N PRO B 21 9.19 -11.12 -44.14
CA PRO B 21 9.91 -12.35 -43.73
C PRO B 21 9.17 -13.17 -42.67
N TYR B 22 9.22 -14.50 -42.78
CA TYR B 22 8.79 -15.37 -41.69
C TYR B 22 9.74 -15.15 -40.48
N PRO B 23 9.20 -15.17 -39.25
CA PRO B 23 10.01 -14.80 -38.09
C PRO B 23 11.17 -15.77 -37.83
N LYS B 24 12.18 -15.24 -37.14
CA LYS B 24 13.45 -15.90 -36.88
C LYS B 24 13.73 -15.89 -35.36
N MET B 25 14.46 -16.90 -34.86
CA MET B 25 14.81 -16.96 -33.41
C MET B 25 16.01 -16.06 -33.06
N GLN B 26 15.88 -14.77 -33.38
CA GLN B 26 16.91 -13.80 -33.10
C GLN B 26 16.31 -12.47 -32.68
N ASP B 27 17.11 -11.67 -32.01
CA ASP B 27 16.62 -10.41 -31.50
C ASP B 27 16.73 -9.34 -32.63
N PRO B 28 16.33 -8.09 -32.36
CA PRO B 28 16.38 -7.09 -33.42
C PRO B 28 17.79 -6.71 -33.83
N GLN B 29 18.79 -7.19 -33.11
CA GLN B 29 20.19 -6.97 -33.50
C GLN B 29 20.73 -8.22 -34.26
N GLY B 30 19.86 -9.18 -34.52
CA GLY B 30 20.26 -10.41 -35.24
C GLY B 30 20.99 -11.49 -34.46
N ARG B 31 21.08 -11.38 -33.15
CA ARG B 31 21.67 -12.44 -32.36
C ARG B 31 20.65 -13.55 -32.08
N GLN B 32 21.07 -14.81 -32.21
CA GLN B 32 20.28 -15.98 -31.82
C GLN B 32 19.85 -15.94 -30.38
N ILE B 33 18.61 -16.36 -30.15
CA ILE B 33 18.07 -16.47 -28.83
C ILE B 33 17.44 -17.86 -28.67
N ASP B 34 17.54 -18.37 -27.44
CA ASP B 34 17.04 -19.69 -27.08
C ASP B 34 15.70 -19.59 -26.34
N HIS B 35 15.29 -18.37 -25.97
CA HIS B 35 14.13 -18.18 -25.10
C HIS B 35 12.83 -17.80 -25.78
N GLY B 36 12.79 -17.78 -27.11
CA GLY B 36 11.58 -17.33 -27.78
C GLY B 36 10.69 -18.42 -28.35
N VAL B 37 9.47 -18.05 -28.74
CA VAL B 37 8.66 -18.92 -29.57
C VAL B 37 8.17 -18.14 -30.76
N ILE B 38 7.63 -18.87 -31.71
CA ILE B 38 7.01 -18.27 -32.85
C ILE B 38 5.54 -18.63 -32.78
N LEU B 39 4.69 -17.68 -33.09
CA LEU B 39 3.28 -17.98 -33.04
C LEU B 39 2.69 -17.85 -34.41
N ARG B 40 1.74 -18.75 -34.71
CA ARG B 40 0.73 -18.55 -35.75
C ARG B 40 -0.32 -17.65 -35.14
N VAL B 41 -0.56 -16.51 -35.77
CA VAL B 41 -1.38 -15.51 -35.10
C VAL B 41 -2.88 -15.85 -35.19
N VAL B 42 -3.54 -15.86 -34.04
CA VAL B 42 -4.97 -16.21 -33.99
C VAL B 42 -5.84 -14.97 -34.12
N SER B 43 -5.54 -13.98 -33.29
CA SER B 43 -6.23 -12.72 -33.38
C SER B 43 -5.21 -11.64 -33.13
N THR B 44 -5.38 -10.52 -33.83
CA THR B 44 -4.44 -9.42 -33.70
C THR B 44 -5.12 -8.06 -33.91
N ASN B 45 -5.06 -7.18 -32.91
CA ASN B 45 -5.89 -5.94 -32.91
C ASN B 45 -5.25 -4.63 -33.36
N ILE B 46 -6.12 -3.69 -33.71
CA ILE B 46 -5.68 -2.36 -34.12
C ILE B 46 -5.90 -1.41 -32.94
N CYS B 47 -4.85 -0.68 -32.55
CA CYS B 47 -4.81 0.16 -31.35
C CYS B 47 -4.72 1.66 -31.67
N GLY B 48 -5.22 2.48 -30.75
CA GLY B 48 -5.02 3.93 -30.82
C GLY B 48 -3.56 4.34 -30.93
N SER B 49 -2.66 3.52 -30.37
CA SER B 49 -1.21 3.79 -30.44
C SER B 49 -0.72 3.63 -31.86
N ASP B 50 -1.29 2.64 -32.54
CA ASP B 50 -1.04 2.39 -33.96
C ASP B 50 -1.46 3.61 -34.78
N GLN B 51 -2.62 4.17 -34.43
CA GLN B 51 -3.13 5.33 -35.10
C GLN B 51 -2.25 6.59 -35.00
N HIS B 52 -1.65 6.81 -33.84
CA HIS B 52 -0.71 7.92 -33.66
C HIS B 52 0.41 7.78 -34.66
N MET B 53 0.90 6.57 -34.80
CA MET B 53 1.95 6.25 -35.73
C MET B 53 1.48 6.39 -37.15
N VAL B 54 0.26 5.98 -37.49
CA VAL B 54 -0.18 6.04 -38.89
C VAL B 54 -0.42 7.47 -39.33
N ARG B 55 -0.89 8.30 -38.39
CA ARG B 55 -1.15 9.71 -38.68
C ARG B 55 0.13 10.52 -38.83
N GLY B 56 1.28 9.85 -38.67
CA GLY B 56 2.60 10.48 -38.73
C GLY B 56 2.85 11.40 -37.55
N ARG B 57 2.33 11.01 -36.39
CA ARG B 57 2.45 11.82 -35.20
C ARG B 57 3.60 11.42 -34.28
N THR B 58 4.45 10.51 -34.78
CA THR B 58 5.56 9.97 -33.98
C THR B 58 6.75 9.86 -34.92
N THR B 59 7.90 9.42 -34.41
CA THR B 59 9.06 9.25 -35.26
C THR B 59 9.17 7.84 -35.84
N ALA B 60 8.04 7.18 -36.04
CA ALA B 60 8.06 5.83 -36.63
C ALA B 60 8.64 5.83 -38.02
N PRO B 61 9.58 4.90 -38.28
CA PRO B 61 10.22 4.78 -39.59
C PRO B 61 9.29 4.15 -40.63
N GLU B 62 9.37 4.60 -41.87
CA GLU B 62 8.65 3.91 -42.92
C GLU B 62 9.09 2.47 -42.91
N GLY B 63 8.16 1.59 -43.25
CA GLY B 63 8.42 0.16 -43.32
C GLY B 63 8.20 -0.59 -42.03
N LEU B 64 7.76 0.12 -41.00
CA LEU B 64 7.49 -0.50 -39.71
C LEU B 64 6.36 -1.51 -39.86
N VAL B 65 6.60 -2.74 -39.43
CA VAL B 65 5.54 -3.75 -39.34
C VAL B 65 4.81 -3.47 -38.05
N LEU B 66 3.48 -3.32 -38.13
CA LEU B 66 2.70 -2.83 -37.00
C LEU B 66 2.03 -3.96 -36.19
N GLY B 67 1.64 -3.64 -34.94
CA GLY B 67 0.76 -4.51 -34.18
C GLY B 67 1.37 -5.10 -32.95
N HIS B 68 0.75 -4.83 -31.81
CA HIS B 68 1.30 -5.27 -30.53
C HIS B 68 0.21 -5.87 -29.70
N GLU B 69 -0.91 -6.20 -30.36
CA GLU B 69 -2.03 -6.84 -29.68
C GLU B 69 -2.28 -8.25 -30.16
N ILE B 70 -1.46 -9.19 -29.67
CA ILE B 70 -1.44 -10.54 -30.24
C ILE B 70 -1.95 -11.64 -29.32
N THR B 71 -2.75 -12.50 -29.92
CA THR B 71 -3.13 -13.78 -29.33
C THR B 71 -2.74 -14.84 -30.37
N GLY B 72 -2.12 -15.93 -29.95
CA GLY B 72 -1.53 -16.85 -30.89
C GLY B 72 -1.40 -18.30 -30.47
N GLU B 73 -0.94 -19.10 -31.43
CA GLU B 73 -0.76 -20.53 -31.26
C GLU B 73 0.71 -20.88 -31.43
N VAL B 74 1.31 -21.55 -30.46
CA VAL B 74 2.73 -21.79 -30.55
C VAL B 74 2.95 -22.72 -31.72
N VAL B 75 3.83 -22.34 -32.66
CA VAL B 75 4.22 -23.27 -33.72
C VAL B 75 5.67 -23.72 -33.66
N GLU B 76 6.52 -22.94 -33.00
CA GLU B 76 7.92 -23.30 -32.83
C GLU B 76 8.41 -22.92 -31.43
N ILE B 77 9.42 -23.62 -30.92
CA ILE B 77 9.90 -23.37 -29.57
C ILE B 77 11.42 -23.38 -29.52
N GLY B 78 11.99 -22.32 -28.96
CA GLY B 78 13.43 -22.22 -28.73
C GLY B 78 13.86 -23.22 -27.71
N ARG B 79 15.13 -23.61 -27.75
CA ARG B 79 15.61 -24.69 -26.90
C ARG B 79 15.64 -24.42 -25.41
N GLY B 80 15.57 -23.14 -25.00
CA GLY B 80 15.64 -22.83 -23.59
C GLY B 80 14.31 -22.72 -22.86
N VAL B 81 13.22 -22.83 -23.62
CA VAL B 81 11.86 -22.59 -23.19
C VAL B 81 11.34 -23.80 -22.41
N GLU B 82 10.81 -23.58 -21.21
CA GLU B 82 10.40 -24.70 -20.36
C GLU B 82 8.90 -24.93 -20.31
N THR B 83 8.10 -23.91 -20.55
CA THR B 83 6.66 -24.05 -20.23
C THR B 83 5.71 -24.14 -21.39
N MET B 84 6.25 -24.11 -22.60
CA MET B 84 5.43 -24.00 -23.81
C MET B 84 5.45 -25.27 -24.64
N LYS B 85 4.34 -25.56 -25.32
CA LYS B 85 4.22 -26.71 -26.21
C LYS B 85 3.58 -26.29 -27.52
N ILE B 86 4.00 -26.93 -28.61
CA ILE B 86 3.41 -26.66 -29.92
C ILE B 86 1.88 -26.79 -29.84
N GLY B 87 1.16 -25.83 -30.41
CA GLY B 87 -0.31 -25.84 -30.36
C GLY B 87 -0.95 -25.08 -29.20
N ASP B 88 -0.15 -24.79 -28.16
CA ASP B 88 -0.59 -23.94 -27.03
C ASP B 88 -1.19 -22.61 -27.49
N LEU B 89 -2.31 -22.25 -26.89
CA LEU B 89 -2.94 -21.00 -27.18
C LEU B 89 -2.58 -19.95 -26.14
N VAL B 90 -2.07 -18.81 -26.56
CA VAL B 90 -1.55 -17.83 -25.61
C VAL B 90 -1.92 -16.38 -25.91
N SER B 91 -2.05 -15.57 -24.85
CA SER B 91 -2.15 -14.11 -24.94
C SER B 91 -0.76 -13.51 -24.78
N VAL B 92 -0.43 -12.54 -25.62
CA VAL B 92 0.89 -11.93 -25.64
C VAL B 92 0.75 -10.54 -25.07
N PRO B 93 1.37 -10.27 -23.92
CA PRO B 93 1.34 -8.93 -23.39
C PRO B 93 2.04 -8.03 -24.41
N PHE B 94 1.53 -6.82 -24.64
CA PHE B 94 2.15 -5.98 -25.64
C PHE B 94 3.58 -5.58 -25.29
N ASN B 95 3.92 -5.56 -23.99
CA ASN B 95 5.26 -5.21 -23.52
C ASN B 95 6.26 -6.35 -23.76
N VAL B 96 7.38 -6.03 -24.38
CA VAL B 96 8.48 -6.98 -24.45
C VAL B 96 9.29 -6.82 -23.15
N ALA B 97 9.37 -7.87 -22.36
CA ALA B 97 10.04 -7.76 -21.09
C ALA B 97 11.03 -8.91 -20.90
N CYS B 98 12.19 -8.62 -20.32
CA CYS B 98 13.20 -9.68 -20.15
C CYS B 98 12.99 -10.67 -19.01
N GLY B 99 12.45 -10.20 -17.91
CA GLY B 99 12.18 -11.11 -16.80
C GLY B 99 13.32 -11.19 -15.81
N HIS B 100 14.42 -10.50 -16.07
CA HIS B 100 15.48 -10.54 -15.08
C HIS B 100 16.15 -9.26 -14.74
N CYS B 101 15.72 -8.14 -15.27
CA CYS B 101 16.28 -6.86 -14.82
C CYS B 101 15.49 -6.29 -13.63
N ARG B 102 15.99 -5.21 -13.05
CA ARG B 102 15.38 -4.61 -11.89
C ARG B 102 13.88 -4.25 -12.08
N THR B 103 13.50 -3.66 -13.20
CA THR B 103 12.12 -3.27 -13.38
C THR B 103 11.20 -4.47 -13.64
N CYS B 104 11.69 -5.47 -14.37
CA CYS B 104 10.89 -6.66 -14.66
C CYS B 104 10.54 -7.36 -13.31
N LYS B 105 11.56 -7.51 -12.45
CA LYS B 105 11.38 -8.14 -11.15
C LYS B 105 10.40 -7.41 -10.21
N GLU B 106 10.27 -6.10 -10.35
CA GLU B 106 9.39 -5.29 -9.49
C GLU B 106 8.07 -5.03 -10.18
N GLN B 107 7.77 -5.82 -11.22
CA GLN B 107 6.47 -5.78 -11.91
C GLN B 107 6.26 -4.56 -12.82
N HIS B 108 7.30 -3.77 -12.96
CA HIS B 108 7.33 -2.68 -13.93
C HIS B 108 7.73 -3.20 -15.29
N THR B 109 6.89 -4.05 -15.87
CA THR B 109 7.25 -4.74 -17.10
C THR B 109 6.96 -3.88 -18.36
N GLY B 110 6.42 -2.69 -18.15
CA GLY B 110 6.28 -1.77 -19.25
C GLY B 110 7.56 -1.03 -19.51
N VAL B 111 8.47 -1.06 -18.55
CA VAL B 111 9.78 -0.37 -18.68
C VAL B 111 11.02 -1.31 -18.43
N CYS B 112 11.05 -2.45 -19.12
CA CYS B 112 12.22 -3.36 -19.10
C CYS B 112 13.54 -2.65 -19.44
N LEU B 113 14.59 -2.92 -18.68
CA LEU B 113 15.86 -2.23 -18.91
C LEU B 113 16.72 -2.80 -20.02
N THR B 114 16.45 -4.02 -20.46
CA THR B 114 17.41 -4.70 -21.33
C THR B 114 17.03 -4.87 -22.78
N VAL B 115 15.74 -4.73 -23.11
CA VAL B 115 15.25 -5.15 -24.44
C VAL B 115 15.29 -4.09 -25.52
N ASN B 116 15.72 -2.89 -25.13
CA ASN B 116 15.69 -1.76 -26.00
C ASN B 116 16.96 -0.92 -25.76
N PRO B 117 17.85 -0.86 -26.76
CA PRO B 117 19.07 -0.07 -26.62
C PRO B 117 18.84 1.44 -26.47
N ALA B 118 17.67 1.95 -26.81
CA ALA B 118 17.44 3.40 -26.89
C ALA B 118 16.93 3.99 -25.57
N ARG B 119 16.15 3.20 -24.81
CA ARG B 119 15.50 3.61 -23.56
C ARG B 119 14.93 2.37 -22.86
N ALA B 120 14.50 2.54 -21.62
CA ALA B 120 13.74 1.50 -20.94
C ALA B 120 12.40 1.21 -21.64
N GLY B 121 12.00 -0.07 -21.65
CA GLY B 121 10.69 -0.47 -22.19
C GLY B 121 10.78 -0.90 -23.64
N GLY B 122 10.18 -2.05 -23.91
CA GLY B 122 10.09 -2.61 -25.23
C GLY B 122 8.67 -3.05 -25.47
N ALA B 123 8.34 -3.22 -26.76
CA ALA B 123 7.02 -3.60 -27.23
C ALA B 123 7.11 -3.87 -28.76
N TYR B 124 6.09 -4.52 -29.33
CA TYR B 124 6.09 -4.97 -30.71
C TYR B 124 5.63 -3.88 -31.63
N GLY B 125 6.26 -3.75 -32.80
CA GLY B 125 5.81 -2.81 -33.84
C GLY B 125 5.48 -1.43 -33.30
N TYR B 126 6.38 -0.83 -32.53
CA TYR B 126 6.05 0.36 -31.79
C TYR B 126 7.24 1.31 -31.81
N VAL B 127 7.03 2.58 -32.16
CA VAL B 127 8.11 3.56 -32.17
C VAL B 127 8.93 3.56 -30.85
N ASP B 128 10.27 3.52 -30.97
CA ASP B 128 11.21 3.66 -29.85
C ASP B 128 11.12 2.53 -28.86
N MET B 129 10.61 1.39 -29.30
CA MET B 129 10.37 0.28 -28.39
C MET B 129 11.26 -0.93 -28.66
N GLY B 130 12.42 -0.70 -29.28
CA GLY B 130 13.48 -1.70 -29.36
C GLY B 130 13.62 -2.44 -30.69
N GLY B 131 12.77 -2.12 -31.66
CA GLY B 131 12.87 -2.81 -32.95
C GLY B 131 12.27 -4.21 -33.00
N TRP B 132 11.48 -4.59 -32.00
CA TRP B 132 10.76 -5.87 -32.04
C TRP B 132 9.68 -5.83 -33.08
N VAL B 133 9.67 -6.84 -33.94
CA VAL B 133 8.77 -6.79 -35.07
C VAL B 133 7.31 -6.92 -34.64
N GLY B 134 6.46 -6.15 -35.29
CA GLY B 134 5.04 -6.17 -35.02
C GLY B 134 4.38 -7.47 -35.40
N GLY B 135 3.16 -7.62 -34.89
CA GLY B 135 2.42 -8.87 -35.01
C GLY B 135 1.05 -8.73 -35.66
N GLN B 136 0.82 -7.64 -36.39
CA GLN B 136 -0.39 -7.58 -37.23
C GLN B 136 -0.06 -8.34 -38.51
N ALA B 137 0.06 -9.65 -38.34
CA ALA B 137 0.74 -10.51 -39.27
C ALA B 137 0.29 -11.97 -39.11
N GLU B 138 0.74 -12.82 -40.02
CA GLU B 138 0.39 -14.24 -39.95
C GLU B 138 1.15 -14.98 -38.84
N TYR B 139 2.36 -14.51 -38.58
CA TYR B 139 3.31 -15.17 -37.67
C TYR B 139 4.13 -14.10 -37.01
N VAL B 140 4.56 -14.37 -35.78
CA VAL B 140 5.38 -13.42 -35.04
C VAL B 140 6.20 -14.17 -34.04
N LEU B 141 7.35 -13.58 -33.72
CA LEU B 141 8.23 -13.99 -32.67
C LEU B 141 7.91 -13.29 -31.35
N VAL B 142 7.86 -14.08 -30.28
CA VAL B 142 7.71 -13.58 -28.92
C VAL B 142 8.95 -13.98 -28.10
N PRO B 143 9.76 -13.01 -27.71
CA PRO B 143 10.94 -13.38 -26.94
C PRO B 143 10.57 -13.59 -25.49
N TYR B 144 11.42 -14.30 -24.76
CA TYR B 144 11.23 -14.48 -23.34
C TYR B 144 9.86 -15.10 -23.05
N ALA B 145 9.56 -16.14 -23.79
CA ALA B 145 8.25 -16.72 -23.81
C ALA B 145 7.75 -17.19 -22.43
N ASP B 146 8.61 -17.88 -21.69
CA ASP B 146 8.22 -18.39 -20.37
C ASP B 146 7.73 -17.26 -19.42
N PHE B 147 8.42 -16.12 -19.46
CA PHE B 147 8.11 -14.97 -18.62
C PHE B 147 6.91 -14.19 -19.11
N ASN B 148 6.80 -13.94 -20.41
CA ASN B 148 5.76 -13.04 -20.89
C ASN B 148 4.41 -13.66 -21.12
N LEU B 149 4.35 -14.93 -21.51
CA LEU B 149 3.10 -15.43 -22.11
C LEU B 149 2.02 -15.81 -21.08
N LEU B 150 0.77 -15.51 -21.43
CA LEU B 150 -0.34 -16.02 -20.65
C LEU B 150 -1.06 -17.18 -21.37
N LYS B 151 -0.87 -18.38 -20.84
CA LYS B 151 -1.57 -19.58 -21.31
C LYS B 151 -3.09 -19.46 -21.11
N LEU B 152 -3.81 -19.66 -22.20
CA LEU B 152 -5.25 -19.67 -22.20
C LEU B 152 -5.87 -21.05 -21.88
N PRO B 153 -7.20 -21.08 -21.57
CA PRO B 153 -7.92 -22.31 -21.14
C PRO B 153 -8.15 -23.34 -22.25
N ASN B 154 -8.69 -24.52 -21.92
CA ASN B 154 -8.89 -25.45 -23.03
C ASN B 154 -9.34 -24.79 -24.34
N ARG B 155 -8.71 -25.24 -25.40
CA ARG B 155 -8.77 -24.52 -26.63
C ARG B 155 -10.21 -24.14 -26.79
N GLU B 156 -11.08 -25.10 -26.52
CA GLU B 156 -12.45 -24.95 -26.89
C GLU B 156 -13.09 -23.80 -26.15
N ALA B 157 -12.89 -23.75 -24.84
CA ALA B 157 -13.46 -22.65 -24.10
C ALA B 157 -12.80 -21.30 -24.49
N ALA B 158 -11.49 -21.35 -24.75
CA ALA B 158 -10.77 -20.16 -25.17
C ALA B 158 -11.25 -19.60 -26.51
N MET B 159 -11.34 -20.46 -27.52
CA MET B 159 -11.81 -20.06 -28.85
C MET B 159 -13.22 -19.51 -28.85
N GLU B 160 -14.06 -20.09 -28.01
CA GLU B 160 -15.40 -19.60 -27.85
C GLU B 160 -15.46 -18.16 -27.32
N LYS B 161 -14.51 -17.78 -26.47
CA LYS B 161 -14.49 -16.43 -25.95
C LYS B 161 -13.39 -15.57 -26.56
N ILE B 162 -12.95 -15.92 -27.76
CA ILE B 162 -11.85 -15.20 -28.40
C ILE B 162 -11.98 -13.65 -28.48
N ARG B 163 -13.18 -13.18 -28.83
CA ARG B 163 -13.43 -11.76 -28.97
C ARG B 163 -13.24 -11.04 -27.69
N ASP B 164 -13.51 -11.70 -26.55
CA ASP B 164 -13.15 -11.16 -25.25
C ASP B 164 -11.64 -11.28 -24.94
N LEU B 165 -11.11 -12.48 -25.05
CA LEU B 165 -9.75 -12.74 -24.58
C LEU B 165 -8.69 -11.98 -25.35
N THR B 166 -8.96 -11.65 -26.63
CA THR B 166 -8.03 -10.88 -27.43
C THR B 166 -7.68 -9.51 -26.81
N CYS B 167 -8.53 -8.99 -25.92
CA CYS B 167 -8.26 -7.72 -25.26
C CYS B 167 -7.29 -7.78 -24.09
N LEU B 168 -6.76 -8.96 -23.76
CA LEU B 168 -5.83 -9.10 -22.65
C LEU B 168 -4.43 -8.68 -23.02
N SER B 169 -4.16 -8.58 -24.32
CA SER B 169 -2.82 -8.26 -24.81
C SER B 169 -2.49 -6.83 -24.53
N ASP B 170 -3.51 -5.97 -24.59
CA ASP B 170 -3.31 -4.56 -24.48
C ASP B 170 -4.40 -3.78 -23.74
N ILE B 171 -5.61 -3.66 -24.30
CA ILE B 171 -6.54 -2.60 -23.89
C ILE B 171 -7.21 -2.78 -22.55
N LEU B 172 -7.63 -4.01 -22.20
CA LEU B 172 -8.29 -4.27 -20.93
C LEU B 172 -7.32 -4.04 -19.79
N PRO B 173 -6.12 -4.66 -19.80
CA PRO B 173 -5.16 -4.39 -18.75
C PRO B 173 -4.84 -2.92 -18.63
N THR B 174 -4.73 -2.23 -19.76
CA THR B 174 -4.41 -0.82 -19.81
C THR B 174 -5.50 0.04 -19.18
N GLY B 175 -6.76 -0.15 -19.62
CA GLY B 175 -7.92 0.52 -19.01
C GLY B 175 -8.01 0.24 -17.51
N TYR B 176 -7.68 -1.01 -17.13
CA TYR B 176 -7.63 -1.43 -15.74
C TYR B 176 -6.56 -0.70 -14.93
N HIS B 177 -5.37 -0.60 -15.49
CA HIS B 177 -4.30 0.09 -14.84
C HIS B 177 -4.70 1.54 -14.69
N GLY B 178 -5.34 2.10 -15.71
CA GLY B 178 -5.84 3.46 -15.59
C GLY B 178 -6.76 3.67 -14.38
N ALA B 179 -7.76 2.82 -14.26
CA ALA B 179 -8.67 2.87 -13.15
C ALA B 179 -8.01 2.56 -11.79
N VAL B 180 -7.23 1.49 -11.65
CA VAL B 180 -6.64 1.24 -10.32
C VAL B 180 -5.68 2.35 -9.87
N THR B 181 -4.83 2.83 -10.78
CA THR B 181 -3.93 3.93 -10.41
C THR B 181 -4.62 5.27 -10.14
N ALA B 182 -5.82 5.48 -10.70
CA ALA B 182 -6.67 6.60 -10.32
C ALA B 182 -7.44 6.35 -9.01
N GLY B 183 -7.21 5.21 -8.38
CA GLY B 183 -7.80 4.88 -7.08
C GLY B 183 -9.23 4.37 -7.09
N VAL B 184 -9.73 3.86 -8.21
CA VAL B 184 -11.14 3.44 -8.32
C VAL B 184 -11.43 2.19 -7.45
N GLY B 185 -12.60 2.19 -6.81
CA GLY B 185 -12.96 1.12 -5.89
C GLY B 185 -14.45 1.15 -5.69
N PRO B 186 -14.97 0.18 -4.93
CA PRO B 186 -16.41 0.15 -4.67
C PRO B 186 -16.91 1.50 -4.20
N GLY B 187 -17.99 1.97 -4.83
CA GLY B 187 -18.54 3.27 -4.53
C GLY B 187 -17.93 4.51 -5.19
N SER B 188 -16.86 4.37 -5.99
CA SER B 188 -16.24 5.55 -6.57
C SER B 188 -17.16 6.24 -7.59
N THR B 189 -17.02 7.56 -7.69
CA THR B 189 -17.52 8.29 -8.85
C THR B 189 -16.32 8.49 -9.77
N VAL B 190 -16.51 8.19 -11.04
CA VAL B 190 -15.42 8.12 -11.98
C VAL B 190 -15.69 8.89 -13.26
N TYR B 191 -14.75 9.73 -13.63
CA TYR B 191 -14.74 10.33 -14.96
C TYR B 191 -13.64 9.76 -15.83
N ILE B 192 -14.00 9.36 -17.04
CA ILE B 192 -13.03 8.82 -17.96
C ILE B 192 -12.99 9.65 -19.23
N ALA B 193 -11.82 10.24 -19.50
CA ALA B 193 -11.65 11.00 -20.76
C ALA B 193 -11.31 10.08 -21.97
N GLY B 194 -12.21 10.05 -22.95
CA GLY B 194 -11.99 9.30 -24.16
C GLY B 194 -12.92 8.12 -24.17
N ALA B 195 -13.74 8.03 -25.23
CA ALA B 195 -14.60 6.88 -25.44
C ALA B 195 -14.05 5.97 -26.54
N GLY B 196 -12.75 6.02 -26.77
CA GLY B 196 -12.09 5.03 -27.64
C GLY B 196 -12.13 3.68 -26.96
N PRO B 197 -11.64 2.64 -27.64
CA PRO B 197 -11.60 1.30 -27.06
C PRO B 197 -10.89 1.22 -25.67
N VAL B 198 -9.84 2.04 -25.48
CA VAL B 198 -9.12 2.09 -24.21
C VAL B 198 -9.96 2.79 -23.13
N GLY B 199 -10.61 3.89 -23.51
CA GLY B 199 -11.53 4.59 -22.61
C GLY B 199 -12.64 3.66 -22.19
N LEU B 200 -13.13 2.87 -23.13
CA LEU B 200 -14.23 1.97 -22.82
C LEU B 200 -13.81 0.87 -21.88
N ALA B 201 -12.58 0.39 -22.08
CA ALA B 201 -11.98 -0.61 -21.22
C ALA B 201 -11.78 -0.08 -19.82
N ALA B 202 -11.37 1.17 -19.71
CA ALA B 202 -11.28 1.80 -18.41
C ALA B 202 -12.66 1.88 -17.71
N ALA B 203 -13.69 2.26 -18.46
CA ALA B 203 -15.06 2.36 -17.92
C ALA B 203 -15.55 0.98 -17.47
N ALA B 204 -15.30 -0.03 -18.28
CA ALA B 204 -15.62 -1.42 -17.92
C ALA B 204 -14.86 -1.82 -16.66
N SER B 205 -13.60 -1.43 -16.59
CA SER B 205 -12.79 -1.79 -15.45
C SER B 205 -13.39 -1.16 -14.20
N ALA B 206 -13.78 0.10 -14.31
CA ALA B 206 -14.34 0.80 -13.19
C ALA B 206 -15.68 0.15 -12.78
N ARG B 207 -16.50 -0.25 -13.74
CA ARG B 207 -17.73 -0.98 -13.38
C ARG B 207 -17.38 -2.28 -12.63
N LEU B 208 -16.47 -3.07 -13.18
CA LEU B 208 -15.91 -4.24 -12.49
C LEU B 208 -15.29 -3.99 -11.11
N LEU B 209 -14.61 -2.87 -10.94
CA LEU B 209 -14.06 -2.53 -9.64
C LEU B 209 -15.14 -2.10 -8.62
N GLY B 210 -16.38 -1.95 -9.07
CA GLY B 210 -17.51 -1.61 -8.20
C GLY B 210 -17.82 -0.13 -8.03
N ALA B 211 -17.33 0.70 -8.95
CA ALA B 211 -17.71 2.10 -9.02
C ALA B 211 -19.23 2.30 -8.99
N ALA B 212 -19.65 3.36 -8.32
CA ALA B 212 -21.05 3.76 -8.24
C ALA B 212 -21.57 4.31 -9.58
N VAL B 213 -20.84 5.25 -10.14
CA VAL B 213 -21.23 5.89 -11.39
C VAL B 213 -19.97 6.20 -12.22
N VAL B 214 -20.07 5.86 -13.50
CA VAL B 214 -18.98 6.04 -14.44
C VAL B 214 -19.43 6.91 -15.61
N ILE B 215 -18.79 8.07 -15.75
CA ILE B 215 -19.04 9.01 -16.80
C ILE B 215 -17.88 9.02 -17.80
N VAL B 216 -18.24 8.83 -19.07
CA VAL B 216 -17.26 8.83 -20.14
C VAL B 216 -17.45 10.07 -21.00
N GLY B 217 -16.36 10.79 -21.22
CA GLY B 217 -16.39 11.98 -22.07
C GLY B 217 -15.64 11.80 -23.36
N ASP B 218 -16.14 12.42 -24.43
CA ASP B 218 -15.48 12.45 -25.71
C ASP B 218 -16.04 13.64 -26.48
N VAL B 219 -15.28 14.04 -27.50
CA VAL B 219 -15.76 15.00 -28.50
C VAL B 219 -16.55 14.35 -29.67
N ASN B 220 -16.53 13.02 -29.72
CA ASN B 220 -17.10 12.21 -30.81
C ASN B 220 -18.52 11.74 -30.51
N PRO B 221 -19.54 12.33 -31.16
CA PRO B 221 -20.93 11.96 -30.84
C PRO B 221 -21.28 10.46 -31.00
N THR B 222 -20.64 9.83 -31.96
CA THR B 222 -20.96 8.44 -32.21
C THR B 222 -20.36 7.50 -31.15
N ARG B 223 -19.17 7.81 -30.66
CA ARG B 223 -18.56 6.99 -29.57
C ARG B 223 -19.32 7.13 -28.26
N LEU B 224 -19.86 8.32 -28.03
CA LEU B 224 -20.68 8.53 -26.84
C LEU B 224 -21.99 7.79 -26.97
N ALA B 225 -22.63 7.78 -28.15
CA ALA B 225 -23.89 7.04 -28.27
C ALA B 225 -23.60 5.55 -27.98
N HIS B 226 -22.43 5.09 -28.39
CA HIS B 226 -22.04 3.73 -28.09
C HIS B 226 -21.78 3.49 -26.61
N ALA B 227 -21.10 4.43 -25.93
CA ALA B 227 -20.89 4.31 -24.48
C ALA B 227 -22.22 4.27 -23.74
N LYS B 228 -23.14 5.13 -24.15
CA LYS B 228 -24.44 5.23 -23.51
C LYS B 228 -25.21 3.95 -23.70
N LYS B 229 -25.19 3.39 -24.91
CA LYS B 229 -25.80 2.07 -25.11
C LYS B 229 -25.22 1.00 -24.15
N GLN B 230 -23.95 1.12 -23.82
CA GLN B 230 -23.30 0.16 -22.91
C GLN B 230 -23.52 0.47 -21.43
N GLY B 231 -24.42 1.41 -21.13
CA GLY B 231 -24.82 1.67 -19.75
C GLY B 231 -24.06 2.77 -19.01
N PHE B 232 -23.13 3.44 -19.68
CA PHE B 232 -22.35 4.51 -19.02
C PHE B 232 -22.99 5.89 -19.15
N GLU B 233 -22.60 6.79 -18.26
CA GLU B 233 -23.04 8.16 -18.33
C GLU B 233 -22.11 8.87 -19.28
N ILE B 234 -22.60 9.94 -19.87
CA ILE B 234 -21.82 10.61 -20.89
C ILE B 234 -21.62 12.10 -20.64
N ALA B 235 -20.45 12.60 -21.05
CA ALA B 235 -20.21 14.02 -21.18
C ALA B 235 -19.81 14.29 -22.65
N ASP B 236 -20.57 15.14 -23.32
CA ASP B 236 -20.34 15.46 -24.72
C ASP B 236 -19.58 16.74 -24.81
N LEU B 237 -18.30 16.64 -25.14
CA LEU B 237 -17.43 17.80 -25.06
C LEU B 237 -17.48 18.62 -26.34
N SER B 238 -18.36 18.22 -27.25
CA SER B 238 -18.61 19.02 -28.46
C SER B 238 -19.76 20.05 -28.31
N LYS B 239 -20.56 19.86 -27.28
CA LYS B 239 -21.51 20.87 -26.81
C LYS B 239 -20.79 22.03 -26.18
N ASP B 240 -21.46 23.18 -26.06
CA ASP B 240 -20.85 24.34 -25.39
C ASP B 240 -20.87 24.28 -23.88
N THR B 241 -21.76 23.47 -23.31
CA THR B 241 -21.77 23.20 -21.89
C THR B 241 -20.42 22.63 -21.44
N PRO B 242 -19.70 23.35 -20.56
CA PRO B 242 -18.41 22.89 -20.06
C PRO B 242 -18.52 21.62 -19.20
N LEU B 243 -17.39 20.91 -19.08
CA LEU B 243 -17.33 19.61 -18.41
C LEU B 243 -17.90 19.69 -17.00
N HIS B 244 -17.48 20.71 -16.24
CA HIS B 244 -17.99 21.00 -14.89
C HIS B 244 -19.46 20.91 -14.81
N GLU B 245 -20.10 21.66 -15.68
CA GLU B 245 -21.54 21.75 -15.67
C GLU B 245 -22.19 20.41 -16.02
N GLN B 246 -21.65 19.69 -16.98
CA GLN B 246 -22.23 18.41 -17.34
C GLN B 246 -22.14 17.41 -16.18
N ILE B 247 -20.97 17.35 -15.53
CA ILE B 247 -20.75 16.52 -14.34
C ILE B 247 -21.64 16.95 -13.20
N ALA B 248 -21.76 18.26 -12.94
CA ALA B 248 -22.52 18.71 -11.79
C ALA B 248 -23.99 18.41 -12.00
N ALA B 249 -24.44 18.48 -13.26
CA ALA B 249 -25.83 18.21 -13.59
C ALA B 249 -26.10 16.76 -13.25
N LEU B 250 -25.11 15.89 -13.52
CA LEU B 250 -25.18 14.44 -13.26
C LEU B 250 -25.06 14.02 -11.84
N LEU B 251 -24.16 14.63 -11.09
CA LEU B 251 -23.83 14.18 -9.72
C LEU B 251 -24.27 15.10 -8.59
N GLY B 252 -24.60 16.35 -8.90
CA GLY B 252 -24.93 17.36 -7.88
C GLY B 252 -23.74 18.06 -7.27
N GLU B 253 -22.57 17.87 -7.86
CA GLU B 253 -21.34 18.51 -7.47
C GLU B 253 -20.44 18.41 -8.68
N PRO B 254 -19.52 19.37 -8.83
CA PRO B 254 -18.81 19.40 -10.09
C PRO B 254 -17.55 18.57 -10.09
N GLU B 255 -17.54 17.48 -9.31
CA GLU B 255 -16.32 16.69 -9.09
C GLU B 255 -16.55 15.19 -8.98
N VAL B 256 -15.48 14.45 -9.21
CA VAL B 256 -15.46 12.99 -9.16
C VAL B 256 -14.32 12.55 -8.24
N ASP B 257 -14.39 11.32 -7.74
CA ASP B 257 -13.34 10.80 -6.87
C ASP B 257 -12.10 10.48 -7.67
N CYS B 258 -12.30 10.05 -8.92
CA CYS B 258 -11.24 9.44 -9.73
C CYS B 258 -11.42 9.79 -11.21
N ALA B 259 -10.29 10.10 -11.84
CA ALA B 259 -10.27 10.48 -13.22
C ALA B 259 -9.18 9.77 -13.98
N VAL B 260 -9.53 9.27 -15.16
CA VAL B 260 -8.60 8.58 -16.01
C VAL B 260 -8.47 9.33 -17.36
N ASP B 261 -7.23 9.53 -17.83
CA ASP B 261 -6.98 10.18 -19.11
C ASP B 261 -6.75 9.11 -20.16
N ALA B 262 -7.76 8.86 -20.99
CA ALA B 262 -7.61 7.84 -22.01
C ALA B 262 -7.61 8.42 -23.43
N VAL B 263 -7.01 9.59 -23.57
CA VAL B 263 -6.88 10.29 -24.85
C VAL B 263 -5.42 10.37 -25.23
N GLY B 264 -4.61 11.08 -24.46
CA GLY B 264 -3.24 11.22 -24.90
C GLY B 264 -2.88 12.52 -25.56
N PHE B 265 -1.85 12.50 -26.39
CA PHE B 265 -1.26 13.76 -26.83
C PHE B 265 -1.93 14.41 -28.03
N GLU B 266 -2.94 13.76 -28.61
CA GLU B 266 -3.70 14.36 -29.71
C GLU B 266 -5.03 14.89 -29.24
N ALA B 267 -5.11 15.23 -27.97
CA ALA B 267 -6.32 15.79 -27.41
C ALA B 267 -6.85 17.00 -28.15
N ARG B 268 -8.18 17.06 -28.28
CA ARG B 268 -8.92 18.24 -28.77
C ARG B 268 -9.41 19.08 -27.60
N GLY B 269 -9.65 20.36 -27.84
CA GLY B 269 -10.20 21.28 -26.84
C GLY B 269 -11.66 21.02 -26.67
N HIS B 270 -12.36 21.84 -25.87
CA HIS B 270 -13.81 21.63 -25.63
C HIS B 270 -14.68 22.65 -26.33
N GLY B 271 -15.91 22.27 -26.68
CA GLY B 271 -16.86 23.23 -27.23
C GLY B 271 -17.02 23.12 -28.73
N HIS B 272 -17.97 23.88 -29.28
CA HIS B 272 -18.27 23.79 -30.71
C HIS B 272 -17.02 23.87 -31.49
N SER B 273 -16.25 24.91 -31.26
CA SER B 273 -15.08 25.15 -32.07
C SER B 273 -13.78 24.63 -31.42
N GLY B 274 -13.65 24.75 -30.10
CA GLY B 274 -12.55 24.14 -29.38
C GLY B 274 -12.31 22.68 -29.74
N SER B 275 -13.42 21.95 -29.96
CA SER B 275 -13.35 20.54 -30.35
C SER B 275 -12.76 20.27 -31.78
N GLN B 276 -12.60 21.33 -32.59
CA GLN B 276 -11.95 21.21 -33.90
C GLN B 276 -10.53 21.78 -33.84
N GLN B 277 -10.06 22.02 -32.63
CA GLN B 277 -8.70 22.49 -32.43
C GLN B 277 -7.95 21.47 -31.61
N GLU B 278 -6.68 21.29 -31.90
CA GLU B 278 -5.84 20.40 -31.12
C GLU B 278 -5.26 21.19 -29.97
N ALA B 279 -5.35 20.64 -28.77
CA ALA B 279 -4.77 21.31 -27.61
C ALA B 279 -4.43 20.22 -26.64
N PRO B 280 -3.16 19.78 -26.70
CA PRO B 280 -2.68 18.53 -26.10
C PRO B 280 -2.73 18.51 -24.57
N ALA B 281 -2.72 19.71 -23.98
CA ALA B 281 -2.83 19.90 -22.56
C ALA B 281 -4.27 19.86 -22.01
N THR B 282 -5.25 19.78 -22.91
CA THR B 282 -6.67 19.95 -22.54
C THR B 282 -7.11 18.98 -21.49
N VAL B 283 -6.90 17.69 -21.75
CA VAL B 283 -7.38 16.66 -20.83
C VAL B 283 -6.71 16.78 -19.46
N LEU B 284 -5.38 16.89 -19.42
CA LEU B 284 -4.71 16.97 -18.09
C LEU B 284 -5.28 18.12 -17.26
N ASN B 285 -5.45 19.27 -17.89
CA ASN B 285 -5.99 20.43 -17.20
C ASN B 285 -7.43 20.27 -16.77
N SER B 286 -8.28 19.70 -17.63
CA SER B 286 -9.66 19.54 -17.19
C SER B 286 -9.83 18.46 -16.10
N LEU B 287 -8.97 17.42 -16.08
CA LEU B 287 -9.05 16.40 -15.02
C LEU B 287 -8.68 17.00 -13.67
N MET B 288 -7.72 17.92 -13.67
CA MET B 288 -7.33 18.56 -12.41
C MET B 288 -8.47 19.43 -11.89
N GLY B 289 -9.29 19.96 -12.80
CA GLY B 289 -10.44 20.77 -12.48
C GLY B 289 -11.60 19.95 -11.93
N ILE B 290 -11.78 18.73 -12.38
CA ILE B 290 -12.93 17.97 -11.86
C ILE B 290 -12.63 16.85 -10.89
N THR B 291 -11.36 16.59 -10.60
CA THR B 291 -11.03 15.57 -9.61
C THR B 291 -10.99 16.19 -8.26
N ARG B 292 -11.65 15.57 -7.29
CA ARG B 292 -11.69 16.16 -5.95
C ARG B 292 -10.34 16.19 -5.29
N VAL B 293 -10.27 16.97 -4.23
CA VAL B 293 -9.03 17.14 -3.48
C VAL B 293 -8.49 15.81 -2.99
N ALA B 294 -7.16 15.67 -3.02
CA ALA B 294 -6.44 14.43 -2.62
C ALA B 294 -6.71 13.25 -3.55
N GLY B 295 -7.45 13.48 -4.63
CA GLY B 295 -7.71 12.45 -5.63
C GLY B 295 -6.47 12.05 -6.42
N LYS B 296 -6.64 11.00 -7.22
CA LYS B 296 -5.60 10.51 -8.09
C LYS B 296 -6.08 10.57 -9.55
N ILE B 297 -5.15 10.88 -10.46
CA ILE B 297 -5.42 10.90 -11.88
C ILE B 297 -4.61 9.78 -12.52
N GLY B 298 -5.30 8.86 -13.16
CA GLY B 298 -4.63 7.84 -13.91
C GLY B 298 -4.52 8.26 -15.35
N ILE B 299 -3.33 8.10 -15.91
CA ILE B 299 -3.11 8.54 -17.29
C ILE B 299 -2.56 7.40 -18.16
N PRO B 300 -3.48 6.59 -18.70
CA PRO B 300 -3.03 5.59 -19.64
C PRO B 300 -2.78 6.16 -21.05
N GLY B 301 -3.39 7.29 -21.36
CA GLY B 301 -3.23 7.90 -22.69
C GLY B 301 -1.76 8.18 -22.95
N LEU B 302 -1.34 7.95 -24.17
CA LEU B 302 0.06 8.11 -24.55
C LEU B 302 0.51 9.58 -24.67
N TYR B 303 1.66 9.88 -24.10
CA TYR B 303 2.30 11.18 -24.28
C TYR B 303 3.73 10.89 -24.65
N VAL B 304 4.26 11.69 -25.57
CA VAL B 304 5.54 11.40 -26.24
C VAL B 304 6.55 12.52 -26.07
N THR B 305 7.82 12.09 -26.11
CA THR B 305 8.96 12.98 -26.08
C THR B 305 9.11 13.77 -27.38
N GLU B 306 8.56 13.23 -28.48
CA GLU B 306 8.66 13.89 -29.79
C GLU B 306 7.40 13.73 -30.65
N ASP B 307 6.81 14.86 -31.02
CA ASP B 307 5.67 14.83 -31.92
C ASP B 307 5.95 15.77 -33.09
N PRO B 308 6.34 15.19 -34.25
CA PRO B 308 6.63 15.99 -35.45
C PRO B 308 5.44 16.81 -35.95
N GLY B 309 4.23 16.44 -35.57
CA GLY B 309 3.04 17.13 -36.08
C GLY B 309 2.30 17.99 -35.07
N ALA B 310 2.94 18.33 -33.96
CA ALA B 310 2.28 19.07 -32.87
C ALA B 310 1.88 20.52 -33.21
N VAL B 311 1.08 21.12 -32.35
CA VAL B 311 0.61 22.50 -32.53
C VAL B 311 1.70 23.58 -32.49
N ASP B 312 2.78 23.36 -31.73
CA ASP B 312 3.81 24.39 -31.57
C ASP B 312 5.16 23.82 -31.17
N ALA B 313 6.19 24.67 -31.18
CA ALA B 313 7.55 24.32 -30.80
C ALA B 313 7.63 23.42 -29.57
N ALA B 314 7.04 23.91 -28.48
CA ALA B 314 7.05 23.25 -27.18
C ALA B 314 6.43 21.84 -27.27
N ALA B 315 5.27 21.74 -27.89
CA ALA B 315 4.60 20.46 -27.98
C ALA B 315 5.35 19.48 -28.86
N LYS B 316 6.16 19.95 -29.79
CA LYS B 316 6.91 19.03 -30.65
C LYS B 316 7.93 18.23 -29.83
N HIS B 317 8.35 18.84 -28.71
CA HIS B 317 9.25 18.13 -27.80
C HIS B 317 8.61 17.64 -26.54
N GLY B 318 7.28 17.59 -26.52
CA GLY B 318 6.57 16.98 -25.40
C GLY B 318 6.32 17.87 -24.18
N ALA B 319 6.58 19.17 -24.32
CA ALA B 319 6.26 20.15 -23.30
C ALA B 319 4.83 20.67 -23.46
N LEU B 320 4.06 20.62 -22.38
CA LEU B 320 2.70 21.11 -22.41
C LEU B 320 2.52 22.17 -21.39
N SER B 321 1.63 23.11 -21.67
CA SER B 321 1.29 24.12 -20.71
C SER B 321 0.24 23.53 -19.75
N ILE B 322 0.72 23.06 -18.61
CA ILE B 322 -0.12 22.31 -17.67
C ILE B 322 -0.38 23.17 -16.44
N ARG B 323 -1.64 23.33 -16.05
CA ARG B 323 -1.98 24.19 -14.93
C ARG B 323 -1.65 23.42 -13.65
N PHE B 324 -0.38 23.17 -13.45
CA PHE B 324 0.09 22.37 -12.36
C PHE B 324 -0.33 22.94 -11.04
N GLY B 325 -0.37 24.26 -10.92
CA GLY B 325 -0.63 24.91 -9.63
C GLY B 325 -1.97 24.51 -9.08
N LEU B 326 -2.90 24.22 -9.98
CA LEU B 326 -4.24 23.83 -9.66
C LEU B 326 -4.23 22.47 -9.03
N GLY B 327 -3.53 21.52 -9.64
CA GLY B 327 -3.50 20.18 -9.11
C GLY B 327 -2.71 20.19 -7.83
N TRP B 328 -1.71 21.04 -7.75
CA TRP B 328 -0.93 21.08 -6.53
C TRP B 328 -1.80 21.57 -5.42
N ALA B 329 -2.59 22.61 -5.70
CA ALA B 329 -3.42 23.19 -4.67
C ALA B 329 -4.46 22.17 -4.20
N LYS B 330 -4.76 21.20 -5.05
CA LYS B 330 -5.76 20.18 -4.72
C LYS B 330 -5.13 18.91 -4.14
N SER B 331 -3.80 18.91 -4.03
CA SER B 331 -3.10 17.75 -3.55
C SER B 331 -3.32 16.53 -4.46
N HIS B 332 -3.30 16.72 -5.77
CA HIS B 332 -3.45 15.58 -6.68
C HIS B 332 -2.18 14.76 -6.85
N SER B 333 -2.33 13.45 -7.07
CA SER B 333 -1.23 12.61 -7.56
C SER B 333 -1.48 12.15 -8.98
N PHE B 334 -0.39 11.91 -9.69
CA PHE B 334 -0.42 11.58 -11.09
C PHE B 334 0.27 10.31 -11.38
N HIS B 335 -0.41 9.44 -12.12
CA HIS B 335 0.19 8.16 -12.52
C HIS B 335 0.18 7.96 -14.01
N THR B 336 1.33 7.58 -14.57
CA THR B 336 1.62 7.63 -16.02
C THR B 336 2.31 6.39 -16.58
N GLY B 337 2.32 6.28 -17.91
CA GLY B 337 3.19 5.34 -18.61
C GLY B 337 2.63 4.05 -19.12
N GLN B 338 3.48 3.27 -19.78
CA GLN B 338 3.04 2.05 -20.41
C GLN B 338 2.51 1.10 -19.34
N THR B 339 1.37 0.49 -19.62
CA THR B 339 0.80 -0.50 -18.72
C THR B 339 1.65 -1.72 -18.57
N PRO B 340 1.93 -2.13 -17.32
CA PRO B 340 2.58 -3.42 -17.09
C PRO B 340 1.53 -4.51 -17.18
N VAL B 341 1.24 -4.95 -18.40
CA VAL B 341 0.16 -5.87 -18.68
C VAL B 341 0.17 -7.14 -17.78
N MET B 342 1.34 -7.72 -17.53
CA MET B 342 1.47 -8.99 -16.77
C MET B 342 1.00 -8.86 -15.31
N LYS B 343 1.00 -7.65 -14.81
CA LYS B 343 0.57 -7.49 -13.44
C LYS B 343 -0.91 -7.84 -13.25
N TYR B 344 -1.70 -7.68 -14.32
CA TYR B 344 -3.13 -7.76 -14.22
C TYR B 344 -3.77 -8.82 -15.11
N ASN B 345 -3.06 -9.24 -16.16
CA ASN B 345 -3.70 -10.08 -17.16
C ASN B 345 -4.35 -11.39 -16.68
N ARG B 346 -3.74 -12.05 -15.71
CA ARG B 346 -4.26 -13.34 -15.27
C ARG B 346 -5.57 -13.14 -14.56
N GLN B 347 -5.62 -12.18 -13.65
CA GLN B 347 -6.85 -11.99 -12.91
C GLN B 347 -7.94 -11.49 -13.84
N LEU B 348 -7.57 -10.70 -14.83
CA LEU B 348 -8.52 -10.25 -15.82
C LEU B 348 -9.05 -11.39 -16.68
N MET B 349 -8.21 -12.36 -17.01
CA MET B 349 -8.68 -13.57 -17.72
C MET B 349 -9.77 -14.32 -16.92
N GLN B 350 -9.53 -14.47 -15.62
CA GLN B 350 -10.50 -15.11 -14.73
C GLN B 350 -11.82 -14.32 -14.76
N ALA B 351 -11.74 -13.00 -14.71
CA ALA B 351 -12.93 -12.19 -14.78
C ALA B 351 -13.72 -12.44 -16.07
N ILE B 352 -12.99 -12.51 -17.19
CA ILE B 352 -13.59 -12.77 -18.48
C ILE B 352 -14.19 -14.16 -18.54
N MET B 353 -13.47 -15.20 -18.14
CA MET B 353 -14.00 -16.55 -18.24
C MET B 353 -15.19 -16.79 -17.31
N TRP B 354 -15.30 -16.01 -16.26
CA TRP B 354 -16.41 -16.22 -15.35
C TRP B 354 -17.54 -15.27 -15.64
N ASP B 355 -17.49 -14.61 -16.80
CA ASP B 355 -18.55 -13.69 -17.24
C ASP B 355 -18.82 -12.50 -16.33
N ARG B 356 -17.78 -11.98 -15.69
CA ARG B 356 -17.95 -10.80 -14.87
C ARG B 356 -17.80 -9.49 -15.72
N ILE B 357 -17.28 -9.62 -16.95
CA ILE B 357 -16.96 -8.47 -17.78
C ILE B 357 -17.09 -8.85 -19.24
N LYS B 358 -18.08 -8.27 -19.91
CA LYS B 358 -18.28 -8.53 -21.32
C LYS B 358 -17.57 -7.42 -22.06
N ILE B 359 -16.27 -7.64 -22.30
CA ILE B 359 -15.34 -6.61 -22.76
C ILE B 359 -15.49 -6.38 -24.25
N ALA B 360 -15.69 -7.46 -24.99
CA ALA B 360 -15.90 -7.41 -26.44
C ALA B 360 -17.10 -6.53 -26.81
N ASP B 361 -18.27 -6.79 -26.20
CA ASP B 361 -19.48 -5.97 -26.45
C ASP B 361 -19.22 -4.50 -26.10
N ILE B 362 -18.55 -4.26 -24.98
CA ILE B 362 -18.35 -2.90 -24.51
C ILE B 362 -17.51 -2.06 -25.47
N VAL B 363 -16.36 -2.60 -25.88
CA VAL B 363 -15.47 -1.88 -26.77
C VAL B 363 -15.92 -1.97 -28.22
N GLY B 364 -16.86 -2.86 -28.53
CA GLY B 364 -17.41 -2.93 -29.88
C GLY B 364 -16.51 -3.69 -30.84
N VAL B 365 -15.97 -4.81 -30.37
CA VAL B 365 -15.16 -5.68 -31.21
C VAL B 365 -15.83 -5.93 -32.57
N GLU B 366 -15.05 -5.74 -33.63
CA GLU B 366 -15.41 -6.14 -34.99
C GLU B 366 -14.30 -7.02 -35.62
N VAL B 367 -14.68 -8.19 -36.11
CA VAL B 367 -13.71 -9.15 -36.67
C VAL B 367 -13.51 -8.98 -38.19
N ILE B 368 -12.26 -8.78 -38.63
CA ILE B 368 -11.94 -8.55 -40.06
C ILE B 368 -10.84 -9.49 -40.58
N THR B 369 -10.66 -9.52 -41.89
CA THR B 369 -9.56 -10.27 -42.50
C THR B 369 -8.31 -9.40 -42.49
N LEU B 370 -7.15 -10.03 -42.68
CA LEU B 370 -5.91 -9.29 -42.81
C LEU B 370 -5.93 -8.31 -44.01
N ASP B 371 -6.56 -8.70 -45.13
CA ASP B 371 -6.67 -7.80 -46.28
C ASP B 371 -7.54 -6.59 -45.99
N ASP B 372 -8.47 -6.74 -45.06
CA ASP B 372 -9.29 -5.61 -44.71
C ASP B 372 -8.66 -4.72 -43.67
N ALA B 373 -7.46 -5.05 -43.21
CA ALA B 373 -6.82 -4.23 -42.19
C ALA B 373 -6.68 -2.75 -42.55
N PRO B 374 -6.15 -2.42 -43.77
CA PRO B 374 -6.06 -1.01 -44.15
C PRO B 374 -7.40 -0.29 -44.04
N LYS B 375 -8.45 -0.92 -44.56
CA LYS B 375 -9.80 -0.37 -44.41
C LYS B 375 -10.19 -0.15 -42.93
N GLY B 376 -9.75 -1.07 -42.07
CA GLY B 376 -9.98 -1.02 -40.63
C GLY B 376 -9.34 0.20 -40.00
N TYR B 377 -8.07 0.40 -40.32
CA TYR B 377 -7.37 1.62 -39.96
C TYR B 377 -8.13 2.87 -40.40
N GLY B 378 -8.65 2.83 -41.63
CA GLY B 378 -9.41 3.92 -42.18
C GLY B 378 -10.65 4.24 -41.37
N GLU B 379 -11.40 3.21 -41.05
CA GLU B 379 -12.64 3.43 -40.31
C GLU B 379 -12.37 3.87 -38.90
N PHE B 380 -11.41 3.22 -38.25
CA PHE B 380 -10.95 3.60 -36.93
C PHE B 380 -10.56 5.06 -36.86
N ASP B 381 -9.76 5.49 -37.84
CA ASP B 381 -9.34 6.87 -37.95
C ASP B 381 -10.52 7.83 -38.15
N ALA B 382 -11.54 7.41 -38.90
CA ALA B 382 -12.73 8.22 -39.06
C ALA B 382 -13.59 8.29 -37.80
N GLY B 383 -13.25 7.49 -36.79
CA GLY B 383 -13.86 7.54 -35.47
C GLY B 383 -14.99 6.56 -35.16
N VAL B 384 -15.13 5.49 -35.95
CA VAL B 384 -16.15 4.49 -35.65
C VAL B 384 -15.98 3.94 -34.25
N PRO B 385 -17.10 3.64 -33.58
CA PRO B 385 -17.03 3.15 -32.21
C PRO B 385 -16.76 1.65 -32.17
N LYS B 386 -15.66 1.23 -32.76
CA LYS B 386 -15.39 -0.19 -32.86
C LYS B 386 -13.96 -0.48 -32.45
N LYS B 387 -13.70 -1.73 -32.05
CA LYS B 387 -12.35 -2.23 -31.85
C LYS B 387 -12.05 -3.29 -32.91
N PHE B 388 -11.14 -2.97 -33.82
CA PHE B 388 -10.84 -3.89 -34.90
C PHE B 388 -9.91 -5.02 -34.50
N VAL B 389 -10.40 -6.23 -34.76
CA VAL B 389 -9.68 -7.48 -34.52
C VAL B 389 -9.49 -8.27 -35.82
N ILE B 390 -8.24 -8.41 -36.21
CA ILE B 390 -7.91 -9.15 -37.42
C ILE B 390 -7.78 -10.62 -37.08
N ASP B 391 -8.45 -11.41 -37.88
CA ASP B 391 -8.34 -12.85 -37.83
C ASP B 391 -7.51 -13.29 -39.10
N PRO B 392 -6.16 -13.27 -39.01
CA PRO B 392 -5.39 -13.47 -40.26
C PRO B 392 -5.52 -14.83 -40.96
N HIS B 393 -5.79 -15.90 -40.22
CA HIS B 393 -5.91 -17.24 -40.80
C HIS B 393 -7.32 -17.72 -40.90
N ASN B 394 -8.26 -16.81 -40.69
CA ASN B 394 -9.68 -17.13 -40.72
C ASN B 394 -10.04 -18.26 -39.78
N LEU B 395 -9.51 -18.20 -38.57
CA LEU B 395 -9.64 -19.29 -37.61
C LEU B 395 -10.95 -19.34 -36.86
N PHE B 396 -11.64 -18.22 -36.76
CA PHE B 396 -12.87 -18.21 -35.97
C PHE B 396 -14.00 -17.37 -36.58
N ARG B 397 -13.63 -16.46 -37.48
CA ARG B 397 -14.57 -15.59 -38.17
C ARG B 397 -15.43 -16.38 -39.15
N GLY C 3 -39.78 8.35 28.50
CA GLY C 3 -40.25 7.17 27.74
C GLY C 3 -39.13 6.56 26.91
N ASN C 4 -38.60 5.42 27.35
CA ASN C 4 -37.72 4.65 26.54
C ASN C 4 -37.87 3.19 26.88
N ARG C 5 -37.53 2.35 25.90
CA ARG C 5 -37.49 0.93 26.10
C ARG C 5 -36.63 0.21 25.06
N GLY C 6 -36.16 -0.97 25.42
CA GLY C 6 -35.31 -1.71 24.51
C GLY C 6 -35.12 -3.14 24.96
N VAL C 7 -34.27 -3.87 24.24
CA VAL C 7 -33.98 -5.25 24.50
C VAL C 7 -32.88 -5.38 25.58
N VAL C 8 -33.19 -6.17 26.60
CA VAL C 8 -32.32 -6.34 27.75
C VAL C 8 -31.88 -7.80 27.86
N TYR C 9 -30.59 -8.04 28.16
CA TYR C 9 -30.05 -9.38 28.37
C TYR C 9 -30.33 -9.82 29.77
N LEU C 10 -30.90 -11.01 29.95
CA LEU C 10 -31.26 -11.47 31.30
C LEU C 10 -30.77 -12.85 31.68
N GLY C 11 -29.62 -13.27 31.14
CA GLY C 11 -29.13 -14.63 31.39
C GLY C 11 -29.27 -15.51 30.17
N PRO C 12 -28.46 -16.58 30.09
CA PRO C 12 -28.41 -17.43 28.91
C PRO C 12 -29.78 -17.77 28.28
N GLY C 13 -29.92 -17.43 27.00
CA GLY C 13 -31.14 -17.68 26.25
C GLY C 13 -32.26 -16.69 26.50
N LYS C 14 -32.01 -15.65 27.29
CA LYS C 14 -33.11 -14.78 27.72
C LYS C 14 -32.96 -13.31 27.41
N VAL C 15 -33.88 -12.77 26.62
CA VAL C 15 -33.87 -11.34 26.41
C VAL C 15 -35.29 -10.85 26.50
N GLU C 16 -35.49 -9.69 27.10
CA GLU C 16 -36.80 -9.10 27.03
C GLU C 16 -36.79 -7.59 26.84
N VAL C 17 -37.88 -7.13 26.24
CA VAL C 17 -38.16 -5.73 26.06
C VAL C 17 -38.63 -5.15 27.38
N GLN C 18 -37.92 -4.13 27.86
CA GLN C 18 -38.21 -3.45 29.12
C GLN C 18 -38.20 -1.96 28.92
N ASN C 19 -38.85 -1.27 29.85
CA ASN C 19 -38.69 0.15 30.00
C ASN C 19 -37.29 0.38 30.49
N ILE C 20 -36.63 1.36 29.91
CA ILE C 20 -35.29 1.74 30.31
C ILE C 20 -35.24 3.26 30.37
N PRO C 21 -34.23 3.82 31.03
CA PRO C 21 -34.10 5.29 31.04
C PRO C 21 -33.95 5.92 29.63
N TYR C 22 -34.60 7.07 29.43
CA TYR C 22 -34.34 7.93 28.28
C TYR C 22 -32.90 8.41 28.34
N PRO C 23 -32.25 8.55 27.17
CA PRO C 23 -30.84 8.82 27.14
C PRO C 23 -30.47 10.18 27.74
N LYS C 24 -29.26 10.20 28.32
CA LYS C 24 -28.68 11.38 28.95
C LYS C 24 -27.39 11.78 28.26
N MET C 25 -27.13 13.08 28.20
CA MET C 25 -25.92 13.63 27.60
C MET C 25 -24.69 13.46 28.51
N GLN C 26 -24.38 12.22 28.89
CA GLN C 26 -23.21 11.94 29.71
C GLN C 26 -22.58 10.60 29.36
N ASP C 27 -21.31 10.44 29.68
CA ASP C 27 -20.60 9.21 29.40
C ASP C 27 -20.96 8.11 30.43
N PRO C 28 -20.42 6.89 30.25
CA PRO C 28 -20.85 5.83 31.15
C PRO C 28 -20.36 5.98 32.60
N GLN C 29 -19.51 6.97 32.84
CA GLN C 29 -19.08 7.30 34.19
C GLN C 29 -19.90 8.48 34.74
N GLY C 30 -20.95 8.88 34.03
CA GLY C 30 -21.76 10.00 34.48
C GLY C 30 -21.28 11.44 34.30
N ARG C 31 -20.16 11.66 33.59
CA ARG C 31 -19.72 13.04 33.32
C ARG C 31 -20.48 13.62 32.13
N GLN C 32 -20.87 14.88 32.20
CA GLN C 32 -21.63 15.53 31.11
C GLN C 32 -20.81 15.66 29.85
N ILE C 33 -21.47 15.53 28.69
CA ILE C 33 -20.78 15.71 27.41
C ILE C 33 -21.51 16.70 26.52
N ASP C 34 -20.75 17.48 25.75
CA ASP C 34 -21.31 18.43 24.80
C ASP C 34 -21.32 17.91 23.37
N HIS C 35 -20.68 16.78 23.16
CA HIS C 35 -20.37 16.35 21.80
C HIS C 35 -21.30 15.30 21.29
N GLY C 36 -22.35 15.01 22.05
CA GLY C 36 -23.28 13.94 21.68
C GLY C 36 -24.58 14.42 21.07
N VAL C 37 -25.33 13.47 20.53
CA VAL C 37 -26.69 13.72 20.12
C VAL C 37 -27.51 12.56 20.62
N ILE C 38 -28.81 12.78 20.66
CA ILE C 38 -29.74 11.74 21.02
C ILE C 38 -30.54 11.46 19.77
N LEU C 39 -30.73 10.18 19.47
CA LEU C 39 -31.47 9.81 18.27
C LEU C 39 -32.79 9.17 18.64
N ARG C 40 -33.84 9.50 17.88
CA ARG C 40 -35.04 8.67 17.81
C ARG C 40 -34.75 7.58 16.79
N VAL C 41 -34.90 6.32 17.22
CA VAL C 41 -34.30 5.25 16.47
C VAL C 41 -35.19 4.87 15.32
N VAL C 42 -34.67 4.87 14.11
CA VAL C 42 -35.48 4.52 12.92
C VAL C 42 -35.45 3.02 12.64
N SER C 43 -34.26 2.45 12.65
CA SER C 43 -34.07 1.04 12.42
C SER C 43 -32.89 0.62 13.30
N THR C 44 -32.96 -0.60 13.80
CA THR C 44 -31.94 -1.11 14.68
C THR C 44 -31.89 -2.66 14.58
N ASN C 45 -30.73 -3.24 14.30
CA ASN C 45 -30.65 -4.67 13.93
C ASN C 45 -30.12 -5.60 15.00
N ILE C 46 -30.43 -6.89 14.82
CA ILE C 46 -29.87 -7.94 15.63
C ILE C 46 -28.59 -8.54 15.03
N CYS C 47 -27.54 -8.61 15.86
CA CYS C 47 -26.26 -9.12 15.38
C CYS C 47 -25.84 -10.49 15.91
N GLY C 48 -25.10 -11.26 15.11
CA GLY C 48 -24.42 -12.46 15.56
C GLY C 48 -23.59 -12.23 16.84
N SER C 49 -23.05 -11.02 17.00
CA SER C 49 -22.38 -10.65 18.23
C SER C 49 -23.35 -10.64 19.39
N ASP C 50 -24.55 -10.10 19.18
CA ASP C 50 -25.58 -10.11 20.20
C ASP C 50 -25.96 -11.54 20.57
N GLN C 51 -25.99 -12.43 19.57
CA GLN C 51 -26.23 -13.85 19.82
C GLN C 51 -25.19 -14.50 20.74
N HIS C 52 -23.90 -14.19 20.55
CA HIS C 52 -22.85 -14.69 21.46
C HIS C 52 -23.15 -14.31 22.88
N MET C 53 -23.58 -13.08 23.10
CA MET C 53 -23.84 -12.62 24.45
C MET C 53 -25.08 -13.34 25.00
N VAL C 54 -26.16 -13.37 24.22
CA VAL C 54 -27.39 -13.95 24.66
C VAL C 54 -27.22 -15.42 24.99
N ARG C 55 -26.33 -16.12 24.30
CA ARG C 55 -26.17 -17.53 24.55
C ARG C 55 -25.35 -17.79 25.79
N GLY C 56 -24.89 -16.72 26.42
CA GLY C 56 -24.10 -16.82 27.65
C GLY C 56 -22.66 -17.11 27.35
N ARG C 57 -22.24 -16.72 26.15
CA ARG C 57 -20.92 -17.08 25.66
C ARG C 57 -19.83 -16.05 25.97
N THR C 58 -20.21 -14.99 26.67
CA THR C 58 -19.28 -13.93 27.02
C THR C 58 -19.41 -13.62 28.50
N THR C 59 -18.78 -12.53 28.93
CA THR C 59 -18.82 -12.11 30.31
C THR C 59 -19.89 -11.01 30.51
N ALA C 60 -20.88 -10.94 29.64
CA ALA C 60 -21.86 -9.86 29.74
C ALA C 60 -22.65 -9.92 31.05
N PRO C 61 -22.88 -8.77 31.68
CA PRO C 61 -23.78 -8.64 32.85
C PRO C 61 -25.25 -8.79 32.46
N GLU C 62 -26.03 -9.42 33.32
CA GLU C 62 -27.47 -9.37 33.22
C GLU C 62 -27.87 -7.90 33.32
N GLY C 63 -28.86 -7.49 32.53
CA GLY C 63 -29.31 -6.10 32.57
C GLY C 63 -28.75 -5.21 31.47
N LEU C 64 -27.74 -5.71 30.77
CA LEU C 64 -27.25 -5.09 29.55
C LEU C 64 -28.36 -4.80 28.51
N VAL C 65 -28.48 -3.54 28.11
CA VAL C 65 -29.28 -3.17 26.95
C VAL C 65 -28.44 -3.44 25.70
N LEU C 66 -29.02 -4.15 24.75
CA LEU C 66 -28.31 -4.63 23.59
C LEU C 66 -28.49 -3.73 22.38
N GLY C 67 -27.64 -3.92 21.37
CA GLY C 67 -27.87 -3.33 20.05
C GLY C 67 -26.85 -2.29 19.64
N HIS C 68 -26.20 -2.51 18.49
CA HIS C 68 -25.15 -1.63 18.05
C HIS C 68 -25.26 -1.42 16.57
N GLU C 69 -26.42 -1.75 16.02
CA GLU C 69 -26.66 -1.48 14.61
C GLU C 69 -27.79 -0.48 14.39
N ILE C 70 -27.46 0.79 14.58
CA ILE C 70 -28.47 1.85 14.65
C ILE C 70 -28.48 2.81 13.46
N THR C 71 -29.69 3.11 13.02
CA THR C 71 -29.91 4.19 12.09
C THR C 71 -31.00 5.04 12.73
N GLY C 72 -30.79 6.35 12.72
CA GLY C 72 -31.58 7.21 13.54
C GLY C 72 -31.76 8.64 13.05
N GLU C 73 -32.50 9.39 13.86
CA GLU C 73 -32.89 10.68 13.44
C GLU C 73 -32.73 11.61 14.62
N VAL C 74 -31.92 12.64 14.42
CA VAL C 74 -31.49 13.47 15.52
C VAL C 74 -32.69 14.13 16.15
N VAL C 75 -32.85 13.95 17.45
CA VAL C 75 -33.87 14.72 18.17
C VAL C 75 -33.33 15.72 19.16
N GLU C 76 -32.04 15.62 19.55
CA GLU C 76 -31.42 16.49 20.57
C GLU C 76 -29.97 16.58 20.26
N ILE C 77 -29.41 17.76 20.47
CA ILE C 77 -28.07 18.10 20.04
C ILE C 77 -27.34 18.77 21.19
N GLY C 78 -26.18 18.24 21.55
CA GLY C 78 -25.35 18.80 22.63
C GLY C 78 -24.71 20.05 22.12
N ARG C 79 -24.29 20.93 23.01
CA ARG C 79 -23.98 22.27 22.58
C ARG C 79 -22.77 22.37 21.66
N GLY C 80 -21.89 21.38 21.66
CA GLY C 80 -20.63 21.47 20.92
C GLY C 80 -20.68 20.90 19.50
N VAL C 81 -21.84 20.39 19.11
CA VAL C 81 -22.02 19.68 17.86
C VAL C 81 -22.24 20.63 16.67
N GLU C 82 -21.45 20.48 15.61
CA GLU C 82 -21.39 21.49 14.57
C GLU C 82 -22.10 21.09 13.29
N THR C 83 -22.20 19.80 13.06
CA THR C 83 -22.67 19.37 11.75
C THR C 83 -24.10 18.83 11.74
N MET C 84 -24.76 18.85 12.89
CA MET C 84 -26.06 18.20 13.03
C MET C 84 -27.23 19.17 13.24
N LYS C 85 -28.38 18.78 12.72
CA LYS C 85 -29.61 19.53 12.92
C LYS C 85 -30.66 18.54 13.36
N ILE C 86 -31.64 19.00 14.16
CA ILE C 86 -32.77 18.16 14.54
C ILE C 86 -33.39 17.63 13.25
N GLY C 87 -33.72 16.35 13.21
CA GLY C 87 -34.38 15.82 11.99
C GLY C 87 -33.44 15.14 11.02
N ASP C 88 -32.14 15.37 11.16
CA ASP C 88 -31.15 14.71 10.33
C ASP C 88 -31.21 13.17 10.46
N LEU C 89 -31.21 12.49 9.32
CA LEU C 89 -31.08 11.05 9.32
C LEU C 89 -29.63 10.64 9.30
N VAL C 90 -29.25 9.73 10.18
CA VAL C 90 -27.88 9.29 10.22
C VAL C 90 -27.75 7.78 10.37
N SER C 91 -26.69 7.23 9.75
CA SER C 91 -26.18 5.89 10.05
C SER C 91 -25.14 5.99 11.17
N VAL C 92 -25.26 5.10 12.16
CA VAL C 92 -24.35 5.09 13.30
C VAL C 92 -23.42 3.93 13.13
N PRO C 93 -22.12 4.19 12.99
CA PRO C 93 -21.16 3.09 13.00
C PRO C 93 -21.25 2.39 14.35
N PHE C 94 -21.13 1.07 14.39
CA PHE C 94 -21.22 0.39 15.69
C PHE C 94 -20.06 0.73 16.67
N ASN C 95 -18.93 1.20 16.14
CA ASN C 95 -17.81 1.58 16.97
C ASN C 95 -18.08 2.91 17.67
N VAL C 96 -17.82 2.96 18.97
CA VAL C 96 -17.71 4.22 19.65
C VAL C 96 -16.26 4.69 19.52
N ALA C 97 -16.05 5.84 18.89
CA ALA C 97 -14.72 6.36 18.66
C ALA C 97 -14.66 7.84 18.97
N CYS C 98 -13.53 8.27 19.53
CA CYS C 98 -13.39 9.64 20.05
C CYS C 98 -12.98 10.62 19.00
N GLY C 99 -12.18 10.19 18.04
CA GLY C 99 -11.84 11.12 16.99
C GLY C 99 -10.63 11.94 17.27
N HIS C 100 -10.03 11.76 18.42
CA HIS C 100 -8.83 12.53 18.66
C HIS C 100 -7.65 11.80 19.23
N CYS C 101 -7.74 10.49 19.39
CA CYS C 101 -6.60 9.74 19.91
C CYS C 101 -5.74 9.18 18.77
N ARG C 102 -4.62 8.57 19.10
CA ARG C 102 -3.72 8.01 18.11
C ARG C 102 -4.43 7.02 17.17
N THR C 103 -5.15 6.05 17.69
CA THR C 103 -5.83 5.13 16.80
C THR C 103 -7.00 5.72 15.98
N CYS C 104 -7.84 6.58 16.55
CA CYS C 104 -8.94 7.21 15.78
C CYS C 104 -8.36 7.98 14.59
N LYS C 105 -7.33 8.79 14.84
CA LYS C 105 -6.68 9.60 13.80
C LYS C 105 -6.06 8.74 12.69
N GLU C 106 -5.62 7.53 13.01
CA GLU C 106 -5.01 6.64 12.00
C GLU C 106 -6.07 5.70 11.35
N GLN C 107 -7.35 6.05 11.49
CA GLN C 107 -8.43 5.27 10.89
C GLN C 107 -8.71 3.92 11.55
N HIS C 108 -8.13 3.74 12.73
CA HIS C 108 -8.35 2.54 13.52
C HIS C 108 -9.42 2.82 14.57
N THR C 109 -10.60 3.20 14.09
CA THR C 109 -11.71 3.59 14.97
C THR C 109 -12.36 2.39 15.71
N GLY C 110 -11.96 1.17 15.35
CA GLY C 110 -12.45 0.02 16.06
C GLY C 110 -11.72 -0.14 17.38
N VAL C 111 -10.57 0.51 17.55
CA VAL C 111 -9.76 0.44 18.78
C VAL C 111 -9.37 1.81 19.40
N CYS C 112 -10.39 2.67 19.60
CA CYS C 112 -10.28 3.98 20.26
C CYS C 112 -9.63 3.86 21.65
N LEU C 113 -8.68 4.73 21.90
CA LEU C 113 -7.87 4.63 23.08
C LEU C 113 -8.52 5.28 24.30
N THR C 114 -9.59 6.06 24.11
CA THR C 114 -10.07 6.87 25.23
C THR C 114 -11.46 6.49 25.77
N VAL C 115 -12.30 5.88 24.95
CA VAL C 115 -13.73 5.71 25.29
C VAL C 115 -14.10 4.56 26.24
N ASN C 116 -13.10 3.74 26.58
CA ASN C 116 -13.31 2.53 27.33
C ASN C 116 -12.16 2.39 28.32
N PRO C 117 -12.46 2.49 29.63
CA PRO C 117 -11.39 2.37 30.64
C PRO C 117 -10.71 1.03 30.67
N ALA C 118 -11.35 -0.03 30.16
CA ALA C 118 -10.84 -1.39 30.33
C ALA C 118 -9.82 -1.81 29.26
N ARG C 119 -10.07 -1.41 28.02
CA ARG C 119 -9.24 -1.77 26.89
C ARG C 119 -9.52 -0.76 25.79
N ALA C 120 -8.70 -0.81 24.76
CA ALA C 120 -8.92 -0.04 23.57
C ALA C 120 -10.19 -0.53 22.86
N GLY C 121 -10.95 0.39 22.24
CA GLY C 121 -12.13 0.01 21.48
C GLY C 121 -13.42 0.16 22.26
N GLY C 122 -14.42 0.70 21.59
CA GLY C 122 -15.71 0.94 22.20
C GLY C 122 -16.82 0.58 21.23
N ALA C 123 -18.02 0.41 21.76
CA ALA C 123 -19.14 -0.07 20.99
C ALA C 123 -20.37 -0.02 21.89
N TYR C 124 -21.54 0.12 21.29
CA TYR C 124 -22.81 0.20 22.02
C TYR C 124 -23.33 -1.17 22.47
N GLY C 125 -23.78 -1.27 23.71
CA GLY C 125 -24.43 -2.49 24.22
C GLY C 125 -23.66 -3.76 23.92
N TYR C 126 -22.42 -3.79 24.33
CA TYR C 126 -21.57 -4.83 23.89
C TYR C 126 -20.46 -5.13 24.93
N VAL C 127 -20.30 -6.41 25.28
CA VAL C 127 -19.42 -6.79 26.40
C VAL C 127 -18.00 -6.21 26.29
N ASP C 128 -17.51 -5.64 27.40
CA ASP C 128 -16.15 -5.08 27.51
C ASP C 128 -15.92 -3.85 26.62
N MET C 129 -16.99 -3.15 26.24
CA MET C 129 -16.85 -2.10 25.21
C MET C 129 -17.07 -0.67 25.67
N GLY C 130 -16.84 -0.47 26.96
CA GLY C 130 -16.72 0.83 27.55
C GLY C 130 -17.94 1.33 28.27
N GLY C 131 -18.99 0.51 28.31
CA GLY C 131 -20.23 0.84 28.99
C GLY C 131 -21.26 1.62 28.20
N TRP C 132 -21.04 1.86 26.92
CA TRP C 132 -22.01 2.67 26.19
C TRP C 132 -23.31 1.97 25.99
N VAL C 133 -24.42 2.63 26.32
CA VAL C 133 -25.72 1.95 26.27
C VAL C 133 -26.14 1.54 24.86
N GLY C 134 -26.63 0.31 24.71
CA GLY C 134 -27.11 -0.22 23.46
C GLY C 134 -28.33 0.45 22.88
N GLY C 135 -28.60 0.15 21.62
CA GLY C 135 -29.55 0.90 20.83
C GLY C 135 -30.65 0.09 20.19
N GLN C 136 -30.87 -1.12 20.68
CA GLN C 136 -32.08 -1.85 20.29
C GLN C 136 -33.16 -1.30 21.20
N ALA C 137 -33.57 -0.07 20.89
CA ALA C 137 -34.33 0.74 21.80
C ALA C 137 -35.06 1.85 21.02
N GLU C 138 -35.91 2.60 21.73
CA GLU C 138 -36.65 3.68 21.07
C GLU C 138 -35.77 4.90 20.84
N TYR C 139 -34.82 5.10 21.74
CA TYR C 139 -33.93 6.25 21.70
C TYR C 139 -32.57 5.83 22.15
N VAL C 140 -31.55 6.55 21.67
CA VAL C 140 -30.19 6.26 22.03
C VAL C 140 -29.28 7.48 21.92
N LEU C 141 -28.29 7.54 22.81
CA LEU C 141 -27.24 8.53 22.78
C LEU C 141 -26.09 8.04 21.89
N VAL C 142 -25.58 8.94 21.05
CA VAL C 142 -24.37 8.79 20.27
C VAL C 142 -23.38 9.87 20.67
N PRO C 143 -22.26 9.46 21.29
CA PRO C 143 -21.24 10.45 21.59
C PRO C 143 -20.38 10.75 20.36
N TYR C 144 -19.66 11.87 20.44
CA TYR C 144 -18.76 12.34 19.37
C TYR C 144 -19.44 12.31 18.04
N ALA C 145 -20.60 12.98 17.98
CA ALA C 145 -21.52 12.82 16.88
C ALA C 145 -20.91 13.35 15.61
N ASP C 146 -20.17 14.46 15.70
CA ASP C 146 -19.59 15.06 14.51
C ASP C 146 -18.61 14.12 13.85
N PHE C 147 -17.88 13.36 14.66
CA PHE C 147 -16.87 12.44 14.18
C PHE C 147 -17.49 11.19 13.60
N ASN C 148 -18.47 10.64 14.31
CA ASN C 148 -18.86 9.27 14.05
C ASN C 148 -19.97 9.13 13.04
N LEU C 149 -20.86 10.11 12.97
CA LEU C 149 -22.10 9.90 12.24
C LEU C 149 -21.91 10.04 10.75
N LEU C 150 -22.60 9.19 9.99
CA LEU C 150 -22.74 9.29 8.54
C LEU C 150 -24.11 9.84 8.20
N LYS C 151 -24.14 11.08 7.68
CA LYS C 151 -25.37 11.67 7.19
C LYS C 151 -25.88 10.93 5.99
N LEU C 152 -27.13 10.50 6.07
CA LEU C 152 -27.81 9.95 4.92
C LEU C 152 -28.37 11.01 3.95
N PRO C 153 -28.65 10.61 2.70
CA PRO C 153 -29.11 11.58 1.67
C PRO C 153 -30.51 12.11 2.00
N ASN C 154 -31.12 12.91 1.14
CA ASN C 154 -32.44 13.43 1.46
C ASN C 154 -33.36 12.34 2.05
N ARG C 155 -34.08 12.70 3.11
CA ARG C 155 -34.94 11.73 3.80
C ARG C 155 -35.74 10.82 2.84
N GLU C 156 -36.35 11.36 1.79
CA GLU C 156 -37.16 10.51 0.90
C GLU C 156 -36.35 9.40 0.25
N ALA C 157 -35.33 9.73 -0.48
CA ALA C 157 -34.56 8.69 -1.11
C ALA C 157 -33.96 7.71 -0.09
N ALA C 158 -33.56 8.22 1.08
CA ALA C 158 -33.03 7.39 2.17
C ALA C 158 -34.06 6.39 2.72
N MET C 159 -35.27 6.89 3.02
CA MET C 159 -36.33 6.03 3.57
C MET C 159 -36.70 4.96 2.59
N GLU C 160 -36.65 5.33 1.32
CA GLU C 160 -36.95 4.41 0.25
C GLU C 160 -35.98 3.22 0.25
N LYS C 161 -34.73 3.44 0.66
CA LYS C 161 -33.76 2.36 0.69
C LYS C 161 -33.31 1.99 2.10
N ILE C 162 -34.12 2.29 3.10
CA ILE C 162 -33.78 2.04 4.50
C ILE C 162 -33.37 0.60 4.80
N ARG C 163 -34.06 -0.37 4.16
CA ARG C 163 -33.69 -1.79 4.33
C ARG C 163 -32.22 -2.06 3.99
N ASP C 164 -31.74 -1.39 2.94
CA ASP C 164 -30.32 -1.44 2.59
C ASP C 164 -29.45 -0.61 3.56
N LEU C 165 -29.84 0.64 3.79
CA LEU C 165 -29.01 1.57 4.56
C LEU C 165 -28.81 1.16 6.01
N THR C 166 -29.76 0.44 6.57
CA THR C 166 -29.59 -0.08 7.92
C THR C 166 -28.38 -1.05 8.06
N CYS C 167 -27.88 -1.56 6.95
CA CYS C 167 -26.72 -2.44 7.01
C CYS C 167 -25.39 -1.70 7.05
N LEU C 168 -25.41 -0.37 7.01
CA LEU C 168 -24.13 0.38 7.01
C LEU C 168 -23.55 0.54 8.40
N SER C 169 -24.35 0.19 9.40
CA SER C 169 -24.00 0.39 10.79
C SER C 169 -22.98 -0.64 11.20
N ASP C 170 -23.13 -1.83 10.66
CA ASP C 170 -22.34 -2.94 11.10
C ASP C 170 -22.00 -3.90 10.00
N ILE C 171 -23.00 -4.59 9.44
CA ILE C 171 -22.69 -5.79 8.66
C ILE C 171 -22.06 -5.62 7.28
N LEU C 172 -22.48 -4.62 6.51
CA LEU C 172 -21.90 -4.44 5.21
C LEU C 172 -20.45 -3.96 5.30
N PRO C 173 -20.17 -2.91 6.09
CA PRO C 173 -18.75 -2.54 6.23
C PRO C 173 -17.90 -3.65 6.79
N THR C 174 -18.44 -4.46 7.71
CA THR C 174 -17.71 -5.62 8.26
C THR C 174 -17.38 -6.67 7.21
N GLY C 175 -18.37 -7.08 6.43
CA GLY C 175 -18.16 -8.08 5.39
C GLY C 175 -17.17 -7.51 4.39
N TYR C 176 -17.27 -6.20 4.13
CA TYR C 176 -16.40 -5.50 3.21
C TYR C 176 -14.97 -5.49 3.70
N HIS C 177 -14.77 -5.19 4.99
CA HIS C 177 -13.45 -5.18 5.60
C HIS C 177 -12.83 -6.55 5.53
N GLY C 178 -13.65 -7.57 5.77
CA GLY C 178 -13.23 -8.96 5.59
C GLY C 178 -12.70 -9.26 4.20
N ALA C 179 -13.46 -8.88 3.19
CA ALA C 179 -13.04 -9.08 1.81
C ALA C 179 -11.77 -8.26 1.46
N VAL C 180 -11.72 -6.98 1.84
CA VAL C 180 -10.55 -6.21 1.43
C VAL C 180 -9.28 -6.69 2.16
N THR C 181 -9.39 -7.02 3.43
CA THR C 181 -8.19 -7.51 4.13
C THR C 181 -7.75 -8.91 3.68
N ALA C 182 -8.67 -9.65 3.04
CA ALA C 182 -8.29 -10.94 2.43
C ALA C 182 -7.74 -10.79 1.01
N GLY C 183 -7.61 -9.53 0.57
CA GLY C 183 -7.10 -9.19 -0.76
C GLY C 183 -8.02 -9.41 -1.96
N VAL C 184 -9.34 -9.43 -1.74
CA VAL C 184 -10.29 -9.66 -2.83
C VAL C 184 -10.34 -8.48 -3.80
N GLY C 185 -10.26 -8.79 -5.08
CA GLY C 185 -10.30 -7.79 -6.15
C GLY C 185 -10.83 -8.45 -7.39
N PRO C 186 -10.92 -7.68 -8.48
CA PRO C 186 -11.47 -8.21 -9.72
C PRO C 186 -10.73 -9.47 -10.14
N GLY C 187 -11.47 -10.56 -10.38
CA GLY C 187 -10.87 -11.82 -10.78
C GLY C 187 -10.52 -12.81 -9.67
N SER C 188 -10.59 -12.40 -8.40
CA SER C 188 -10.30 -13.28 -7.30
C SER C 188 -11.29 -14.42 -7.24
N THR C 189 -10.79 -15.54 -6.73
CA THR C 189 -11.64 -16.63 -6.30
C THR C 189 -11.69 -16.55 -4.79
N VAL C 190 -12.91 -16.59 -4.26
CA VAL C 190 -13.10 -16.31 -2.87
C VAL C 190 -13.82 -17.41 -2.14
N TYR C 191 -13.29 -17.76 -0.97
CA TYR C 191 -14.03 -18.60 -0.05
C TYR C 191 -14.49 -17.84 1.18
N ILE C 192 -15.77 -17.98 1.50
CA ILE C 192 -16.32 -17.33 2.68
C ILE C 192 -16.87 -18.30 3.73
N ALA C 193 -16.22 -18.36 4.90
CA ALA C 193 -16.74 -19.22 5.98
C ALA C 193 -17.89 -18.53 6.75
N GLY C 194 -19.07 -19.11 6.66
CA GLY C 194 -20.26 -18.63 7.38
C GLY C 194 -21.23 -18.02 6.38
N ALA C 195 -22.43 -18.53 6.34
CA ALA C 195 -23.53 -17.92 5.58
C ALA C 195 -24.51 -17.14 6.49
N GLY C 196 -24.05 -16.61 7.60
CA GLY C 196 -24.91 -15.73 8.36
C GLY C 196 -24.94 -14.37 7.70
N PRO C 197 -25.62 -13.41 8.32
CA PRO C 197 -25.69 -12.05 7.75
C PRO C 197 -24.31 -11.42 7.39
N VAL C 198 -23.32 -11.63 8.26
CA VAL C 198 -21.95 -11.14 8.03
C VAL C 198 -21.27 -11.91 6.88
N GLY C 199 -21.36 -13.24 6.86
CA GLY C 199 -20.84 -14.03 5.75
C GLY C 199 -21.46 -13.60 4.42
N LEU C 200 -22.78 -13.44 4.41
CA LEU C 200 -23.45 -13.00 3.20
C LEU C 200 -23.05 -11.60 2.74
N ALA C 201 -22.82 -10.71 3.69
CA ALA C 201 -22.31 -9.38 3.37
C ALA C 201 -20.88 -9.43 2.79
N ALA C 202 -20.05 -10.33 3.32
CA ALA C 202 -18.71 -10.51 2.75
C ALA C 202 -18.77 -11.05 1.31
N ALA C 203 -19.69 -11.99 1.07
CA ALA C 203 -19.95 -12.50 -0.29
C ALA C 203 -20.46 -11.38 -1.24
N ALA C 204 -21.35 -10.53 -0.76
CA ALA C 204 -21.82 -9.41 -1.55
C ALA C 204 -20.68 -8.45 -1.83
N SER C 205 -19.87 -8.22 -0.81
CA SER C 205 -18.75 -7.30 -0.95
C SER C 205 -17.78 -7.83 -1.97
N ALA C 206 -17.44 -9.13 -1.86
CA ALA C 206 -16.55 -9.78 -2.81
C ALA C 206 -17.09 -9.69 -4.23
N ARG C 207 -18.39 -9.92 -4.42
CA ARG C 207 -18.97 -9.73 -5.75
C ARG C 207 -18.80 -8.29 -6.22
N LEU C 208 -19.13 -7.34 -5.37
CA LEU C 208 -18.97 -5.94 -5.72
C LEU C 208 -17.53 -5.55 -6.04
N LEU C 209 -16.59 -6.14 -5.32
CA LEU C 209 -15.18 -5.90 -5.58
C LEU C 209 -14.69 -6.55 -6.87
N GLY C 210 -15.55 -7.36 -7.50
CA GLY C 210 -15.29 -7.88 -8.83
C GLY C 210 -14.77 -9.29 -8.87
N ALA C 211 -14.88 -10.01 -7.77
CA ALA C 211 -14.48 -11.41 -7.71
C ALA C 211 -15.06 -12.21 -8.88
N ALA C 212 -14.25 -13.12 -9.42
CA ALA C 212 -14.70 -14.08 -10.44
C ALA C 212 -15.75 -15.07 -9.90
N VAL C 213 -15.46 -15.68 -8.76
CA VAL C 213 -16.38 -16.64 -8.17
C VAL C 213 -16.30 -16.54 -6.62
N VAL C 214 -17.45 -16.68 -5.96
CA VAL C 214 -17.53 -16.58 -4.53
C VAL C 214 -18.18 -17.85 -3.99
N ILE C 215 -17.45 -18.58 -3.14
CA ILE C 215 -17.99 -19.79 -2.49
C ILE C 215 -18.28 -19.51 -1.02
N VAL C 216 -19.52 -19.78 -0.60
CA VAL C 216 -19.89 -19.59 0.79
C VAL C 216 -20.09 -20.95 1.48
N GLY C 217 -19.41 -21.13 2.60
CA GLY C 217 -19.52 -22.39 3.37
C GLY C 217 -20.31 -22.24 4.66
N ASP C 218 -21.11 -23.25 5.00
CA ASP C 218 -21.74 -23.32 6.33
C ASP C 218 -22.10 -24.75 6.64
N VAL C 219 -22.41 -25.02 7.91
CA VAL C 219 -23.03 -26.27 8.32
C VAL C 219 -24.60 -26.25 8.20
N ASN C 220 -25.17 -25.09 7.96
CA ASN C 220 -26.61 -24.89 8.00
C ASN C 220 -27.19 -24.95 6.59
N PRO C 221 -27.91 -26.03 6.25
CA PRO C 221 -28.39 -26.15 4.86
C PRO C 221 -29.44 -25.09 4.46
N THR C 222 -30.17 -24.54 5.40
CA THR C 222 -31.13 -23.53 4.97
C THR C 222 -30.44 -22.22 4.59
N ARG C 223 -29.34 -21.94 5.27
CA ARG C 223 -28.54 -20.75 4.99
C ARG C 223 -27.78 -20.90 3.70
N LEU C 224 -27.43 -22.11 3.33
CA LEU C 224 -26.77 -22.37 2.07
C LEU C 224 -27.78 -22.26 0.94
N ALA C 225 -28.99 -22.77 1.14
CA ALA C 225 -30.00 -22.64 0.12
C ALA C 225 -30.23 -21.15 -0.15
N HIS C 226 -30.18 -20.35 0.91
CA HIS C 226 -30.36 -18.92 0.75
C HIS C 226 -29.26 -18.30 -0.08
N ALA C 227 -28.02 -18.69 0.22
CA ALA C 227 -26.86 -18.18 -0.49
C ALA C 227 -26.89 -18.59 -1.95
N LYS C 228 -27.34 -19.81 -2.20
CA LYS C 228 -27.37 -20.33 -3.55
C LYS C 228 -28.45 -19.59 -4.35
N LYS C 229 -29.58 -19.32 -3.73
CA LYS C 229 -30.59 -18.54 -4.42
C LYS C 229 -30.08 -17.12 -4.72
N GLN C 230 -29.17 -16.61 -3.90
CA GLN C 230 -28.55 -15.30 -4.19
C GLN C 230 -27.41 -15.32 -5.22
N GLY C 231 -27.16 -16.47 -5.85
CA GLY C 231 -26.17 -16.54 -6.93
C GLY C 231 -24.76 -16.98 -6.55
N PHE C 232 -24.54 -17.31 -5.28
CA PHE C 232 -23.22 -17.74 -4.80
C PHE C 232 -23.03 -19.24 -4.88
N GLU C 233 -21.78 -19.65 -4.91
CA GLU C 233 -21.48 -21.05 -4.83
C GLU C 233 -21.49 -21.47 -3.39
N ILE C 234 -21.79 -22.72 -3.14
CA ILE C 234 -21.82 -23.17 -1.77
C ILE C 234 -20.94 -24.37 -1.43
N ALA C 235 -20.49 -24.44 -0.18
CA ALA C 235 -19.86 -25.65 0.32
C ALA C 235 -20.63 -26.08 1.55
N ASP C 236 -21.13 -27.31 1.56
CA ASP C 236 -21.89 -27.86 2.69
C ASP C 236 -21.02 -28.65 3.67
N LEU C 237 -20.72 -28.02 4.81
CA LEU C 237 -19.80 -28.61 5.76
C LEU C 237 -20.48 -29.62 6.67
N SER C 238 -21.74 -29.93 6.39
CA SER C 238 -22.45 -30.98 7.16
C SER C 238 -22.44 -32.34 6.45
N LYS C 239 -22.13 -32.29 5.16
CA LYS C 239 -21.94 -33.50 4.36
C LYS C 239 -20.59 -34.06 4.69
N ASP C 240 -20.32 -35.29 4.28
CA ASP C 240 -19.08 -35.91 4.65
C ASP C 240 -17.87 -35.55 3.81
N THR C 241 -18.14 -35.06 2.60
CA THR C 241 -17.12 -34.60 1.67
C THR C 241 -16.39 -33.41 2.24
N PRO C 242 -15.07 -33.48 2.26
CA PRO C 242 -14.25 -32.44 2.80
C PRO C 242 -14.30 -31.16 1.97
N LEU C 243 -14.13 -30.02 2.66
CA LEU C 243 -14.11 -28.73 2.00
C LEU C 243 -13.22 -28.72 0.75
N HIS C 244 -12.01 -29.29 0.88
CA HIS C 244 -11.02 -29.35 -0.19
C HIS C 244 -11.56 -29.91 -1.44
N GLU C 245 -12.27 -31.00 -1.27
CA GLU C 245 -12.91 -31.72 -2.32
C GLU C 245 -14.08 -30.92 -2.92
N GLN C 246 -14.87 -30.26 -2.08
CA GLN C 246 -15.99 -29.45 -2.54
C GLN C 246 -15.53 -28.27 -3.43
N ILE C 247 -14.49 -27.59 -2.96
CA ILE C 247 -13.88 -26.51 -3.72
C ILE C 247 -13.27 -27.00 -5.02
N ALA C 248 -12.59 -28.13 -5.01
CA ALA C 248 -11.97 -28.62 -6.22
C ALA C 248 -13.00 -28.98 -7.28
N ALA C 249 -14.17 -29.48 -6.85
CA ALA C 249 -15.23 -29.89 -7.80
C ALA C 249 -15.73 -28.65 -8.47
N LEU C 250 -15.72 -27.53 -7.74
CA LEU C 250 -16.17 -26.26 -8.28
C LEU C 250 -15.14 -25.54 -9.15
N LEU C 251 -13.90 -25.51 -8.69
CA LEU C 251 -12.84 -24.69 -9.34
C LEU C 251 -11.81 -25.46 -10.16
N GLY C 252 -11.67 -26.74 -9.87
CA GLY C 252 -10.72 -27.60 -10.56
C GLY C 252 -9.36 -27.52 -9.90
N GLU C 253 -9.33 -27.00 -8.69
CA GLU C 253 -8.17 -27.08 -7.82
C GLU C 253 -8.70 -26.87 -6.41
N PRO C 254 -7.96 -27.36 -5.40
CA PRO C 254 -8.50 -27.35 -4.05
C PRO C 254 -8.23 -26.05 -3.28
N GLU C 255 -8.12 -24.92 -3.97
CA GLU C 255 -7.74 -23.67 -3.33
C GLU C 255 -8.32 -22.41 -3.90
N VAL C 256 -8.29 -21.38 -3.07
CA VAL C 256 -8.80 -20.08 -3.44
C VAL C 256 -7.73 -18.99 -3.27
N ASP C 257 -7.95 -17.86 -3.95
CA ASP C 257 -7.09 -16.70 -3.79
C ASP C 257 -7.22 -16.04 -2.43
N CYS C 258 -8.45 -16.02 -1.91
CA CYS C 258 -8.80 -15.21 -0.73
C CYS C 258 -9.84 -15.91 0.11
N ALA C 259 -9.62 -15.89 1.42
CA ALA C 259 -10.54 -16.52 2.35
C ALA C 259 -10.89 -15.60 3.48
N VAL C 260 -12.16 -15.62 3.85
CA VAL C 260 -12.70 -14.81 4.93
C VAL C 260 -13.35 -15.70 5.98
N ASP C 261 -12.93 -15.56 7.25
CA ASP C 261 -13.57 -16.23 8.40
C ASP C 261 -14.70 -15.36 8.97
N ALA C 262 -15.95 -15.65 8.58
CA ALA C 262 -17.09 -14.93 9.13
C ALA C 262 -17.88 -15.83 10.09
N VAL C 263 -17.16 -16.62 10.91
CA VAL C 263 -17.76 -17.55 11.91
C VAL C 263 -17.37 -17.18 13.32
N GLY C 264 -16.07 -17.16 13.63
CA GLY C 264 -15.61 -16.86 14.99
C GLY C 264 -15.73 -18.01 16.02
N PHE C 265 -15.73 -17.67 17.31
CA PHE C 265 -15.37 -18.63 18.37
C PHE C 265 -16.39 -19.73 18.69
N GLU C 266 -17.57 -19.68 18.07
CA GLU C 266 -18.57 -20.75 18.22
C GLU C 266 -18.57 -21.66 17.00
N ALA C 267 -17.41 -21.77 16.36
CA ALA C 267 -17.27 -22.62 15.17
C ALA C 267 -17.58 -24.08 15.48
N ARG C 268 -18.28 -24.71 14.55
CA ARG C 268 -18.46 -26.15 14.55
C ARG C 268 -17.38 -26.80 13.66
N GLY C 269 -17.14 -28.09 13.86
CA GLY C 269 -16.34 -28.88 12.93
C GLY C 269 -17.11 -29.26 11.67
N HIS C 270 -16.50 -30.10 10.83
CA HIS C 270 -17.14 -30.51 9.58
C HIS C 270 -17.54 -31.95 9.53
N GLY C 271 -18.55 -32.28 8.73
CA GLY C 271 -18.96 -33.66 8.53
C GLY C 271 -20.19 -34.03 9.34
N HIS C 272 -20.67 -35.26 9.17
CA HIS C 272 -21.95 -35.62 9.77
C HIS C 272 -21.95 -35.42 11.23
N SER C 273 -20.90 -35.89 11.88
CA SER C 273 -20.87 -35.75 13.31
C SER C 273 -20.05 -34.53 13.71
N GLY C 274 -18.96 -34.25 13.02
CA GLY C 274 -18.19 -33.03 13.26
C GLY C 274 -18.99 -31.73 13.34
N SER C 275 -20.02 -31.57 12.50
CA SER C 275 -20.85 -30.35 12.48
C SER C 275 -21.76 -30.21 13.71
N GLN C 276 -21.80 -31.27 14.52
CA GLN C 276 -22.56 -31.30 15.76
C GLN C 276 -21.62 -31.12 16.95
N GLN C 277 -20.38 -30.76 16.66
CA GLN C 277 -19.41 -30.54 17.69
C GLN C 277 -18.83 -29.15 17.57
N GLU C 278 -18.64 -28.51 18.70
CA GLU C 278 -18.02 -27.23 18.78
C GLU C 278 -16.52 -27.46 18.75
N ALA C 279 -15.83 -26.67 17.93
CA ALA C 279 -14.42 -26.85 17.71
C ALA C 279 -13.89 -25.56 17.16
N PRO C 280 -13.55 -24.64 18.05
CA PRO C 280 -13.39 -23.22 17.70
C PRO C 280 -12.18 -22.90 16.81
N ALA C 281 -11.23 -23.84 16.69
CA ALA C 281 -10.08 -23.65 15.79
C ALA C 281 -10.35 -24.07 14.34
N THR C 282 -11.51 -24.64 14.09
CA THR C 282 -11.81 -25.30 12.82
C THR C 282 -11.69 -24.38 11.63
N VAL C 283 -12.32 -23.22 11.71
CA VAL C 283 -12.35 -22.35 10.55
C VAL C 283 -10.95 -21.85 10.23
N LEU C 284 -10.28 -21.29 11.22
CA LEU C 284 -8.88 -20.89 11.07
C LEU C 284 -8.01 -21.97 10.38
N ASN C 285 -8.06 -23.21 10.87
CA ASN C 285 -7.26 -24.29 10.33
C ASN C 285 -7.66 -24.65 8.92
N SER C 286 -8.95 -24.69 8.64
CA SER C 286 -9.35 -25.00 7.27
C SER C 286 -9.04 -23.87 6.28
N LEU C 287 -9.07 -22.61 6.72
CA LEU C 287 -8.74 -21.53 5.81
C LEU C 287 -7.25 -21.52 5.44
N MET C 288 -6.39 -21.86 6.40
CA MET C 288 -4.97 -22.05 6.08
C MET C 288 -4.76 -23.19 5.06
N GLY C 289 -5.63 -24.19 5.13
CA GLY C 289 -5.65 -25.29 4.18
C GLY C 289 -6.09 -24.92 2.78
N ILE C 290 -7.10 -24.08 2.63
CA ILE C 290 -7.57 -23.78 1.26
C ILE C 290 -7.05 -22.51 0.59
N THR C 291 -6.35 -21.66 1.32
CA THR C 291 -5.89 -20.41 0.74
C THR C 291 -4.56 -20.62 0.14
N ARG C 292 -4.39 -20.17 -1.09
CA ARG C 292 -3.16 -20.45 -1.79
C ARG C 292 -1.92 -19.78 -1.13
N VAL C 293 -0.72 -20.25 -1.47
CA VAL C 293 0.48 -19.63 -0.97
C VAL C 293 0.52 -18.13 -1.19
N ALA C 294 1.08 -17.43 -0.21
CA ALA C 294 1.13 -15.94 -0.22
C ALA C 294 -0.27 -15.28 -0.18
N GLY C 295 -1.32 -16.06 -0.02
CA GLY C 295 -2.62 -15.47 0.17
C GLY C 295 -2.78 -14.74 1.50
N LYS C 296 -3.92 -14.05 1.61
CA LYS C 296 -4.26 -13.32 2.83
C LYS C 296 -5.55 -13.90 3.40
N ILE C 297 -5.62 -14.04 4.73
CA ILE C 297 -6.81 -14.43 5.43
C ILE C 297 -7.46 -13.28 6.18
N GLY C 298 -8.69 -12.92 5.82
CA GLY C 298 -9.47 -11.90 6.53
C GLY C 298 -10.33 -12.55 7.62
N ILE C 299 -10.32 -12.00 8.82
CA ILE C 299 -11.09 -12.62 9.93
C ILE C 299 -12.01 -11.64 10.64
N PRO C 300 -13.20 -11.38 10.06
CA PRO C 300 -14.15 -10.54 10.78
C PRO C 300 -14.88 -11.28 11.91
N GLY C 301 -14.96 -12.61 11.86
CA GLY C 301 -15.54 -13.42 12.95
C GLY C 301 -14.96 -13.08 14.31
N LEU C 302 -15.76 -13.10 15.35
CA LEU C 302 -15.25 -12.63 16.63
C LEU C 302 -14.47 -13.66 17.44
N TYR C 303 -13.33 -13.27 17.98
CA TYR C 303 -12.60 -14.17 18.89
C TYR C 303 -12.35 -13.40 20.15
N VAL C 304 -12.57 -14.06 21.29
CA VAL C 304 -12.59 -13.42 22.60
C VAL C 304 -11.51 -13.93 23.52
N THR C 305 -11.20 -13.09 24.50
CA THR C 305 -10.19 -13.37 25.50
C THR C 305 -10.76 -14.34 26.57
N GLU C 306 -12.09 -14.45 26.64
CA GLU C 306 -12.76 -15.28 27.65
C GLU C 306 -14.10 -15.84 27.20
N ASP C 307 -14.22 -17.16 27.15
CA ASP C 307 -15.51 -17.83 26.81
C ASP C 307 -15.93 -18.78 27.93
N PRO C 308 -16.92 -18.35 28.77
CA PRO C 308 -17.40 -19.17 29.90
C PRO C 308 -17.98 -20.53 29.49
N GLY C 309 -18.45 -20.63 28.25
CA GLY C 309 -19.11 -21.85 27.79
C GLY C 309 -18.28 -22.67 26.83
N ALA C 310 -16.99 -22.37 26.77
CA ALA C 310 -16.15 -22.91 25.75
C ALA C 310 -15.89 -24.36 26.05
N VAL C 311 -15.33 -25.00 25.05
CA VAL C 311 -15.17 -26.44 25.08
C VAL C 311 -14.12 -26.96 26.08
N ASP C 312 -13.07 -26.19 26.40
CA ASP C 312 -12.03 -26.70 27.33
C ASP C 312 -11.19 -25.60 28.02
N ALA C 313 -10.39 -25.94 29.03
CA ALA C 313 -9.65 -24.89 29.78
C ALA C 313 -8.99 -23.81 28.91
N ALA C 314 -8.24 -24.24 27.91
CA ALA C 314 -7.54 -23.34 26.97
C ALA C 314 -8.51 -22.41 26.26
N ALA C 315 -9.60 -22.98 25.76
CA ALA C 315 -10.57 -22.21 25.02
C ALA C 315 -11.32 -21.22 25.91
N LYS C 316 -11.39 -21.49 27.23
CA LYS C 316 -12.07 -20.57 28.16
C LYS C 316 -11.30 -19.28 28.19
N HIS C 317 -10.01 -19.37 27.90
CA HIS C 317 -9.13 -18.21 27.88
C HIS C 317 -8.69 -17.79 26.51
N GLY C 318 -9.39 -18.22 25.46
CA GLY C 318 -9.13 -17.73 24.10
C GLY C 318 -7.88 -18.28 23.41
N ALA C 319 -7.39 -19.41 23.92
CA ALA C 319 -6.29 -20.14 23.31
C ALA C 319 -6.83 -21.25 22.44
N LEU C 320 -6.43 -21.27 21.18
CA LEU C 320 -6.88 -22.31 20.24
C LEU C 320 -5.69 -23.13 19.75
N SER C 321 -5.95 -24.37 19.38
CA SER C 321 -4.94 -25.26 18.84
C SER C 321 -4.88 -25.03 17.34
N ILE C 322 -4.00 -24.10 16.92
CA ILE C 322 -4.01 -23.61 15.54
C ILE C 322 -2.79 -24.14 14.80
N ARG C 323 -3.02 -24.70 13.62
CA ARG C 323 -1.95 -25.33 12.83
C ARG C 323 -1.11 -24.26 12.15
N PHE C 324 -0.42 -23.45 12.95
CA PHE C 324 0.35 -22.30 12.47
C PHE C 324 1.48 -22.67 11.50
N GLY C 325 2.07 -23.84 11.65
CA GLY C 325 3.16 -24.24 10.75
C GLY C 325 2.69 -24.32 9.32
N LEU C 326 1.40 -24.60 9.12
CA LEU C 326 0.83 -24.71 7.80
C LEU C 326 0.70 -23.33 7.19
N GLY C 327 0.12 -22.39 7.94
CA GLY C 327 0.01 -21.03 7.48
C GLY C 327 1.38 -20.48 7.14
N TRP C 328 2.34 -20.76 8.00
CA TRP C 328 3.68 -20.27 7.86
C TRP C 328 4.32 -20.83 6.61
N ALA C 329 4.17 -22.14 6.40
CA ALA C 329 4.71 -22.78 5.21
C ALA C 329 4.06 -22.23 3.92
N LYS C 330 2.87 -21.65 4.06
CA LYS C 330 2.19 -21.11 2.90
C LYS C 330 2.33 -19.59 2.79
N SER C 331 3.10 -18.99 3.72
CA SER C 331 3.34 -17.56 3.69
C SER C 331 2.01 -16.79 3.83
N HIS C 332 1.17 -17.21 4.75
CA HIS C 332 -0.08 -16.54 4.89
C HIS C 332 0.05 -15.39 5.79
N SER C 333 -0.71 -14.34 5.59
CA SER C 333 -0.83 -13.28 6.56
C SER C 333 -2.28 -13.24 7.06
N PHE C 334 -2.51 -12.73 8.26
CA PHE C 334 -3.82 -12.86 8.86
C PHE C 334 -4.16 -11.52 9.39
N HIS C 335 -5.42 -11.14 9.22
CA HIS C 335 -5.90 -9.82 9.66
C HIS C 335 -7.16 -9.98 10.47
N THR C 336 -7.21 -9.29 11.61
CA THR C 336 -8.16 -9.62 12.66
C THR C 336 -8.77 -8.34 13.26
N GLY C 337 -9.86 -8.51 14.02
CA GLY C 337 -10.37 -7.43 14.85
C GLY C 337 -11.66 -6.75 14.45
N GLN C 338 -12.13 -5.89 15.33
CA GLN C 338 -13.37 -5.16 15.08
C GLN C 338 -13.20 -4.30 13.83
N THR C 339 -14.27 -4.25 13.05
CA THR C 339 -14.27 -3.44 11.85
C THR C 339 -14.20 -1.96 12.17
N PRO C 340 -13.25 -1.22 11.56
CA PRO C 340 -13.35 0.25 11.59
C PRO C 340 -14.40 0.71 10.54
N VAL C 341 -15.63 0.76 10.98
CA VAL C 341 -16.78 0.96 10.06
C VAL C 341 -16.67 2.23 9.23
N MET C 342 -16.26 3.32 9.87
CA MET C 342 -16.09 4.63 9.22
C MET C 342 -15.17 4.65 8.02
N LYS C 343 -14.23 3.73 7.98
CA LYS C 343 -13.32 3.69 6.87
C LYS C 343 -14.07 3.46 5.53
N TYR C 344 -15.22 2.78 5.55
CA TYR C 344 -15.84 2.28 4.32
C TYR C 344 -17.27 2.70 4.08
N ASN C 345 -17.86 3.24 5.13
CA ASN C 345 -19.29 3.44 5.16
C ASN C 345 -19.80 4.47 4.14
N ARG C 346 -19.01 5.48 3.82
CA ARG C 346 -19.47 6.46 2.84
C ARG C 346 -19.46 5.90 1.45
N GLN C 347 -18.42 5.20 1.03
CA GLN C 347 -18.47 4.62 -0.30
C GLN C 347 -19.50 3.48 -0.40
N LEU C 348 -19.72 2.75 0.69
CA LEU C 348 -20.74 1.71 0.65
C LEU C 348 -22.10 2.30 0.49
N MET C 349 -22.32 3.48 1.07
CA MET C 349 -23.59 4.19 0.90
C MET C 349 -23.81 4.54 -0.54
N GLN C 350 -22.79 5.14 -1.17
CA GLN C 350 -22.79 5.44 -2.61
C GLN C 350 -23.18 4.20 -3.41
N ALA C 351 -22.58 3.07 -3.10
CA ALA C 351 -22.90 1.82 -3.79
C ALA C 351 -24.37 1.45 -3.65
N ILE C 352 -24.90 1.56 -2.44
CA ILE C 352 -26.30 1.24 -2.26
C ILE C 352 -27.22 2.23 -3.00
N MET C 353 -26.93 3.52 -2.86
CA MET C 353 -27.73 4.53 -3.50
C MET C 353 -27.66 4.43 -5.03
N TRP C 354 -26.58 3.94 -5.57
CA TRP C 354 -26.43 3.84 -7.00
C TRP C 354 -26.79 2.48 -7.54
N ASP C 355 -27.49 1.68 -6.72
CA ASP C 355 -27.94 0.31 -7.06
C ASP C 355 -26.82 -0.63 -7.47
N ARG C 356 -25.64 -0.49 -6.89
CA ARG C 356 -24.56 -1.40 -7.21
C ARG C 356 -24.59 -2.63 -6.29
N ILE C 357 -25.29 -2.51 -5.16
CA ILE C 357 -25.35 -3.62 -4.23
C ILE C 357 -26.69 -3.71 -3.52
N LYS C 358 -27.37 -4.82 -3.78
CA LYS C 358 -28.67 -5.12 -3.20
C LYS C 358 -28.50 -5.88 -1.88
N ILE C 359 -28.04 -5.18 -0.85
CA ILE C 359 -27.57 -5.90 0.33
C ILE C 359 -28.72 -6.49 1.12
N ALA C 360 -29.83 -5.77 1.16
CA ALA C 360 -30.99 -6.19 1.92
C ALA C 360 -31.52 -7.52 1.40
N ASP C 361 -31.69 -7.64 0.07
CA ASP C 361 -32.04 -8.92 -0.56
C ASP C 361 -31.03 -10.03 -0.22
N ILE C 362 -29.74 -9.69 -0.21
CA ILE C 362 -28.67 -10.69 -0.07
C ILE C 362 -28.66 -11.30 1.30
N VAL C 363 -28.76 -10.46 2.33
CA VAL C 363 -28.68 -10.95 3.71
C VAL C 363 -30.06 -11.38 4.23
N GLY C 364 -31.13 -11.07 3.48
CA GLY C 364 -32.51 -11.48 3.83
C GLY C 364 -33.12 -10.68 4.96
N VAL C 365 -33.10 -9.36 4.79
CA VAL C 365 -33.65 -8.41 5.76
C VAL C 365 -35.09 -8.74 6.07
N GLU C 366 -35.41 -8.82 7.37
CA GLU C 366 -36.82 -8.90 7.81
C GLU C 366 -37.15 -7.81 8.82
N VAL C 367 -38.19 -7.01 8.59
CA VAL C 367 -38.49 -5.88 9.47
C VAL C 367 -39.54 -6.27 10.49
N ILE C 368 -39.23 -6.05 11.77
CA ILE C 368 -40.06 -6.49 12.91
C ILE C 368 -40.35 -5.33 13.88
N THR C 369 -41.33 -5.52 14.75
CA THR C 369 -41.64 -4.53 15.79
C THR C 369 -40.68 -4.74 16.95
N LEU C 370 -40.55 -3.73 17.80
CA LEU C 370 -39.74 -3.88 19.00
C LEU C 370 -40.27 -5.01 19.91
N ASP C 371 -41.58 -5.18 20.04
CA ASP C 371 -42.10 -6.29 20.84
C ASP C 371 -41.82 -7.65 20.26
N ASP C 372 -41.59 -7.72 18.95
CA ASP C 372 -41.16 -8.98 18.36
C ASP C 372 -39.68 -9.26 18.47
N ALA C 373 -38.90 -8.34 19.01
CA ALA C 373 -37.45 -8.54 19.07
C ALA C 373 -37.01 -9.85 19.75
N PRO C 374 -37.53 -10.14 20.98
CA PRO C 374 -37.16 -11.41 21.62
C PRO C 374 -37.41 -12.63 20.70
N LYS C 375 -38.59 -12.66 20.07
CA LYS C 375 -38.93 -13.67 19.09
C LYS C 375 -37.93 -13.70 17.93
N GLY C 376 -37.53 -12.53 17.45
CA GLY C 376 -36.54 -12.37 16.39
C GLY C 376 -35.20 -13.00 16.76
N TYR C 377 -34.73 -12.72 17.97
CA TYR C 377 -33.56 -13.40 18.50
C TYR C 377 -33.75 -14.90 18.46
N GLY C 378 -34.93 -15.39 18.83
CA GLY C 378 -35.20 -16.80 18.84
C GLY C 378 -35.09 -17.43 17.46
N GLU C 379 -35.63 -16.76 16.45
CA GLU C 379 -35.61 -17.34 15.11
C GLU C 379 -34.19 -17.31 14.59
N PHE C 380 -33.53 -16.18 14.77
CA PHE C 380 -32.11 -16.03 14.45
C PHE C 380 -31.25 -17.13 15.10
N ASP C 381 -31.48 -17.40 16.38
CA ASP C 381 -30.76 -18.45 17.08
C ASP C 381 -31.02 -19.84 16.50
N ALA C 382 -32.25 -20.05 16.05
CA ALA C 382 -32.63 -21.31 15.45
C ALA C 382 -32.11 -21.47 14.00
N GLY C 383 -31.25 -20.53 13.59
CA GLY C 383 -30.57 -20.61 12.30
C GLY C 383 -31.26 -20.05 11.07
N VAL C 384 -32.32 -19.27 11.22
CA VAL C 384 -33.00 -18.79 10.02
C VAL C 384 -32.08 -17.92 9.16
N PRO C 385 -32.20 -18.06 7.83
CA PRO C 385 -31.38 -17.25 6.93
C PRO C 385 -31.89 -15.83 6.80
N LYS C 386 -31.89 -15.09 7.91
CA LYS C 386 -32.42 -13.73 7.91
C LYS C 386 -31.56 -12.78 8.70
N LYS C 387 -31.70 -11.50 8.35
CA LYS C 387 -31.20 -10.40 9.12
C LYS C 387 -32.34 -9.55 9.71
N PHE C 388 -32.58 -9.66 11.01
CA PHE C 388 -33.71 -8.98 11.61
C PHE C 388 -33.47 -7.49 11.87
N VAL C 389 -34.33 -6.66 11.28
CA VAL C 389 -34.31 -5.20 11.48
C VAL C 389 -35.51 -4.70 12.31
N ILE C 390 -35.22 -4.12 13.47
CA ILE C 390 -36.32 -3.59 14.31
C ILE C 390 -36.68 -2.18 13.88
N ASP C 391 -37.95 -1.97 13.59
CA ASP C 391 -38.53 -0.63 13.33
C ASP C 391 -39.32 -0.20 14.60
N PRO C 392 -38.64 0.40 15.61
CA PRO C 392 -39.33 0.57 16.90
C PRO C 392 -40.46 1.60 16.94
N HIS C 393 -40.42 2.60 16.05
CA HIS C 393 -41.51 3.55 16.02
C HIS C 393 -42.47 3.31 14.90
N ASN C 394 -42.40 2.14 14.27
CA ASN C 394 -43.28 1.85 13.11
C ASN C 394 -43.23 2.93 12.01
N LEU C 395 -42.03 3.38 11.68
CA LEU C 395 -41.86 4.49 10.74
C LEU C 395 -41.94 4.07 9.28
N PHE C 396 -41.59 2.83 8.98
CA PHE C 396 -41.52 2.44 7.58
C PHE C 396 -42.15 1.11 7.24
N ARG C 397 -42.21 0.23 8.23
CA ARG C 397 -42.95 -1.03 8.15
C ARG C 397 -44.42 -0.82 7.75
N GLY D 3 37.42 -33.10 -6.98
CA GLY D 3 36.10 -32.67 -7.46
C GLY D 3 35.54 -31.51 -6.63
N ASN D 4 35.00 -31.84 -5.45
CA ASN D 4 34.17 -30.95 -4.61
C ASN D 4 34.04 -31.58 -3.23
N ARG D 5 33.72 -30.80 -2.20
CA ARG D 5 33.41 -31.38 -0.90
C ARG D 5 32.58 -30.42 -0.07
N GLY D 6 31.87 -30.93 0.93
CA GLY D 6 30.97 -30.05 1.70
C GLY D 6 30.39 -30.73 2.92
N VAL D 7 29.48 -30.02 3.59
CA VAL D 7 28.99 -30.42 4.89
C VAL D 7 27.81 -31.33 4.68
N VAL D 8 27.87 -32.50 5.30
CA VAL D 8 26.84 -33.50 5.17
C VAL D 8 26.22 -33.81 6.52
N TYR D 9 24.90 -33.88 6.52
CA TYR D 9 24.15 -34.24 7.69
C TYR D 9 24.07 -35.76 7.84
N LEU D 10 24.39 -36.26 9.04
CA LEU D 10 24.44 -37.70 9.23
C LEU D 10 23.46 -38.26 10.23
N GLY D 11 22.54 -37.42 10.72
CA GLY D 11 21.59 -37.82 11.75
C GLY D 11 21.74 -36.89 12.94
N PRO D 12 20.75 -36.93 13.86
CA PRO D 12 20.63 -35.97 14.92
C PRO D 12 21.97 -35.64 15.59
N GLY D 13 22.36 -34.37 15.51
CA GLY D 13 23.57 -33.88 16.17
C GLY D 13 24.86 -34.26 15.49
N LYS D 14 24.78 -34.85 14.31
CA LYS D 14 25.99 -35.27 13.61
C LYS D 14 26.20 -34.60 12.25
N VAL D 15 27.25 -33.81 12.08
CA VAL D 15 27.67 -33.43 10.72
C VAL D 15 29.15 -33.75 10.46
N GLU D 16 29.47 -34.06 9.19
CA GLU D 16 30.87 -34.07 8.75
C GLU D 16 31.10 -33.61 7.33
N VAL D 17 32.31 -33.11 7.11
CA VAL D 17 32.75 -32.69 5.81
C VAL D 17 33.13 -33.93 5.00
N GLN D 18 32.52 -34.07 3.82
CA GLN D 18 32.78 -35.20 2.91
C GLN D 18 33.07 -34.78 1.46
N ASN D 19 33.76 -35.64 0.71
CA ASN D 19 33.78 -35.53 -0.74
C ASN D 19 32.37 -35.69 -1.29
N ILE D 20 31.98 -34.79 -2.20
CA ILE D 20 30.68 -34.83 -2.84
C ILE D 20 30.87 -34.57 -4.32
N PRO D 21 29.89 -34.97 -5.17
CA PRO D 21 30.04 -34.73 -6.63
C PRO D 21 30.22 -33.24 -6.98
N TYR D 22 31.05 -32.98 -7.99
CA TYR D 22 31.01 -31.67 -8.63
C TYR D 22 29.59 -31.38 -9.17
N PRO D 23 29.17 -30.11 -9.12
CA PRO D 23 27.83 -29.79 -9.59
C PRO D 23 27.68 -30.07 -11.09
N LYS D 24 26.48 -30.53 -11.45
CA LYS D 24 26.09 -30.79 -12.83
C LYS D 24 25.04 -29.80 -13.32
N MET D 25 24.99 -29.56 -14.63
CA MET D 25 24.01 -28.63 -15.22
C MET D 25 22.66 -29.33 -15.39
N GLN D 26 22.13 -29.79 -14.27
CA GLN D 26 20.84 -30.41 -14.30
C GLN D 26 20.07 -30.13 -13.03
N ASP D 27 18.77 -30.31 -13.10
CA ASP D 27 17.96 -30.08 -11.92
C ASP D 27 18.03 -31.32 -10.97
N PRO D 28 17.35 -31.27 -9.81
CA PRO D 28 17.26 -32.43 -8.91
C PRO D 28 16.59 -33.66 -9.52
N GLN D 29 15.85 -33.50 -10.63
CA GLN D 29 15.31 -34.67 -11.36
C GLN D 29 16.27 -35.19 -12.42
N GLY D 30 17.43 -34.59 -12.55
CA GLY D 30 18.40 -35.02 -13.55
C GLY D 30 18.21 -34.50 -14.97
N ARG D 31 17.24 -33.61 -15.18
CA ARG D 31 17.10 -32.98 -16.51
C ARG D 31 18.11 -31.88 -16.67
N GLN D 32 18.64 -31.78 -17.88
CA GLN D 32 19.62 -30.77 -18.19
C GLN D 32 19.01 -29.40 -18.08
N ILE D 33 19.78 -28.46 -17.57
CA ILE D 33 19.33 -27.10 -17.63
C ILE D 33 20.29 -26.24 -18.44
N ASP D 34 19.71 -25.32 -19.22
CA ASP D 34 20.45 -24.27 -19.93
C ASP D 34 20.63 -23.00 -19.12
N HIS D 35 19.86 -22.82 -18.04
CA HIS D 35 19.77 -21.55 -17.34
C HIS D 35 20.62 -21.40 -16.11
N GLY D 36 21.46 -22.37 -15.80
CA GLY D 36 22.13 -22.34 -14.51
C GLY D 36 23.54 -21.84 -14.59
N VAL D 37 24.14 -21.53 -13.44
CA VAL D 37 25.59 -21.33 -13.41
C VAL D 37 26.18 -22.21 -12.35
N ILE D 38 27.46 -22.52 -12.46
CA ILE D 38 28.19 -23.19 -11.38
C ILE D 38 29.12 -22.17 -10.74
N LEU D 39 29.11 -22.11 -9.40
CA LEU D 39 29.95 -21.17 -8.67
C LEU D 39 31.05 -21.86 -7.90
N ARG D 40 32.23 -21.26 -7.92
CA ARG D 40 33.18 -21.53 -6.86
C ARG D 40 32.64 -20.76 -5.67
N VAL D 41 32.52 -21.42 -4.54
CA VAL D 41 31.96 -20.77 -3.37
C VAL D 41 33.06 -19.93 -2.70
N VAL D 42 32.79 -18.62 -2.57
CA VAL D 42 33.69 -17.67 -1.90
C VAL D 42 33.43 -17.66 -0.38
N SER D 43 32.17 -17.41 0.01
CA SER D 43 31.73 -17.49 1.42
C SER D 43 30.41 -18.23 1.53
N THR D 44 30.22 -18.94 2.64
CA THR D 44 29.02 -19.75 2.79
C THR D 44 28.67 -19.93 4.29
N ASN D 45 27.48 -19.47 4.68
CA ASN D 45 27.17 -19.38 6.12
C ASN D 45 26.35 -20.51 6.71
N ILE D 46 26.47 -20.61 8.04
CA ILE D 46 25.68 -21.51 8.86
C ILE D 46 24.53 -20.73 9.48
N CYS D 47 23.33 -21.30 9.34
CA CYS D 47 22.08 -20.70 9.75
C CYS D 47 21.36 -21.47 10.88
N GLY D 48 20.58 -20.74 11.68
CA GLY D 48 19.64 -21.36 12.63
C GLY D 48 18.72 -22.39 11.98
N SER D 49 18.39 -22.22 10.71
CA SER D 49 17.57 -23.19 10.00
C SER D 49 18.34 -24.48 9.85
N ASP D 50 19.66 -24.35 9.63
CA ASP D 50 20.54 -25.52 9.49
C ASP D 50 20.54 -26.30 10.80
N GLN D 51 20.54 -25.54 11.88
CA GLN D 51 20.52 -26.11 13.21
C GLN D 51 19.26 -26.89 13.51
N HIS D 52 18.12 -26.39 13.08
CA HIS D 52 16.88 -27.15 13.22
C HIS D 52 17.05 -28.53 12.61
N MET D 53 17.67 -28.60 11.45
CA MET D 53 17.81 -29.86 10.75
C MET D 53 18.82 -30.77 11.43
N VAL D 54 19.96 -30.21 11.80
CA VAL D 54 21.00 -30.98 12.47
C VAL D 54 20.50 -31.57 13.77
N ARG D 55 19.70 -30.81 14.51
CA ARG D 55 19.15 -31.29 15.78
C ARG D 55 18.18 -32.43 15.63
N GLY D 56 17.82 -32.75 14.39
CA GLY D 56 16.83 -33.78 14.10
C GLY D 56 15.41 -33.31 14.33
N ARG D 57 15.17 -32.00 14.24
CA ARG D 57 13.85 -31.39 14.47
C ARG D 57 13.02 -31.13 13.19
N THR D 58 13.51 -31.67 12.08
CA THR D 58 12.78 -31.64 10.82
C THR D 58 12.85 -33.02 10.22
N THR D 59 12.16 -33.20 9.09
CA THR D 59 12.18 -34.49 8.40
C THR D 59 13.36 -34.67 7.46
N ALA D 60 14.38 -33.83 7.57
CA ALA D 60 15.60 -33.96 6.75
C ALA D 60 16.28 -35.34 6.78
N PRO D 61 16.60 -35.90 5.60
CA PRO D 61 17.22 -37.20 5.45
C PRO D 61 18.71 -37.20 5.70
N GLU D 62 19.23 -38.30 6.22
CA GLU D 62 20.68 -38.53 6.28
C GLU D 62 21.24 -38.33 4.90
N GLY D 63 22.43 -37.73 4.84
CA GLY D 63 23.16 -37.60 3.57
C GLY D 63 22.99 -36.27 2.89
N LEU D 64 22.06 -35.46 3.41
CA LEU D 64 21.77 -34.14 2.85
C LEU D 64 23.00 -33.22 2.96
N VAL D 65 23.38 -32.65 1.83
CA VAL D 65 24.42 -31.64 1.78
C VAL D 65 23.82 -30.32 2.24
N LEU D 66 24.44 -29.72 3.26
CA LEU D 66 23.85 -28.55 3.90
C LEU D 66 24.26 -27.22 3.29
N GLY D 67 23.48 -26.18 3.56
CA GLY D 67 23.88 -24.79 3.28
C GLY D 67 23.10 -24.04 2.22
N HIS D 68 22.56 -22.87 2.58
CA HIS D 68 21.72 -22.10 1.65
C HIS D 68 22.08 -20.64 1.65
N GLU D 69 23.24 -20.31 2.23
CA GLU D 69 23.69 -18.92 2.34
C GLU D 69 25.02 -18.74 1.63
N ILE D 70 24.93 -18.56 0.31
CA ILE D 70 26.06 -18.66 -0.59
C ILE D 70 26.44 -17.35 -1.25
N THR D 71 27.75 -17.10 -1.27
CA THR D 71 28.34 -16.08 -2.14
C THR D 71 29.40 -16.74 -3.00
N GLY D 72 29.38 -16.49 -4.31
CA GLY D 72 30.35 -17.15 -5.19
C GLY D 72 30.91 -16.40 -6.38
N GLU D 73 31.79 -17.09 -7.14
CA GLU D 73 32.28 -16.60 -8.43
C GLU D 73 31.88 -17.53 -9.54
N VAL D 74 31.39 -16.96 -10.63
CA VAL D 74 30.89 -17.77 -11.74
C VAL D 74 32.08 -18.47 -12.41
N VAL D 75 32.03 -19.79 -12.50
CA VAL D 75 33.11 -20.53 -13.17
C VAL D 75 32.62 -21.19 -14.46
N GLU D 76 31.32 -21.42 -14.55
CA GLU D 76 30.71 -22.02 -15.74
C GLU D 76 29.27 -21.55 -15.88
N ILE D 77 28.84 -21.28 -17.11
CA ILE D 77 27.49 -20.79 -17.37
C ILE D 77 26.78 -21.66 -18.39
N GLY D 78 25.48 -21.87 -18.20
CA GLY D 78 24.69 -22.64 -19.15
C GLY D 78 24.47 -21.85 -20.42
N ARG D 79 24.04 -22.52 -21.48
CA ARG D 79 24.08 -21.92 -22.80
C ARG D 79 23.04 -20.81 -22.94
N GLY D 80 22.04 -20.78 -22.05
CA GLY D 80 20.97 -19.78 -22.15
C GLY D 80 21.10 -18.56 -21.27
N VAL D 81 22.17 -18.48 -20.47
CA VAL D 81 22.40 -17.45 -19.45
C VAL D 81 23.00 -16.20 -20.08
N GLU D 82 22.36 -15.07 -19.88
CA GLU D 82 22.61 -13.91 -20.71
C GLU D 82 23.31 -12.79 -20.01
N THR D 83 23.18 -12.73 -18.69
CA THR D 83 23.68 -11.55 -17.98
C THR D 83 24.83 -11.88 -17.03
N MET D 84 25.21 -13.13 -17.00
CA MET D 84 26.25 -13.57 -16.15
C MET D 84 27.40 -14.01 -17.02
N LYS D 85 28.60 -13.68 -16.56
CA LYS D 85 29.84 -13.98 -17.26
C LYS D 85 30.85 -14.51 -16.25
N ILE D 86 31.82 -15.27 -16.73
CA ILE D 86 32.77 -15.92 -15.85
C ILE D 86 33.65 -14.95 -15.05
N GLY D 87 33.93 -15.31 -13.80
CA GLY D 87 34.63 -14.39 -12.95
C GLY D 87 33.71 -13.50 -12.14
N ASP D 88 32.49 -13.26 -12.63
CA ASP D 88 31.51 -12.46 -11.91
C ASP D 88 31.32 -12.95 -10.46
N LEU D 89 31.29 -11.99 -9.56
CA LEU D 89 31.16 -12.26 -8.16
C LEU D 89 29.73 -11.98 -7.76
N VAL D 90 29.07 -12.95 -7.14
CA VAL D 90 27.61 -12.86 -6.95
C VAL D 90 27.12 -13.30 -5.57
N SER D 91 26.04 -12.67 -5.12
CA SER D 91 25.26 -13.11 -3.95
C SER D 91 24.05 -13.95 -4.40
N VAL D 92 23.83 -15.04 -3.69
CA VAL D 92 22.83 -16.01 -4.09
C VAL D 92 21.70 -15.97 -3.10
N PRO D 93 20.48 -15.61 -3.54
CA PRO D 93 19.39 -15.66 -2.57
C PRO D 93 19.16 -17.13 -2.18
N PHE D 94 18.89 -17.39 -0.90
CA PHE D 94 18.60 -18.76 -0.49
C PHE D 94 17.39 -19.37 -1.17
N ASN D 95 16.43 -18.56 -1.63
CA ASN D 95 15.29 -19.08 -2.38
C ASN D 95 15.73 -19.49 -3.78
N VAL D 96 15.38 -20.73 -4.16
CA VAL D 96 15.45 -21.20 -5.54
C VAL D 96 14.12 -20.76 -6.15
N ALA D 97 14.19 -19.99 -7.24
CA ALA D 97 12.96 -19.45 -7.86
C ALA D 97 13.08 -19.48 -9.36
N CYS D 98 11.95 -19.72 -10.03
CA CYS D 98 11.97 -19.95 -11.47
C CYS D 98 11.94 -18.71 -12.34
N GLY D 99 11.24 -17.67 -11.89
CA GLY D 99 11.25 -16.42 -12.61
C GLY D 99 10.07 -16.30 -13.53
N HIS D 100 9.30 -17.38 -13.69
CA HIS D 100 8.22 -17.31 -14.66
C HIS D 100 6.88 -17.78 -14.18
N CYS D 101 6.79 -18.34 -12.97
CA CYS D 101 5.46 -18.68 -12.44
C CYS D 101 4.77 -17.45 -11.80
N ARG D 102 3.49 -17.61 -11.54
CA ARG D 102 2.68 -16.62 -10.90
C ARG D 102 3.29 -16.00 -9.62
N THR D 103 3.80 -16.81 -8.71
CA THR D 103 4.39 -16.24 -7.48
C THR D 103 5.68 -15.51 -7.74
N CYS D 104 6.54 -16.03 -8.63
CA CYS D 104 7.81 -15.39 -8.94
C CYS D 104 7.58 -14.01 -9.60
N LYS D 105 6.59 -13.92 -10.46
CA LYS D 105 6.32 -12.66 -11.11
C LYS D 105 5.87 -11.60 -10.12
N GLU D 106 5.22 -12.04 -9.04
CA GLU D 106 4.60 -11.10 -8.10
C GLU D 106 5.47 -10.90 -6.91
N GLN D 107 6.74 -11.30 -7.04
CA GLN D 107 7.81 -11.07 -6.05
C GLN D 107 7.71 -11.98 -4.84
N HIS D 108 6.84 -12.99 -4.90
CA HIS D 108 6.70 -13.98 -3.83
C HIS D 108 7.65 -15.12 -4.14
N THR D 109 8.94 -14.81 -4.10
CA THR D 109 9.95 -15.74 -4.63
C THR D 109 10.36 -16.74 -3.56
N GLY D 110 9.76 -16.62 -2.39
CA GLY D 110 9.96 -17.64 -1.40
C GLY D 110 9.05 -18.81 -1.62
N VAL D 111 8.08 -18.66 -2.52
CA VAL D 111 7.08 -19.70 -2.75
C VAL D 111 6.87 -20.00 -4.23
N CYS D 112 7.98 -20.14 -4.96
CA CYS D 112 7.97 -20.53 -6.35
C CYS D 112 7.10 -21.78 -6.60
N LEU D 113 6.26 -21.75 -7.63
CA LEU D 113 5.32 -22.85 -7.89
C LEU D 113 5.88 -23.95 -8.81
N THR D 114 7.08 -23.78 -9.35
CA THR D 114 7.55 -24.81 -10.27
C THR D 114 8.79 -25.59 -9.88
N VAL D 115 9.60 -25.08 -8.95
CA VAL D 115 10.92 -25.70 -8.64
C VAL D 115 10.90 -26.85 -7.64
N ASN D 116 9.72 -27.19 -7.12
CA ASN D 116 9.57 -28.14 -6.02
C ASN D 116 8.28 -28.98 -6.13
N PRO D 117 8.45 -30.29 -6.36
CA PRO D 117 7.25 -31.15 -6.53
C PRO D 117 6.45 -31.33 -5.24
N ALA D 118 7.11 -31.15 -4.10
CA ALA D 118 6.52 -31.38 -2.75
C ALA D 118 5.52 -30.31 -2.30
N ARG D 119 5.81 -29.07 -2.65
CA ARG D 119 5.07 -27.90 -2.19
C ARG D 119 5.65 -26.68 -2.93
N ALA D 120 5.02 -25.54 -2.79
CA ALA D 120 5.59 -24.29 -3.31
C ALA D 120 6.85 -23.93 -2.51
N GLY D 121 7.82 -23.34 -3.20
CA GLY D 121 9.03 -22.83 -2.56
C GLY D 121 10.24 -23.75 -2.69
N GLY D 122 11.39 -23.14 -2.89
CA GLY D 122 12.62 -23.91 -2.98
C GLY D 122 13.74 -23.23 -2.27
N ALA D 123 14.74 -24.01 -1.93
CA ALA D 123 15.92 -23.49 -1.28
C ALA D 123 16.96 -24.57 -1.39
N TYR D 124 18.21 -24.20 -1.15
CA TYR D 124 19.29 -25.15 -1.26
C TYR D 124 19.49 -25.87 0.06
N GLY D 125 19.76 -27.18 0.00
CA GLY D 125 20.07 -28.02 1.15
C GLY D 125 19.11 -27.88 2.31
N TYR D 126 17.81 -27.92 2.02
CA TYR D 126 16.78 -27.52 2.96
C TYR D 126 15.59 -28.46 2.87
N VAL D 127 15.08 -28.95 4.00
CA VAL D 127 13.97 -29.92 4.03
C VAL D 127 12.75 -29.38 3.30
N ASP D 128 12.16 -30.23 2.45
CA ASP D 128 10.89 -29.95 1.74
C ASP D 128 11.03 -28.83 0.71
N MET D 129 12.27 -28.62 0.26
CA MET D 129 12.59 -27.48 -0.56
C MET D 129 13.09 -27.85 -1.96
N GLY D 130 12.74 -29.05 -2.41
CA GLY D 130 12.87 -29.42 -3.80
C GLY D 130 14.12 -30.16 -4.20
N GLY D 131 14.99 -30.49 -3.24
CA GLY D 131 16.16 -31.32 -3.50
C GLY D 131 17.24 -30.58 -4.27
N TRP D 132 17.22 -29.25 -4.19
CA TRP D 132 18.33 -28.49 -4.69
C TRP D 132 19.52 -28.62 -3.74
N VAL D 133 20.72 -28.89 -4.28
CA VAL D 133 21.85 -29.32 -3.45
C VAL D 133 22.41 -28.15 -2.62
N GLY D 134 22.74 -28.38 -1.36
CA GLY D 134 23.24 -27.33 -0.49
C GLY D 134 24.63 -26.81 -0.85
N GLY D 135 25.02 -25.68 -0.26
CA GLY D 135 26.20 -24.97 -0.70
C GLY D 135 27.20 -24.63 0.37
N GLN D 136 27.12 -25.29 1.51
CA GLN D 136 28.26 -25.30 2.43
C GLN D 136 29.29 -26.26 1.82
N ALA D 137 29.97 -25.80 0.78
CA ALA D 137 30.68 -26.67 -0.15
C ALA D 137 31.69 -25.86 -0.98
N GLU D 138 32.52 -26.51 -1.80
CA GLU D 138 33.49 -25.76 -2.57
C GLU D 138 32.90 -25.16 -3.86
N TYR D 139 31.93 -25.88 -4.41
CA TYR D 139 31.28 -25.49 -5.66
C TYR D 139 29.80 -25.78 -5.54
N VAL D 140 28.97 -24.98 -6.21
CA VAL D 140 27.52 -25.19 -6.14
C VAL D 140 26.82 -24.72 -7.41
N LEU D 141 25.69 -25.35 -7.70
CA LEU D 141 24.85 -24.99 -8.84
C LEU D 141 23.79 -23.98 -8.45
N VAL D 142 23.64 -22.92 -9.24
CA VAL D 142 22.50 -22.02 -9.10
C VAL D 142 21.65 -22.05 -10.37
N PRO D 143 20.43 -22.60 -10.30
CA PRO D 143 19.56 -22.56 -11.47
C PRO D 143 18.95 -21.18 -11.61
N TYR D 144 18.49 -20.90 -12.83
CA TYR D 144 17.84 -19.64 -13.14
C TYR D 144 18.73 -18.47 -12.70
N ALA D 145 19.98 -18.55 -13.08
CA ALA D 145 20.95 -17.57 -12.69
C ALA D 145 20.63 -16.11 -13.05
N ASP D 146 20.16 -15.85 -14.27
CA ASP D 146 19.80 -14.47 -14.68
C ASP D 146 18.74 -13.88 -13.72
N PHE D 147 17.76 -14.70 -13.36
CA PHE D 147 16.69 -14.26 -12.46
C PHE D 147 17.14 -14.11 -11.00
N ASN D 148 17.89 -15.07 -10.49
CA ASN D 148 18.17 -15.11 -9.04
C ASN D 148 19.38 -14.31 -8.57
N LEU D 149 20.42 -14.24 -9.37
CA LEU D 149 21.68 -13.74 -8.84
C LEU D 149 21.71 -12.22 -8.67
N LEU D 150 22.42 -11.81 -7.61
CA LEU D 150 22.71 -10.42 -7.35
C LEU D 150 24.18 -10.16 -7.67
N LYS D 151 24.42 -9.39 -8.74
CA LYS D 151 25.78 -9.01 -9.13
C LYS D 151 26.40 -8.11 -8.07
N LEU D 152 27.54 -8.55 -7.52
CA LEU D 152 28.28 -7.77 -6.56
C LEU D 152 29.20 -6.79 -7.30
N PRO D 153 29.61 -5.72 -6.61
CA PRO D 153 30.42 -4.62 -7.15
C PRO D 153 31.85 -5.01 -7.52
N ASN D 154 32.47 -4.25 -8.43
CA ASN D 154 33.77 -4.59 -8.89
C ASN D 154 34.48 -5.26 -7.73
N ARG D 155 35.07 -6.39 -8.05
CA ARG D 155 35.60 -7.36 -7.08
C ARG D 155 36.46 -6.87 -5.90
N GLU D 156 37.26 -5.82 -6.08
CA GLU D 156 38.04 -5.34 -4.95
C GLU D 156 37.12 -4.83 -3.86
N ALA D 157 36.20 -3.98 -4.29
CA ALA D 157 35.34 -3.25 -3.39
C ALA D 157 34.44 -4.26 -2.71
N ALA D 158 34.09 -5.31 -3.45
CA ALA D 158 33.22 -6.32 -2.90
C ALA D 158 33.95 -7.17 -1.86
N MET D 159 35.19 -7.57 -2.19
CA MET D 159 35.98 -8.45 -1.31
C MET D 159 36.33 -7.79 0.00
N GLU D 160 36.50 -6.49 -0.04
CA GLU D 160 36.82 -5.74 1.13
C GLU D 160 35.62 -5.67 2.10
N LYS D 161 34.41 -5.84 1.58
CA LYS D 161 33.23 -5.86 2.45
C LYS D 161 32.53 -7.23 2.44
N ILE D 162 33.32 -8.26 2.13
CA ILE D 162 32.80 -9.61 2.04
C ILE D 162 32.04 -10.10 3.30
N ARG D 163 32.56 -9.76 4.49
CA ARG D 163 31.94 -10.18 5.74
C ARG D 163 30.56 -9.61 5.89
N ASP D 164 30.35 -8.39 5.38
CA ASP D 164 28.99 -7.82 5.33
C ASP D 164 28.10 -8.43 4.23
N LEU D 165 28.61 -8.47 3.00
CA LEU D 165 27.80 -8.90 1.86
C LEU D 165 27.38 -10.35 1.95
N THR D 166 28.10 -11.15 2.71
CA THR D 166 27.73 -12.56 2.85
C THR D 166 26.39 -12.73 3.53
N CYS D 167 25.95 -11.69 4.22
CA CYS D 167 24.64 -11.68 4.86
C CYS D 167 23.45 -11.39 3.91
N LEU D 168 23.73 -11.10 2.66
CA LEU D 168 22.68 -10.74 1.77
C LEU D 168 21.94 -11.97 1.25
N SER D 169 22.56 -13.13 1.39
CA SER D 169 22.01 -14.36 0.83
C SER D 169 20.80 -14.80 1.63
N ASP D 170 20.81 -14.50 2.93
CA ASP D 170 19.75 -14.95 3.80
C ASP D 170 19.40 -13.98 4.93
N ILE D 171 20.30 -13.79 5.88
CA ILE D 171 19.89 -13.26 7.18
C ILE D 171 19.53 -11.78 7.20
N LEU D 172 20.25 -10.96 6.44
CA LEU D 172 19.92 -9.55 6.40
C LEU D 172 18.58 -9.34 5.75
N PRO D 173 18.36 -9.85 4.53
CA PRO D 173 17.00 -9.68 3.93
C PRO D 173 15.86 -10.25 4.79
N THR D 174 16.14 -11.39 5.44
CA THR D 174 15.17 -12.04 6.34
C THR D 174 14.81 -11.13 7.56
N GLY D 175 15.83 -10.59 8.22
CA GLY D 175 15.60 -9.67 9.32
C GLY D 175 14.84 -8.43 8.87
N TYR D 176 15.21 -7.98 7.68
CA TYR D 176 14.58 -6.84 7.04
C TYR D 176 13.10 -7.11 6.72
N HIS D 177 12.81 -8.30 6.17
CA HIS D 177 11.42 -8.70 5.92
C HIS D 177 10.61 -8.68 7.16
N GLY D 178 11.19 -9.13 8.25
CA GLY D 178 10.49 -9.20 9.50
C GLY D 178 10.13 -7.80 9.97
N ALA D 179 11.11 -6.88 9.90
CA ALA D 179 10.89 -5.52 10.32
C ALA D 179 9.89 -4.80 9.43
N VAL D 180 10.05 -4.85 8.12
CA VAL D 180 9.08 -4.13 7.30
C VAL D 180 7.64 -4.68 7.41
N THR D 181 7.46 -5.99 7.54
CA THR D 181 6.12 -6.51 7.64
C THR D 181 5.54 -6.25 9.05
N ALA D 182 6.41 -5.97 10.03
CA ALA D 182 5.95 -5.52 11.37
C ALA D 182 5.68 -4.01 11.39
N GLY D 183 5.94 -3.36 10.26
CA GLY D 183 5.53 -1.98 10.07
C GLY D 183 6.52 -0.96 10.59
N VAL D 184 7.76 -1.39 10.82
CA VAL D 184 8.83 -0.55 11.36
C VAL D 184 9.22 0.60 10.41
N GLY D 185 9.42 1.78 10.97
CA GLY D 185 9.81 2.96 10.21
C GLY D 185 10.43 3.97 11.15
N PRO D 186 10.79 5.15 10.62
CA PRO D 186 11.34 6.24 11.42
C PRO D 186 10.49 6.47 12.67
N GLY D 187 11.13 6.43 13.83
CA GLY D 187 10.44 6.70 15.07
C GLY D 187 9.65 5.55 15.70
N SER D 188 9.73 4.35 15.11
CA SER D 188 8.98 3.21 15.62
C SER D 188 9.65 2.69 16.85
N THR D 189 8.89 2.13 17.80
CA THR D 189 9.49 1.33 18.90
C THR D 189 9.33 -0.12 18.50
N VAL D 190 10.35 -0.91 18.73
CA VAL D 190 10.34 -2.23 18.21
C VAL D 190 10.85 -3.22 19.23
N TYR D 191 10.15 -4.35 19.31
CA TYR D 191 10.62 -5.50 20.05
C TYR D 191 10.94 -6.66 19.14
N ILE D 192 12.10 -7.26 19.36
CA ILE D 192 12.49 -8.43 18.58
C ILE D 192 12.73 -9.61 19.50
N ALA D 193 11.94 -10.68 19.35
CA ALA D 193 12.23 -11.93 20.05
C ALA D 193 13.33 -12.71 19.28
N GLY D 194 14.44 -12.96 19.99
CA GLY D 194 15.53 -13.78 19.46
C GLY D 194 16.76 -12.93 19.21
N ALA D 195 17.86 -13.24 19.88
CA ALA D 195 19.10 -12.52 19.69
C ALA D 195 20.12 -13.41 19.00
N GLY D 196 19.59 -14.39 18.26
CA GLY D 196 20.40 -15.12 17.32
C GLY D 196 20.67 -14.20 16.16
N PRO D 197 21.48 -14.66 15.20
CA PRO D 197 21.86 -13.85 14.05
C PRO D 197 20.69 -13.25 13.28
N VAL D 198 19.59 -14.00 13.14
CA VAL D 198 18.40 -13.46 12.42
C VAL D 198 17.76 -12.29 13.17
N GLY D 199 17.65 -12.46 14.49
CA GLY D 199 17.12 -11.43 15.35
C GLY D 199 18.01 -10.21 15.34
N LEU D 200 19.32 -10.42 15.34
CA LEU D 200 20.23 -9.29 15.29
C LEU D 200 20.14 -8.55 13.95
N ALA D 201 19.85 -9.30 12.89
CA ALA D 201 19.64 -8.68 11.57
C ALA D 201 18.35 -7.89 11.53
N ALA D 202 17.33 -8.40 12.19
CA ALA D 202 16.09 -7.69 12.36
C ALA D 202 16.33 -6.36 13.14
N ALA D 203 17.15 -6.42 14.19
CA ALA D 203 17.44 -5.25 14.98
C ALA D 203 18.20 -4.27 14.13
N ALA D 204 19.19 -4.77 13.37
CA ALA D 204 20.00 -3.92 12.51
C ALA D 204 19.13 -3.23 11.49
N SER D 205 18.15 -3.98 10.99
CA SER D 205 17.21 -3.47 9.97
C SER D 205 16.31 -2.37 10.54
N ALA D 206 15.80 -2.61 11.73
CA ALA D 206 14.97 -1.60 12.35
C ALA D 206 15.80 -0.36 12.58
N ARG D 207 17.07 -0.50 12.97
CA ARG D 207 17.93 0.65 13.16
C ARG D 207 18.01 1.41 11.83
N LEU D 208 18.30 0.68 10.74
CA LEU D 208 18.43 1.24 9.40
C LEU D 208 17.22 2.01 9.01
N LEU D 209 16.07 1.44 9.34
CA LEU D 209 14.78 2.01 9.00
C LEU D 209 14.49 3.28 9.75
N GLY D 210 15.30 3.56 10.76
CA GLY D 210 15.17 4.75 11.60
C GLY D 210 14.31 4.59 12.85
N ALA D 211 14.18 3.37 13.33
CA ALA D 211 13.47 3.13 14.58
C ALA D 211 13.97 4.01 15.73
N ALA D 212 13.03 4.45 16.58
CA ALA D 212 13.34 5.27 17.74
C ALA D 212 14.10 4.45 18.73
N VAL D 213 13.60 3.24 19.02
CA VAL D 213 14.28 2.35 19.97
C VAL D 213 14.00 0.88 19.63
N VAL D 214 15.03 0.05 19.77
CA VAL D 214 14.92 -1.36 19.46
C VAL D 214 15.36 -2.19 20.66
N ILE D 215 14.49 -3.10 21.07
CA ILE D 215 14.68 -3.98 22.19
C ILE D 215 14.72 -5.41 21.70
N VAL D 216 15.77 -6.12 22.10
CA VAL D 216 15.95 -7.51 21.72
C VAL D 216 15.84 -8.42 22.94
N GLY D 217 14.95 -9.42 22.83
CA GLY D 217 14.68 -10.41 23.87
C GLY D 217 15.21 -11.79 23.55
N ASP D 218 15.73 -12.46 24.58
CA ASP D 218 16.26 -13.80 24.47
C ASP D 218 16.29 -14.40 25.88
N VAL D 219 16.35 -15.71 25.93
CA VAL D 219 16.53 -16.41 27.17
C VAL D 219 18.03 -16.64 27.44
N ASN D 220 18.89 -16.39 26.45
CA ASN D 220 20.34 -16.65 26.52
C ASN D 220 21.05 -15.34 26.82
N PRO D 221 21.59 -15.21 28.05
CA PRO D 221 22.19 -13.97 28.50
C PRO D 221 23.47 -13.58 27.77
N THR D 222 24.17 -14.54 27.21
CA THR D 222 25.44 -14.21 26.56
C THR D 222 25.14 -13.57 25.18
N ARG D 223 24.04 -13.98 24.58
CA ARG D 223 23.58 -13.31 23.38
C ARG D 223 23.05 -11.90 23.66
N LEU D 224 22.38 -11.70 24.80
CA LEU D 224 21.89 -10.37 25.17
C LEU D 224 23.04 -9.44 25.48
N ALA D 225 24.08 -9.95 26.13
CA ALA D 225 25.30 -9.16 26.31
C ALA D 225 25.82 -8.65 24.97
N HIS D 226 25.85 -9.51 23.96
CA HIS D 226 26.30 -9.12 22.62
C HIS D 226 25.40 -8.11 21.95
N ALA D 227 24.09 -8.28 22.10
CA ALA D 227 23.15 -7.30 21.56
C ALA D 227 23.36 -5.97 22.21
N LYS D 228 23.61 -5.98 23.52
CA LYS D 228 23.74 -4.73 24.23
C LYS D 228 24.99 -4.01 23.79
N LYS D 229 26.09 -4.73 23.64
CA LYS D 229 27.36 -4.13 23.21
C LYS D 229 27.23 -3.57 21.77
N GLN D 230 26.24 -4.01 21.03
CA GLN D 230 25.96 -3.41 19.73
C GLN D 230 24.98 -2.23 19.80
N GLY D 231 24.64 -1.79 21.02
CA GLY D 231 23.83 -0.56 21.20
C GLY D 231 22.31 -0.76 21.28
N PHE D 232 21.86 -2.01 21.25
CA PHE D 232 20.44 -2.28 21.41
C PHE D 232 20.01 -2.41 22.86
N GLU D 233 18.73 -2.18 23.10
CA GLU D 233 18.12 -2.49 24.37
C GLU D 233 17.84 -3.97 24.42
N ILE D 234 17.65 -4.46 25.63
CA ILE D 234 17.52 -5.89 25.83
C ILE D 234 16.40 -6.19 26.81
N ALA D 235 15.83 -7.39 26.68
CA ALA D 235 14.89 -7.90 27.69
C ALA D 235 15.27 -9.35 27.93
N ASP D 236 15.42 -9.69 29.20
CA ASP D 236 15.93 -11.01 29.56
C ASP D 236 14.80 -11.90 30.02
N LEU D 237 14.46 -12.88 29.20
CA LEU D 237 13.27 -13.68 29.45
C LEU D 237 13.55 -14.83 30.40
N SER D 238 14.81 -15.03 30.72
CA SER D 238 15.14 -16.02 31.72
C SER D 238 14.93 -15.49 33.12
N LYS D 239 14.76 -14.18 33.26
CA LYS D 239 14.40 -13.58 34.55
C LYS D 239 12.92 -13.79 34.80
N ASP D 240 12.50 -13.58 36.04
CA ASP D 240 11.10 -13.75 36.41
C ASP D 240 10.25 -12.50 36.16
N THR D 241 10.91 -11.34 36.05
CA THR D 241 10.26 -10.08 35.66
C THR D 241 9.55 -10.25 34.33
N PRO D 242 8.21 -10.08 34.31
CA PRO D 242 7.42 -10.23 33.08
C PRO D 242 7.91 -9.28 31.97
N LEU D 243 7.80 -9.72 30.72
CA LEU D 243 8.23 -8.93 29.57
C LEU D 243 7.64 -7.54 29.56
N HIS D 244 6.34 -7.41 29.81
CA HIS D 244 5.71 -6.09 29.79
C HIS D 244 6.28 -5.14 30.82
N GLU D 245 6.73 -5.68 31.95
CA GLU D 245 7.41 -4.89 33.01
C GLU D 245 8.80 -4.48 32.62
N GLN D 246 9.50 -5.31 31.86
CA GLN D 246 10.85 -4.91 31.44
C GLN D 246 10.73 -3.84 30.37
N ILE D 247 9.72 -3.99 29.50
CA ILE D 247 9.45 -2.99 28.47
C ILE D 247 9.06 -1.64 29.05
N ALA D 248 8.17 -1.65 30.03
CA ALA D 248 7.75 -0.40 30.66
C ALA D 248 8.93 0.32 31.31
N ALA D 249 9.84 -0.44 31.92
CA ALA D 249 11.00 0.17 32.57
C ALA D 249 11.88 0.88 31.56
N LEU D 250 11.86 0.41 30.29
CA LEU D 250 12.60 1.05 29.19
C LEU D 250 11.84 2.17 28.51
N LEU D 251 10.54 1.99 28.32
CA LEU D 251 9.74 2.89 27.45
C LEU D 251 8.78 3.80 28.20
N GLY D 252 8.38 3.37 29.39
CA GLY D 252 7.39 4.07 30.17
C GLY D 252 5.99 3.65 29.82
N GLU D 253 5.87 2.51 29.16
CA GLU D 253 4.58 1.93 28.89
C GLU D 253 4.86 0.52 28.49
N PRO D 254 3.86 -0.36 28.59
CA PRO D 254 4.18 -1.76 28.39
C PRO D 254 3.99 -2.25 26.98
N GLU D 255 4.06 -1.36 26.00
CA GLU D 255 3.69 -1.67 24.60
C GLU D 255 4.83 -1.26 23.68
N VAL D 256 5.05 -2.01 22.62
CA VAL D 256 5.80 -1.50 21.47
C VAL D 256 4.90 -1.26 20.27
N ASP D 257 5.39 -0.47 19.29
CA ASP D 257 4.63 -0.23 18.04
C ASP D 257 4.66 -1.45 17.13
N CYS D 258 5.81 -2.14 17.09
CA CYS D 258 6.14 -3.24 16.16
C CYS D 258 6.84 -4.39 16.86
N ALA D 259 6.48 -5.62 16.50
CA ALA D 259 7.14 -6.80 17.04
C ALA D 259 7.55 -7.81 15.95
N VAL D 260 8.72 -8.42 16.13
CA VAL D 260 9.23 -9.43 15.20
C VAL D 260 9.56 -10.74 15.96
N ASP D 261 9.10 -11.88 15.43
CA ASP D 261 9.36 -13.22 15.99
C ASP D 261 10.52 -13.79 15.23
N ALA D 262 11.70 -13.67 15.79
CA ALA D 262 12.85 -14.26 15.13
C ALA D 262 13.29 -15.51 15.91
N VAL D 263 12.34 -16.27 16.44
CA VAL D 263 12.70 -17.46 17.20
C VAL D 263 12.26 -18.72 16.48
N GLY D 264 10.98 -18.80 16.13
CA GLY D 264 10.46 -20.01 15.55
C GLY D 264 10.17 -21.12 16.52
N PHE D 265 10.04 -22.33 15.98
CA PHE D 265 9.34 -23.43 16.67
C PHE D 265 10.07 -24.13 17.83
N GLU D 266 11.32 -23.74 18.10
CA GLU D 266 12.07 -24.30 19.23
C GLU D 266 12.00 -23.38 20.42
N ALA D 267 11.00 -22.50 20.40
CA ALA D 267 10.81 -21.50 21.44
C ALA D 267 10.82 -22.10 22.85
N ARG D 268 11.54 -21.43 23.76
CA ARG D 268 11.49 -21.71 25.21
C ARG D 268 10.40 -20.87 25.90
N GLY D 269 9.94 -21.33 27.07
CA GLY D 269 9.02 -20.55 27.89
C GLY D 269 9.77 -19.42 28.58
N HIS D 270 9.07 -18.64 29.40
CA HIS D 270 9.68 -17.50 30.10
C HIS D 270 9.83 -17.80 31.56
N GLY D 271 10.81 -17.17 32.19
CA GLY D 271 11.04 -17.32 33.63
C GLY D 271 12.21 -18.24 33.95
N HIS D 272 12.64 -18.25 35.22
CA HIS D 272 13.82 -19.03 35.62
C HIS D 272 13.67 -20.45 35.23
N SER D 273 12.56 -21.06 35.59
CA SER D 273 12.31 -22.43 35.18
C SER D 273 11.63 -22.58 33.79
N GLY D 274 10.64 -21.73 33.49
CA GLY D 274 10.00 -21.74 32.17
C GLY D 274 10.97 -21.78 30.98
N SER D 275 12.05 -20.99 31.08
CA SER D 275 13.04 -20.86 29.99
C SER D 275 13.90 -22.10 29.76
N GLN D 276 13.88 -23.02 30.73
CA GLN D 276 14.66 -24.25 30.64
C GLN D 276 13.87 -25.30 29.87
N GLN D 277 12.63 -24.96 29.49
CA GLN D 277 11.75 -25.91 28.83
C GLN D 277 11.24 -25.36 27.53
N GLU D 278 11.09 -26.26 26.55
CA GLU D 278 10.50 -25.95 25.25
C GLU D 278 8.99 -25.72 25.34
N ALA D 279 8.51 -24.64 24.74
CA ALA D 279 7.07 -24.32 24.67
C ALA D 279 6.86 -23.50 23.42
N PRO D 280 6.54 -24.17 22.30
CA PRO D 280 6.60 -23.59 20.95
C PRO D 280 5.72 -22.39 20.66
N ALA D 281 4.63 -22.20 21.42
CA ALA D 281 3.72 -21.07 21.21
C ALA D 281 4.12 -19.81 21.97
N THR D 282 5.16 -19.92 22.81
CA THR D 282 5.46 -18.87 23.77
C THR D 282 5.72 -17.50 23.14
N VAL D 283 6.53 -17.44 22.08
CA VAL D 283 6.82 -16.17 21.41
C VAL D 283 5.55 -15.51 20.86
N LEU D 284 4.76 -16.26 20.09
CA LEU D 284 3.59 -15.67 19.47
C LEU D 284 2.68 -15.09 20.54
N ASN D 285 2.51 -15.84 21.63
CA ASN D 285 1.64 -15.38 22.70
C ASN D 285 2.16 -14.11 23.37
N SER D 286 3.46 -14.09 23.60
CA SER D 286 4.09 -12.93 24.17
C SER D 286 4.02 -11.66 23.29
N LEU D 287 4.18 -11.84 21.99
CA LEU D 287 4.10 -10.70 21.06
C LEU D 287 2.71 -10.05 21.00
N MET D 288 1.66 -10.86 21.07
CA MET D 288 0.32 -10.30 21.12
C MET D 288 0.11 -9.48 22.41
N GLY D 289 0.83 -9.88 23.46
CA GLY D 289 0.74 -9.27 24.77
C GLY D 289 1.33 -7.87 24.77
N ILE D 290 2.47 -7.69 24.09
CA ILE D 290 3.14 -6.40 24.13
C ILE D 290 3.01 -5.50 22.91
N THR D 291 2.35 -5.97 21.86
CA THR D 291 2.18 -5.10 20.73
C THR D 291 0.95 -4.29 20.93
N ARG D 292 1.03 -3.00 20.64
CA ARG D 292 -0.12 -2.13 20.75
C ARG D 292 -1.25 -2.44 19.74
N VAL D 293 -2.47 -2.01 20.08
CA VAL D 293 -3.62 -2.29 19.23
C VAL D 293 -3.41 -1.81 17.81
N ALA D 294 -3.96 -2.56 16.86
CA ALA D 294 -3.79 -2.29 15.42
C ALA D 294 -2.34 -2.49 14.93
N GLY D 295 -1.44 -2.89 15.83
CA GLY D 295 -0.06 -3.18 15.42
C GLY D 295 0.12 -4.40 14.49
N LYS D 296 1.35 -4.56 13.97
CA LYS D 296 1.64 -5.66 13.05
C LYS D 296 2.74 -6.55 13.65
N ILE D 297 2.59 -7.86 13.46
CA ILE D 297 3.56 -8.82 13.98
C ILE D 297 4.27 -9.55 12.85
N GLY D 298 5.57 -9.34 12.73
CA GLY D 298 6.37 -9.95 11.66
C GLY D 298 6.90 -11.27 12.16
N ILE D 299 6.74 -12.33 11.38
CA ILE D 299 7.22 -13.63 11.85
C ILE D 299 8.20 -14.29 10.88
N PRO D 300 9.47 -13.81 10.89
CA PRO D 300 10.48 -14.47 10.04
C PRO D 300 10.91 -15.83 10.58
N GLY D 301 10.83 -16.02 11.90
CA GLY D 301 11.26 -17.26 12.54
C GLY D 301 10.56 -18.48 11.98
N LEU D 302 11.28 -19.59 11.87
CA LEU D 302 10.74 -20.76 11.21
C LEU D 302 9.69 -21.55 12.03
N TYR D 303 8.55 -21.86 11.41
CA TYR D 303 7.54 -22.81 11.93
C TYR D 303 7.19 -23.85 10.86
N VAL D 304 7.02 -25.10 11.28
CA VAL D 304 6.94 -26.23 10.38
C VAL D 304 5.63 -26.99 10.48
N THR D 305 5.30 -27.68 9.40
CA THR D 305 4.11 -28.51 9.37
C THR D 305 4.32 -29.86 10.09
N GLU D 306 5.59 -30.21 10.32
CA GLU D 306 5.93 -31.44 11.04
C GLU D 306 7.22 -31.31 11.85
N ASP D 307 7.13 -31.51 13.17
CA ASP D 307 8.31 -31.51 14.04
C ASP D 307 8.40 -32.83 14.80
N PRO D 308 9.32 -33.72 14.38
CA PRO D 308 9.44 -35.05 15.00
C PRO D 308 9.71 -35.01 16.50
N GLY D 309 10.45 -34.00 16.96
CA GLY D 309 10.83 -33.96 18.36
C GLY D 309 10.05 -32.99 19.23
N ALA D 310 8.86 -32.60 18.78
CA ALA D 310 8.06 -31.60 19.49
C ALA D 310 7.56 -32.04 20.86
N VAL D 311 7.08 -31.09 21.65
CA VAL D 311 6.68 -31.33 23.04
C VAL D 311 5.37 -32.12 23.23
N ASP D 312 4.54 -32.14 22.22
CA ASP D 312 3.21 -32.66 22.40
C ASP D 312 2.72 -33.18 21.05
N ALA D 313 1.64 -33.96 21.06
CA ALA D 313 1.07 -34.48 19.81
C ALA D 313 0.70 -33.35 18.83
N ALA D 314 0.07 -32.30 19.36
CA ALA D 314 -0.36 -31.18 18.53
C ALA D 314 0.83 -30.47 17.87
N ALA D 315 1.89 -30.22 18.64
CA ALA D 315 3.07 -29.53 18.12
C ALA D 315 3.82 -30.34 17.07
N LYS D 316 3.70 -31.67 17.12
CA LYS D 316 4.35 -32.53 16.13
C LYS D 316 3.80 -32.26 14.73
N HIS D 317 2.60 -31.69 14.68
CA HIS D 317 1.90 -31.35 13.45
C HIS D 317 1.80 -29.90 13.18
N GLY D 318 2.60 -29.12 13.88
CA GLY D 318 2.62 -27.67 13.69
C GLY D 318 1.44 -26.93 14.28
N ALA D 319 0.72 -27.58 15.19
CA ALA D 319 -0.38 -26.94 15.88
C ALA D 319 0.09 -26.40 17.23
N LEU D 320 -0.15 -25.14 17.47
CA LEU D 320 0.30 -24.51 18.70
C LEU D 320 -0.90 -23.98 19.47
N SER D 321 -0.82 -24.00 20.79
CA SER D 321 -1.87 -23.37 21.60
C SER D 321 -1.62 -21.85 21.63
N ILE D 322 -2.25 -21.16 20.69
CA ILE D 322 -2.04 -19.72 20.49
C ILE D 322 -3.20 -18.94 21.08
N ARG D 323 -2.90 -17.91 21.85
CA ARG D 323 -3.96 -17.08 22.44
C ARG D 323 -4.56 -16.08 21.45
N PHE D 324 -5.23 -16.63 20.45
CA PHE D 324 -5.67 -15.85 19.30
C PHE D 324 -6.68 -14.79 19.64
N GLY D 325 -7.51 -15.09 20.61
CA GLY D 325 -8.55 -14.17 21.02
C GLY D 325 -7.99 -12.86 21.50
N LEU D 326 -6.78 -12.88 22.07
CA LEU D 326 -6.10 -11.68 22.52
C LEU D 326 -5.68 -10.83 21.36
N GLY D 327 -5.00 -11.44 20.38
CA GLY D 327 -4.57 -10.71 19.21
C GLY D 327 -5.78 -10.22 18.44
N TRP D 328 -6.85 -11.00 18.43
CA TRP D 328 -7.99 -10.58 17.67
C TRP D 328 -8.55 -9.35 18.34
N ALA D 329 -8.66 -9.38 19.66
CA ALA D 329 -9.22 -8.24 20.37
C ALA D 329 -8.35 -6.98 20.29
N LYS D 330 -7.10 -7.15 19.90
CA LYS D 330 -6.20 -6.01 19.72
C LYS D 330 -6.07 -5.61 18.25
N SER D 331 -6.86 -6.24 17.39
CA SER D 331 -6.80 -6.03 15.94
C SER D 331 -5.39 -6.24 15.39
N HIS D 332 -4.72 -7.29 15.83
CA HIS D 332 -3.39 -7.54 15.30
C HIS D 332 -3.42 -8.13 13.93
N SER D 333 -2.37 -7.85 13.14
CA SER D 333 -2.18 -8.55 11.88
C SER D 333 -0.88 -9.35 12.01
N PHE D 334 -0.80 -10.46 11.28
CA PHE D 334 0.26 -11.46 11.42
C PHE D 334 0.84 -11.75 10.08
N HIS D 335 2.15 -11.66 9.95
CA HIS D 335 2.80 -11.88 8.64
C HIS D 335 3.83 -12.94 8.75
N THR D 336 3.85 -13.91 7.84
CA THR D 336 4.67 -15.13 8.00
C THR D 336 5.39 -15.57 6.76
N GLY D 337 6.37 -16.47 6.93
CA GLY D 337 6.87 -17.29 5.83
C GLY D 337 8.29 -17.01 5.38
N GLN D 338 8.74 -17.82 4.42
CA GLN D 338 10.06 -17.76 3.85
C GLN D 338 10.23 -16.41 3.13
N THR D 339 11.32 -15.72 3.46
CA THR D 339 11.63 -14.40 2.94
C THR D 339 11.81 -14.41 1.44
N PRO D 340 11.16 -13.43 0.74
CA PRO D 340 11.47 -13.20 -0.67
C PRO D 340 12.76 -12.38 -0.76
N VAL D 341 13.92 -13.05 -0.66
CA VAL D 341 15.23 -12.40 -0.56
C VAL D 341 15.50 -11.39 -1.67
N MET D 342 15.20 -11.75 -2.92
CA MET D 342 15.32 -10.82 -4.09
C MET D 342 14.58 -9.49 -3.99
N LYS D 343 13.49 -9.44 -3.22
CA LYS D 343 12.73 -8.23 -3.17
C LYS D 343 13.52 -7.10 -2.44
N TYR D 344 14.47 -7.48 -1.58
CA TYR D 344 15.23 -6.51 -0.77
C TYR D 344 16.74 -6.49 -0.92
N ASN D 345 17.30 -7.57 -1.43
CA ASN D 345 18.76 -7.71 -1.45
C ASN D 345 19.54 -6.59 -2.19
N ARG D 346 18.97 -6.05 -3.27
CA ARG D 346 19.63 -4.97 -4.01
C ARG D 346 19.80 -3.72 -3.14
N GLN D 347 18.68 -3.25 -2.58
CA GLN D 347 18.76 -2.04 -1.79
C GLN D 347 19.55 -2.29 -0.50
N LEU D 348 19.56 -3.51 0.01
CA LEU D 348 20.42 -3.78 1.16
C LEU D 348 21.91 -3.74 0.82
N MET D 349 22.27 -4.22 -0.36
CA MET D 349 23.64 -4.14 -0.83
C MET D 349 24.06 -2.68 -0.93
N GLN D 350 23.18 -1.84 -1.47
CA GLN D 350 23.44 -0.38 -1.57
C GLN D 350 23.78 0.16 -0.21
N ALA D 351 22.92 -0.16 0.75
CA ALA D 351 23.10 0.30 2.12
C ALA D 351 24.44 -0.17 2.72
N ILE D 352 24.81 -1.41 2.42
CA ILE D 352 26.06 -1.92 2.88
C ILE D 352 27.23 -1.18 2.24
N MET D 353 27.20 -1.01 0.91
CA MET D 353 28.31 -0.37 0.21
C MET D 353 28.50 1.10 0.59
N TRP D 354 27.44 1.73 1.09
CA TRP D 354 27.50 3.13 1.51
C TRP D 354 27.60 3.28 3.01
N ASP D 355 27.99 2.21 3.70
CA ASP D 355 28.20 2.21 5.17
C ASP D 355 27.07 2.67 6.02
N ARG D 356 25.85 2.35 5.61
CA ARG D 356 24.70 2.70 6.39
C ARG D 356 24.35 1.57 7.36
N ILE D 357 24.99 0.42 7.19
CA ILE D 357 24.70 -0.69 8.07
C ILE D 357 25.89 -1.58 8.28
N LYS D 358 26.26 -1.78 9.52
CA LYS D 358 27.42 -2.60 9.80
C LYS D 358 26.97 -3.95 10.27
N ILE D 359 26.40 -4.71 9.33
CA ILE D 359 25.76 -5.97 9.65
C ILE D 359 26.72 -7.02 10.24
N ALA D 360 27.94 -7.10 9.72
CA ALA D 360 28.85 -8.13 10.15
C ALA D 360 29.21 -7.96 11.61
N ASP D 361 29.47 -6.71 12.01
CA ASP D 361 29.69 -6.45 13.41
C ASP D 361 28.48 -6.77 14.25
N ILE D 362 27.30 -6.42 13.77
CA ILE D 362 26.09 -6.59 14.57
C ILE D 362 25.76 -8.05 14.82
N VAL D 363 25.87 -8.88 13.78
CA VAL D 363 25.58 -10.31 13.94
C VAL D 363 26.76 -11.13 14.50
N GLY D 364 27.95 -10.53 14.58
CA GLY D 364 29.13 -11.24 15.11
C GLY D 364 29.72 -12.27 14.17
N VAL D 365 29.97 -11.85 12.94
CA VAL D 365 30.46 -12.74 11.89
C VAL D 365 31.82 -13.30 12.28
N GLU D 366 31.99 -14.61 12.14
CA GLU D 366 33.30 -15.24 12.36
C GLU D 366 33.71 -16.15 11.23
N VAL D 367 34.86 -15.89 10.62
CA VAL D 367 35.25 -16.64 9.42
C VAL D 367 35.99 -17.92 9.74
N ILE D 368 35.53 -19.04 9.18
CA ILE D 368 36.12 -20.36 9.44
C ILE D 368 36.46 -21.15 8.21
N THR D 369 37.26 -22.19 8.37
CA THR D 369 37.69 -23.07 7.27
C THR D 369 36.59 -24.09 7.12
N LEU D 370 36.52 -24.73 5.96
CA LEU D 370 35.50 -25.73 5.75
C LEU D 370 35.66 -26.91 6.71
N ASP D 371 36.90 -27.31 6.97
CA ASP D 371 37.17 -28.39 7.95
C ASP D 371 36.70 -28.08 9.35
N ASP D 372 36.59 -26.80 9.68
CA ASP D 372 36.11 -26.39 11.00
C ASP D 372 34.58 -26.30 11.10
N ALA D 373 33.88 -26.56 10.02
CA ALA D 373 32.43 -26.50 10.02
C ALA D 373 31.75 -27.31 11.14
N PRO D 374 32.14 -28.59 11.32
CA PRO D 374 31.44 -29.37 12.36
C PRO D 374 31.63 -28.75 13.73
N LYS D 375 32.83 -28.25 13.98
CA LYS D 375 33.14 -27.58 15.23
C LYS D 375 32.28 -26.32 15.41
N GLY D 376 32.13 -25.54 14.34
CA GLY D 376 31.28 -24.35 14.31
C GLY D 376 29.81 -24.61 14.62
N TYR D 377 29.27 -25.68 14.05
CA TYR D 377 27.90 -26.10 14.35
C TYR D 377 27.76 -26.39 15.83
N GLY D 378 28.75 -27.06 16.42
CA GLY D 378 28.74 -27.37 17.85
C GLY D 378 28.63 -26.12 18.69
N GLU D 379 29.49 -25.16 18.39
CA GLU D 379 29.56 -23.87 19.08
C GLU D 379 28.25 -23.09 18.91
N PHE D 380 27.76 -22.99 17.67
CA PHE D 380 26.52 -22.30 17.38
C PHE D 380 25.31 -22.92 18.11
N ASP D 381 25.21 -24.24 18.03
CA ASP D 381 24.23 -25.00 18.80
C ASP D 381 24.33 -24.77 20.33
N ALA D 382 25.55 -24.63 20.86
CA ALA D 382 25.71 -24.33 22.29
C ALA D 382 25.31 -22.88 22.64
N GLY D 383 25.05 -22.04 21.63
CA GLY D 383 24.50 -20.69 21.86
C GLY D 383 25.50 -19.55 21.88
N VAL D 384 26.69 -19.75 21.29
CA VAL D 384 27.69 -18.67 21.28
C VAL D 384 27.14 -17.53 20.43
N PRO D 385 27.41 -16.26 20.83
CA PRO D 385 26.91 -15.11 20.07
C PRO D 385 27.70 -14.83 18.79
N LYS D 386 27.62 -15.76 17.84
CA LYS D 386 28.34 -15.65 16.57
C LYS D 386 27.49 -16.00 15.32
N LYS D 387 27.94 -15.53 14.17
CA LYS D 387 27.46 -16.01 12.89
C LYS D 387 28.64 -16.67 12.15
N PHE D 388 28.60 -17.98 11.97
CA PHE D 388 29.70 -18.64 11.29
C PHE D 388 29.71 -18.55 9.77
N VAL D 389 30.77 -17.96 9.23
CA VAL D 389 30.94 -17.85 7.78
C VAL D 389 32.12 -18.71 7.31
N ILE D 390 31.81 -19.72 6.49
CA ILE D 390 32.84 -20.61 5.93
C ILE D 390 33.49 -20.00 4.69
N ASP D 391 34.81 -20.03 4.67
CA ASP D 391 35.60 -19.61 3.54
C ASP D 391 36.25 -20.88 2.96
N PRO D 392 35.55 -21.61 2.08
CA PRO D 392 36.07 -22.95 1.75
C PRO D 392 37.37 -23.01 0.91
N HIS D 393 37.69 -21.95 0.16
CA HIS D 393 38.92 -21.91 -0.66
C HIS D 393 39.92 -20.96 -0.12
N ASN D 394 39.76 -20.59 1.14
CA ASN D 394 40.67 -19.68 1.82
C ASN D 394 40.95 -18.39 1.02
N LEU D 395 39.90 -17.88 0.39
CA LEU D 395 39.89 -16.69 -0.46
C LEU D 395 40.08 -15.31 0.16
N PHE D 396 39.71 -15.13 1.44
CA PHE D 396 39.79 -13.80 2.10
C PHE D 396 40.16 -13.87 3.59
N ARG D 397 40.08 -15.06 4.18
CA ARG D 397 40.26 -15.21 5.65
C ARG D 397 41.57 -14.63 6.20
ZN ZN E . -11.85 18.76 8.20
ZN ZN F . 5.68 26.87 6.05
PA NAD G . 13.35 28.51 0.51
O1A NAD G . 14.10 29.00 1.68
O2A NAD G . 12.63 29.38 -0.43
O5B NAD G . 14.43 27.78 -0.40
C5B NAD G . 14.11 27.34 -1.68
C4B NAD G . 15.49 27.02 -2.17
O4B NAD G . 15.49 26.56 -3.51
C3B NAD G . 16.37 28.25 -2.17
O3B NAD G . 17.60 27.82 -1.64
C2B NAD G . 16.59 28.54 -3.63
O2B NAD G . 17.86 29.13 -3.83
C1B NAD G . 16.60 27.14 -4.19
N9A NAD G . 16.35 27.05 -5.64
C8A NAD G . 15.78 27.96 -6.45
N7A NAD G . 15.71 27.49 -7.72
C5A NAD G . 16.23 26.28 -7.68
C6A NAD G . 16.46 25.23 -8.64
N6A NAD G . 16.09 25.43 -9.90
N1A NAD G . 17.00 24.08 -8.25
C2A NAD G . 17.35 23.88 -7.00
N3A NAD G . 17.19 24.80 -6.05
C4A NAD G . 16.65 25.99 -6.33
O3 NAD G . 12.27 27.42 0.90
PN NAD G . 12.08 26.56 2.22
O1N NAD G . 11.32 27.27 3.27
O2N NAD G . 13.28 25.77 2.51
O5D NAD G . 11.06 25.62 1.54
C5D NAD G . 11.08 25.54 0.15
C4D NAD G . 9.64 25.46 -0.43
O4D NAD G . 8.70 24.62 0.25
C3D NAD G . 8.96 26.79 -0.56
O3D NAD G . 8.41 26.81 -1.88
C2D NAD G . 7.83 26.70 0.43
O2D NAD G . 6.85 27.57 -0.06
C1D NAD G . 7.44 25.27 0.22
N1N NAD G . 6.79 24.66 1.35
C2N NAD G . 5.83 23.74 1.17
C3N NAD G . 5.23 23.11 2.26
C7N NAD G . 4.15 22.05 2.08
O7N NAD G . 3.14 21.95 2.77
N7N NAD G . 4.37 21.15 1.12
C4N NAD G . 5.68 23.45 3.54
C5N NAD G . 6.68 24.38 3.69
C6N NAD G . 7.24 24.99 2.57
S SO4 H . 19.92 19.41 -16.36
O1 SO4 H . 19.02 19.74 -17.48
O2 SO4 H . 20.89 20.52 -16.12
O3 SO4 H . 19.05 19.20 -15.17
O4 SO4 H . 20.68 18.16 -16.65
ZN ZN I . 13.73 -6.74 -18.20
ZN ZN J . -1.81 -0.50 -27.69
PA NAD K . -8.36 6.51 -29.62
O1A NAD K . -9.41 5.89 -30.48
O2A NAD K . -7.45 7.53 -30.17
O5B NAD K . -9.05 7.18 -28.37
C5B NAD K . -8.94 8.59 -28.24
C4B NAD K . -10.32 9.19 -28.10
O4B NAD K . -10.30 10.38 -27.31
C3B NAD K . -10.94 9.56 -29.44
O3B NAD K . -12.23 8.97 -29.40
C2B NAD K . -11.11 11.07 -29.41
O2B NAD K . -12.37 11.39 -29.90
C1B NAD K . -11.17 11.33 -27.93
N9A NAD K . -10.79 12.67 -27.44
C8A NAD K . -10.02 13.57 -28.03
N7A NAD K . -9.90 14.69 -27.26
C5A NAD K . -10.61 14.48 -26.15
C6A NAD K . -10.90 15.19 -24.94
N6A NAD K . -10.44 16.41 -24.70
N1A NAD K . -11.68 14.63 -24.03
C2A NAD K . -12.17 13.42 -24.22
N3A NAD K . -11.94 12.70 -25.30
C4A NAD K . -11.18 13.15 -26.28
O3 NAD K . -7.33 5.45 -29.13
PN NAD K . -7.54 4.36 -28.03
O1N NAD K . -7.25 3.00 -28.53
O2N NAD K . -8.79 4.63 -27.27
O5D NAD K . -6.26 4.75 -27.24
C5D NAD K . -6.56 5.48 -26.12
C4D NAD K . -5.38 6.36 -25.87
O4D NAD K . -4.65 5.62 -24.94
C3D NAD K . -4.46 6.50 -27.02
O3D NAD K . -3.70 7.65 -26.66
C2D NAD K . -3.54 5.33 -26.87
O2D NAD K . -2.30 5.66 -27.44
C1D NAD K . -3.35 5.40 -25.41
N1N NAD K . -2.86 4.13 -24.97
C2N NAD K . -1.98 4.04 -23.96
C3N NAD K . -1.51 2.79 -23.53
C7N NAD K . -0.57 2.61 -22.36
O7N NAD K . -0.07 1.50 -22.17
N7N NAD K . -0.36 3.61 -21.50
C4N NAD K . -1.97 1.65 -24.18
C5N NAD K . -2.88 1.81 -25.22
C6N NAD K . -3.30 3.05 -25.62
S SO4 L . -14.18 22.55 -19.00
O1 SO4 L . -13.80 23.95 -19.30
O2 SO4 L . -12.99 21.73 -18.70
O3 SO4 L . -15.08 22.53 -17.81
O4 SO4 L . -14.89 22.02 -20.20
S SO4 M . -25.04 23.06 -26.97
O1 SO4 M . -23.82 23.85 -26.76
O2 SO4 M . -25.51 22.54 -25.67
O3 SO4 M . -26.05 23.94 -27.58
O4 SO4 M . -24.73 21.93 -27.90
ZN ZN N . -10.32 7.66 19.97
ZN ZN O . -22.50 -6.61 15.10
PA NAD P . -23.99 -15.99 12.72
O1A NAD P . -25.39 -16.23 12.26
O2A NAD P . -23.41 -16.47 13.97
O5B NAD P . -23.16 -16.59 11.53
C5B NAD P . -22.24 -17.56 11.91
C4B NAD P . -22.41 -18.67 10.91
O4B NAD P . -21.28 -19.50 10.93
C3B NAD P . -23.60 -19.53 11.28
O3B NAD P . -24.42 -19.70 10.12
C2B NAD P . -22.99 -20.86 11.65
O2B NAD P . -23.90 -21.84 11.17
C1B NAD P . -21.80 -20.81 10.72
N9A NAD P . -20.75 -21.81 10.92
C8A NAD P . -20.49 -22.48 12.03
N7A NAD P . -19.43 -23.28 11.88
C5A NAD P . -19.00 -23.10 10.64
C6A NAD P . -17.90 -23.62 9.85
N6A NAD P . -17.10 -24.52 10.40
N1A NAD P . -17.75 -23.21 8.60
C2A NAD P . -18.60 -22.32 8.11
N3A NAD P . -19.61 -21.79 8.79
C4A NAD P . -19.87 -22.14 10.03
O3 NAD P . -23.72 -14.43 12.88
PN NAD P . -23.12 -13.45 11.80
O1N NAD P . -23.76 -12.16 11.82
O2N NAD P . -22.51 -14.00 10.56
O5D NAD P . -21.93 -13.09 12.68
C5D NAD P . -20.76 -13.39 11.99
C4D NAD P . -19.64 -13.60 12.96
O4D NAD P . -18.81 -12.47 12.81
C3D NAD P . -20.11 -13.58 14.38
O3D NAD P . -19.19 -14.38 15.11
C2D NAD P . -19.83 -12.17 14.80
O2D NAD P . -19.46 -12.17 16.13
C1D NAD P . -18.59 -11.87 14.05
N1N NAD P . -18.63 -10.47 13.87
C2N NAD P . -17.50 -9.78 13.73
C3N NAD P . -17.56 -8.39 13.52
C7N NAD P . -16.37 -7.49 13.31
O7N NAD P . -16.60 -6.29 13.19
N7N NAD P . -15.14 -7.97 13.22
C4N NAD P . -18.80 -7.77 13.49
C5N NAD P . -19.92 -8.54 13.66
C6N NAD P . -19.83 -9.90 13.86
S SO4 Q . -11.77 -29.87 5.53
O1 SO4 Q . -11.36 -30.03 4.10
O2 SO4 Q . -11.55 -28.45 5.93
O3 SO4 Q . -13.18 -30.31 5.68
O4 SO4 Q . -10.93 -30.73 6.42
S SO4 R . -23.27 -36.76 1.93
O1 SO4 R . -23.30 -35.97 0.69
O2 SO4 R . -21.87 -36.83 2.46
O3 SO4 R . -24.21 -36.18 2.93
O4 SO4 R . -23.75 -38.12 1.57
ZN ZN S . 8.61 -19.69 -9.91
ZN ZN T . 18.89 -19.53 6.73
PA NAD U . 19.14 -19.17 16.46
O1A NAD U . 20.56 -18.71 16.52
O2A NAD U . 18.77 -20.57 16.74
O5B NAD U . 18.57 -18.31 17.68
C5B NAD U . 17.22 -18.33 18.04
C4B NAD U . 17.17 -17.66 19.38
O4B NAD U . 15.87 -17.76 19.88
C3B NAD U . 18.07 -18.31 20.42
O3B NAD U . 18.98 -17.34 20.91
C2B NAD U . 17.19 -18.66 21.60
O2B NAD U . 17.88 -18.24 22.75
C1B NAD U . 16.07 -17.72 21.29
N9A NAD U . 14.85 -18.04 22.00
C8A NAD U . 14.29 -19.22 22.22
N7A NAD U . 13.14 -19.07 22.88
C5A NAD U . 12.98 -17.78 23.07
C6A NAD U . 12.00 -16.92 23.69
N6A NAD U . 10.92 -17.43 24.29
N1A NAD U . 12.23 -15.60 23.65
C2A NAD U . 13.30 -15.05 23.08
N3A NAD U . 14.23 -15.80 22.50
C4A NAD U . 14.11 -17.11 22.49
O3 NAD U . 18.34 -18.77 15.14
PN NAD U . 18.67 -17.67 14.00
O1N NAD U . 19.88 -18.02 13.23
O2N NAD U . 18.33 -16.26 14.34
O5D NAD U . 17.42 -18.08 13.14
C5D NAD U . 16.26 -17.74 13.83
C4D NAD U . 15.03 -18.33 13.19
O4D NAD U . 14.71 -17.74 11.92
C3D NAD U . 15.24 -19.79 12.94
O3D NAD U . 14.10 -20.52 13.42
C2D NAD U . 15.36 -19.86 11.44
O2D NAD U . 14.94 -21.15 11.08
C1D NAD U . 14.40 -18.78 11.01
N1N NAD U . 14.73 -18.31 9.69
C2N NAD U . 13.77 -17.92 8.85
C3N NAD U . 14.15 -17.45 7.61
C7N NAD U . 13.13 -16.95 6.66
O7N NAD U . 13.32 -16.98 5.45
N7N NAD U . 12.03 -16.44 7.21
C4N NAD U . 15.47 -17.42 7.22
C5N NAD U . 16.42 -17.85 8.10
C6N NAD U . 16.01 -18.29 9.33
S SO4 V . 5.00 -11.90 30.00
O1 SO4 V . 4.79 -10.43 30.09
O2 SO4 V . 6.27 -12.32 30.66
O3 SO4 V . 3.89 -12.58 30.71
O4 SO4 V . 5.05 -12.33 28.58
#